data_5LFH
# 
_entry.id   5LFH 
# 
_audit_conform.dict_name       mmcif_pdbx.dic 
_audit_conform.dict_version    5.397 
_audit_conform.dict_location   http://mmcif.pdb.org/dictionaries/ascii/mmcif_pdbx.dic 
# 
loop_
_database_2.database_id 
_database_2.database_code 
_database_2.pdbx_database_accession 
_database_2.pdbx_DOI 
PDB   5LFH         pdb_00005lfh 10.2210/pdb5lfh/pdb 
WWPDB D_1200000654 ?            ?                   
BMRB  34017        ?            10.13018/BMR34017   
# 
loop_
_pdbx_audit_revision_history.ordinal 
_pdbx_audit_revision_history.data_content_type 
_pdbx_audit_revision_history.major_revision 
_pdbx_audit_revision_history.minor_revision 
_pdbx_audit_revision_history.revision_date 
1 'Structure model' 1 0 2016-09-07 
2 'Structure model' 1 1 2016-10-05 
3 'Structure model' 1 2 2024-10-23 
# 
_pdbx_audit_revision_details.ordinal             1 
_pdbx_audit_revision_details.revision_ordinal    1 
_pdbx_audit_revision_details.data_content_type   'Structure model' 
_pdbx_audit_revision_details.provider            repository 
_pdbx_audit_revision_details.type                'Initial release' 
_pdbx_audit_revision_details.description         ? 
_pdbx_audit_revision_details.details             ? 
# 
loop_
_pdbx_audit_revision_group.ordinal 
_pdbx_audit_revision_group.revision_ordinal 
_pdbx_audit_revision_group.data_content_type 
_pdbx_audit_revision_group.group 
1 2 'Structure model' 'Database references' 
2 3 'Structure model' 'Data collection'     
3 3 'Structure model' 'Database references' 
4 3 'Structure model' 'Structure summary'   
# 
loop_
_pdbx_audit_revision_category.ordinal 
_pdbx_audit_revision_category.revision_ordinal 
_pdbx_audit_revision_category.data_content_type 
_pdbx_audit_revision_category.category 
1 3 'Structure model' chem_comp_atom            
2 3 'Structure model' chem_comp_bond            
3 3 'Structure model' database_2                
4 3 'Structure model' pdbx_entry_details        
5 3 'Structure model' pdbx_modification_feature 
6 3 'Structure model' pdbx_nmr_software         
# 
loop_
_pdbx_audit_revision_item.ordinal 
_pdbx_audit_revision_item.revision_ordinal 
_pdbx_audit_revision_item.data_content_type 
_pdbx_audit_revision_item.item 
1 3 'Structure model' '_database_2.pdbx_DOI'                
2 3 'Structure model' '_database_2.pdbx_database_accession' 
3 3 'Structure model' '_pdbx_nmr_software.name'             
# 
_pdbx_database_status.status_code                     REL 
_pdbx_database_status.status_code_sf                  ? 
_pdbx_database_status.status_code_mr                  REL 
_pdbx_database_status.entry_id                        5LFH 
_pdbx_database_status.recvd_initial_deposition_date   2016-07-01 
_pdbx_database_status.SG_entry                        N 
_pdbx_database_status.deposit_site                    PDBE 
_pdbx_database_status.process_site                    PDBE 
_pdbx_database_status.status_code_cs                  REL 
_pdbx_database_status.methods_development_category    ? 
_pdbx_database_status.pdb_format_compatible           Y 
_pdbx_database_status.status_code_nmr_data            ? 
# 
_pdbx_database_related.db_name        BMRB 
_pdbx_database_related.details        . 
_pdbx_database_related.db_id          34017 
_pdbx_database_related.content_type   unspecified 
# 
loop_
_audit_author.name 
_audit_author.pdbx_ordinal 
'Di Maro, S.'     1  
'Trotta, A.M.'    2  
'Brancaccio, D.'  3  
'Di Leva, F.S.'   4  
'La Pietra, V.'   5  
'Ierano, C.'      6  
'Napolitano, M.'  7  
'Portella, L.'    8  
;D'Alterio, C.
;
9  
'Siciliano, R.A.' 10 
'Sementa, D.'     11 
'Tomassi, S.'     12 
'Carotenuto, A.'  13 
'Novellino, E.'   14 
'Scala, S.'       15 
'Marinelli, L.'   16 
# 
_citation.abstract                  ? 
_citation.abstract_id_CAS           ? 
_citation.book_id_ISBN              ? 
_citation.book_publisher            ? 
_citation.book_publisher_city       ? 
_citation.book_title                ? 
_citation.coordinate_linkage        ? 
_citation.country                   US 
_citation.database_id_Medline       ? 
_citation.details                   ? 
_citation.id                        primary 
_citation.journal_abbrev            J.Med.Chem. 
_citation.journal_id_ASTM           JMCMAR 
_citation.journal_id_CSD            0151 
_citation.journal_id_ISSN           0022-2623 
_citation.journal_full              ? 
_citation.journal_issue             ? 
_citation.journal_volume            59 
_citation.language                  ? 
_citation.page_first                8369 
_citation.page_last                 8380 
_citation.title                     
;Exploring the N-Terminal Region of C-X-C Motif Chemokine 12 (CXCL12): Identification of Plasma-Stable Cyclic Peptides As Novel, Potent C-X-C Chemokine Receptor Type 4 (CXCR4) Antagonists.
;
_citation.year                      2016 
_citation.database_id_CSD           ? 
_citation.pdbx_database_id_DOI      10.1021/acs.jmedchem.6b00695 
_citation.pdbx_database_id_PubMed   27571038 
_citation.unpublished_flag          ? 
# 
loop_
_citation_author.citation_id 
_citation_author.name 
_citation_author.ordinal 
_citation_author.identifier_ORCID 
primary 'Di Maro, S.'     1  ? 
primary 'Trotta, A.M.'    2  ? 
primary 'Brancaccio, D.'  3  ? 
primary 'Di Leva, F.S.'   4  ? 
primary 'La Pietra, V.'   5  ? 
primary 'Ierano, C.'      6  ? 
primary 'Napolitano, M.'  7  ? 
primary 'Portella, L.'    8  ? 
primary 
;D'Alterio, C.
;
9  ? 
primary 'Siciliano, R.A.' 10 ? 
primary 'Sementa, D.'     11 ? 
primary 'Tomassi, S.'     12 ? 
primary 'Carotenuto, A.'  13 ? 
primary 'Novellino, E.'   14 ? 
primary 'Scala, S.'       15 ? 
primary 'Marinelli, L.'   16 ? 
# 
_entity.id                         1 
_entity.type                       polymer 
_entity.src_method                 syn 
_entity.pdbx_description           ACE-ARG-ALA-DCY-ARG-PHE-PHE-CYS 
_entity.formula_weight             930.152 
_entity.pdbx_number_of_molecules   1 
_entity.pdbx_ec                    ? 
_entity.pdbx_mutation              ? 
_entity.pdbx_fragment              ? 
_entity.details                    ACE-ARG-ALA-DCY-ARG-PHE-PHE-CYS 
# 
_entity_poly.entity_id                      1 
_entity_poly.type                           'polypeptide(L)' 
_entity_poly.nstd_linkage                   no 
_entity_poly.nstd_monomer                   yes 
_entity_poly.pdbx_seq_one_letter_code       '(ACE)RA(DCY)RFFC' 
_entity_poly.pdbx_seq_one_letter_code_can   XRACRFFC 
_entity_poly.pdbx_strand_id                 A 
_entity_poly.pdbx_target_identifier         ? 
# 
loop_
_entity_poly_seq.entity_id 
_entity_poly_seq.num 
_entity_poly_seq.mon_id 
_entity_poly_seq.hetero 
1 1 ACE n 
1 2 ARG n 
1 3 ALA n 
1 4 DCY n 
1 5 ARG n 
1 6 PHE n 
1 7 PHE n 
1 8 CYS n 
# 
_pdbx_entity_src_syn.entity_id              1 
_pdbx_entity_src_syn.pdbx_src_id            1 
_pdbx_entity_src_syn.pdbx_alt_source_flag   sample 
_pdbx_entity_src_syn.pdbx_beg_seq_num       1 
_pdbx_entity_src_syn.pdbx_end_seq_num       8 
_pdbx_entity_src_syn.organism_scientific    'Homo sapiens' 
_pdbx_entity_src_syn.organism_common_name   Human 
_pdbx_entity_src_syn.ncbi_taxonomy_id       9606 
_pdbx_entity_src_syn.details                ? 
# 
loop_
_chem_comp.id 
_chem_comp.type 
_chem_comp.mon_nstd_flag 
_chem_comp.name 
_chem_comp.pdbx_synonyms 
_chem_comp.formula 
_chem_comp.formula_weight 
ACE non-polymer         . 'ACETYL GROUP' ? 'C2 H4 O'        44.053  
ALA 'L-peptide linking' y ALANINE        ? 'C3 H7 N O2'     89.093  
ARG 'L-peptide linking' y ARGININE       ? 'C6 H15 N4 O2 1' 175.209 
CYS 'L-peptide linking' y CYSTEINE       ? 'C3 H7 N O2 S'   121.158 
DCY 'D-peptide linking' . D-CYSTEINE     ? 'C3 H7 N O2 S'   121.158 
PHE 'L-peptide linking' y PHENYLALANINE  ? 'C9 H11 N O2'    165.189 
# 
loop_
_pdbx_poly_seq_scheme.asym_id 
_pdbx_poly_seq_scheme.entity_id 
_pdbx_poly_seq_scheme.seq_id 
_pdbx_poly_seq_scheme.mon_id 
_pdbx_poly_seq_scheme.ndb_seq_num 
_pdbx_poly_seq_scheme.pdb_seq_num 
_pdbx_poly_seq_scheme.auth_seq_num 
_pdbx_poly_seq_scheme.pdb_mon_id 
_pdbx_poly_seq_scheme.auth_mon_id 
_pdbx_poly_seq_scheme.pdb_strand_id 
_pdbx_poly_seq_scheme.pdb_ins_code 
_pdbx_poly_seq_scheme.hetero 
A 1 1 ACE 1 1 1 ACE ACE A . n 
A 1 2 ARG 2 2 2 ARG ARG A . n 
A 1 3 ALA 3 3 3 ALA ALA A . n 
A 1 4 DCY 4 4 4 DCY CYS A . n 
A 1 5 ARG 5 5 5 ARG ARG A . n 
A 1 6 PHE 6 6 6 PHE PHE A . n 
A 1 7 PHE 7 7 7 PHE PHE A . n 
A 1 8 CYS 8 8 8 CYS CYS A . n 
# 
_exptl.absorpt_coefficient_mu     ? 
_exptl.absorpt_correction_T_max   ? 
_exptl.absorpt_correction_T_min   ? 
_exptl.absorpt_correction_type    ? 
_exptl.absorpt_process_details    ? 
_exptl.entry_id                   5LFH 
_exptl.crystals_number            ? 
_exptl.details                    ? 
_exptl.method                     'SOLUTION NMR' 
_exptl.method_details             ? 
# 
_struct.entry_id                     5LFH 
_struct.title                        'NMR structure of peptide 10 targeting CXCR4' 
_struct.pdbx_model_details           ? 
_struct.pdbx_formula_weight          ? 
_struct.pdbx_formula_weight_method   ? 
_struct.pdbx_model_type_details      ? 
_struct.pdbx_CASP_flag               N 
# 
_struct_keywords.entry_id        5LFH 
_struct_keywords.text            'CXCR4, CXCL12, CXCR4 antagonists, cancer, molecular invasion, drug design, chemokine, Cytokine' 
_struct_keywords.pdbx_keywords   CYTOKINE 
# 
_struct_asym.id                            A 
_struct_asym.pdbx_blank_PDB_chainid_flag   N 
_struct_asym.pdbx_modified                 N 
_struct_asym.entity_id                     1 
_struct_asym.details                       ? 
# 
_struct_ref.id                         1 
_struct_ref.db_name                    PDB 
_struct_ref.db_code                    5LFH 
_struct_ref.pdbx_db_accession          5LFH 
_struct_ref.pdbx_db_isoform            ? 
_struct_ref.entity_id                  1 
_struct_ref.pdbx_seq_one_letter_code   ? 
_struct_ref.pdbx_align_begin           1 
# 
_struct_ref_seq.align_id                      1 
_struct_ref_seq.ref_id                        1 
_struct_ref_seq.pdbx_PDB_id_code              5LFH 
_struct_ref_seq.pdbx_strand_id                A 
_struct_ref_seq.seq_align_beg                 1 
_struct_ref_seq.pdbx_seq_align_beg_ins_code   ? 
_struct_ref_seq.seq_align_end                 8 
_struct_ref_seq.pdbx_seq_align_end_ins_code   ? 
_struct_ref_seq.pdbx_db_accession             5LFH 
_struct_ref_seq.db_align_beg                  1 
_struct_ref_seq.pdbx_db_align_beg_ins_code    ? 
_struct_ref_seq.db_align_end                  8 
_struct_ref_seq.pdbx_db_align_end_ins_code    ? 
_struct_ref_seq.pdbx_auth_seq_align_beg       1 
_struct_ref_seq.pdbx_auth_seq_align_end       8 
# 
_pdbx_struct_assembly.id                   1 
_pdbx_struct_assembly.details              author_and_software_defined_assembly 
_pdbx_struct_assembly.method_details       PISA 
_pdbx_struct_assembly.oligomeric_details   monomeric 
_pdbx_struct_assembly.oligomeric_count     1 
# 
loop_
_pdbx_struct_assembly_prop.biol_id 
_pdbx_struct_assembly_prop.type 
_pdbx_struct_assembly_prop.value 
_pdbx_struct_assembly_prop.details 
1 'ABSA (A^2)' 120  ? 
1 MORE         -1   ? 
1 'SSA (A^2)'  1110 ? 
# 
_pdbx_struct_assembly_gen.assembly_id       1 
_pdbx_struct_assembly_gen.oper_expression   1 
_pdbx_struct_assembly_gen.asym_id_list      A 
# 
_pdbx_struct_oper_list.id                   1 
_pdbx_struct_oper_list.type                 'identity operation' 
_pdbx_struct_oper_list.name                 1_555 
_pdbx_struct_oper_list.symmetry_operation   ? 
_pdbx_struct_oper_list.matrix[1][1]         1.0000000000 
_pdbx_struct_oper_list.matrix[1][2]         0.0000000000 
_pdbx_struct_oper_list.matrix[1][3]         0.0000000000 
_pdbx_struct_oper_list.vector[1]            0.0000000000 
_pdbx_struct_oper_list.matrix[2][1]         0.0000000000 
_pdbx_struct_oper_list.matrix[2][2]         1.0000000000 
_pdbx_struct_oper_list.matrix[2][3]         0.0000000000 
_pdbx_struct_oper_list.vector[2]            0.0000000000 
_pdbx_struct_oper_list.matrix[3][1]         0.0000000000 
_pdbx_struct_oper_list.matrix[3][2]         0.0000000000 
_pdbx_struct_oper_list.matrix[3][3]         1.0000000000 
_pdbx_struct_oper_list.vector[3]            0.0000000000 
# 
loop_
_struct_conn.id 
_struct_conn.conn_type_id 
_struct_conn.pdbx_leaving_atom_flag 
_struct_conn.pdbx_PDB_id 
_struct_conn.ptnr1_label_asym_id 
_struct_conn.ptnr1_label_comp_id 
_struct_conn.ptnr1_label_seq_id 
_struct_conn.ptnr1_label_atom_id 
_struct_conn.pdbx_ptnr1_label_alt_id 
_struct_conn.pdbx_ptnr1_PDB_ins_code 
_struct_conn.pdbx_ptnr1_standard_comp_id 
_struct_conn.ptnr1_symmetry 
_struct_conn.ptnr2_label_asym_id 
_struct_conn.ptnr2_label_comp_id 
_struct_conn.ptnr2_label_seq_id 
_struct_conn.ptnr2_label_atom_id 
_struct_conn.pdbx_ptnr2_label_alt_id 
_struct_conn.pdbx_ptnr2_PDB_ins_code 
_struct_conn.ptnr1_auth_asym_id 
_struct_conn.ptnr1_auth_comp_id 
_struct_conn.ptnr1_auth_seq_id 
_struct_conn.ptnr2_auth_asym_id 
_struct_conn.ptnr2_auth_comp_id 
_struct_conn.ptnr2_auth_seq_id 
_struct_conn.ptnr2_symmetry 
_struct_conn.pdbx_ptnr3_label_atom_id 
_struct_conn.pdbx_ptnr3_label_seq_id 
_struct_conn.pdbx_ptnr3_label_comp_id 
_struct_conn.pdbx_ptnr3_label_asym_id 
_struct_conn.pdbx_ptnr3_label_alt_id 
_struct_conn.pdbx_ptnr3_PDB_ins_code 
_struct_conn.details 
_struct_conn.pdbx_dist_value 
_struct_conn.pdbx_value_order 
_struct_conn.pdbx_role 
disulf1 disulf ?    ? A DCY 4 SG ? ? ? 1_555 A CYS 8 SG ? ? A DCY 4 A CYS 8 1_555 ? ? ? ? ? ? ? 1.992 ? ? 
covale1 covale both ? A ACE 1 C  ? ? ? 1_555 A ARG 2 N  ? ? A ACE 1 A ARG 2 1_555 ? ? ? ? ? ? ? 1.333 ? ? 
covale2 covale both ? A ALA 3 C  ? ? ? 1_555 A DCY 4 N  ? ? A ALA 3 A DCY 4 1_555 ? ? ? ? ? ? ? 1.345 ? ? 
covale3 covale both ? A DCY 4 C  ? ? ? 1_555 A ARG 5 N  ? ? A DCY 4 A ARG 5 1_555 ? ? ? ? ? ? ? 1.350 ? ? 
# 
loop_
_struct_conn_type.id 
_struct_conn_type.criteria 
_struct_conn_type.reference 
disulf ? ? 
covale ? ? 
# 
loop_
_pdbx_modification_feature.ordinal 
_pdbx_modification_feature.label_comp_id 
_pdbx_modification_feature.label_asym_id 
_pdbx_modification_feature.label_seq_id 
_pdbx_modification_feature.label_alt_id 
_pdbx_modification_feature.modified_residue_label_comp_id 
_pdbx_modification_feature.modified_residue_label_asym_id 
_pdbx_modification_feature.modified_residue_label_seq_id 
_pdbx_modification_feature.modified_residue_label_alt_id 
_pdbx_modification_feature.auth_comp_id 
_pdbx_modification_feature.auth_asym_id 
_pdbx_modification_feature.auth_seq_id 
_pdbx_modification_feature.PDB_ins_code 
_pdbx_modification_feature.symmetry 
_pdbx_modification_feature.modified_residue_auth_comp_id 
_pdbx_modification_feature.modified_residue_auth_asym_id 
_pdbx_modification_feature.modified_residue_auth_seq_id 
_pdbx_modification_feature.modified_residue_PDB_ins_code 
_pdbx_modification_feature.modified_residue_symmetry 
_pdbx_modification_feature.comp_id_linking_atom 
_pdbx_modification_feature.modified_residue_id_linking_atom 
_pdbx_modification_feature.modified_residue_id 
_pdbx_modification_feature.ref_pcm_id 
_pdbx_modification_feature.ref_comp_id 
_pdbx_modification_feature.type 
_pdbx_modification_feature.category 
1 ACE A 1 ? ARG A 2 ? ACE A 1 ? 1_555 ARG A 2 ? 1_555 .  .  ARG 8 ACE None 'Terminal acetylation' 
2 DCY A 4 ? CYS A 8 ? DCY A 4 ? 1_555 CYS A 8 ? 1_555 SG SG .   . .   None 'Disulfide bridge'     
# 
_pdbx_entry_details.entry_id                   5LFH 
_pdbx_entry_details.compound_details           ? 
_pdbx_entry_details.source_details             ? 
_pdbx_entry_details.nonpolymer_details         ? 
_pdbx_entry_details.sequence_details           ? 
_pdbx_entry_details.has_ligand_of_interest     ? 
_pdbx_entry_details.has_protein_modification   Y 
# 
loop_
_pdbx_validate_rmsd_bond.id 
_pdbx_validate_rmsd_bond.PDB_model_num 
_pdbx_validate_rmsd_bond.auth_atom_id_1 
_pdbx_validate_rmsd_bond.auth_asym_id_1 
_pdbx_validate_rmsd_bond.auth_comp_id_1 
_pdbx_validate_rmsd_bond.auth_seq_id_1 
_pdbx_validate_rmsd_bond.PDB_ins_code_1 
_pdbx_validate_rmsd_bond.label_alt_id_1 
_pdbx_validate_rmsd_bond.auth_atom_id_2 
_pdbx_validate_rmsd_bond.auth_asym_id_2 
_pdbx_validate_rmsd_bond.auth_comp_id_2 
_pdbx_validate_rmsd_bond.auth_seq_id_2 
_pdbx_validate_rmsd_bond.PDB_ins_code_2 
_pdbx_validate_rmsd_bond.label_alt_id_2 
_pdbx_validate_rmsd_bond.bond_value 
_pdbx_validate_rmsd_bond.bond_target_value 
_pdbx_validate_rmsd_bond.bond_deviation 
_pdbx_validate_rmsd_bond.bond_standard_deviation 
_pdbx_validate_rmsd_bond.linker_flag 
1  1  C A CYS 8 ? ? O   A CYS 8 ? ? 1.355 1.229 0.126 0.019 N 
2  1  C A CYS 8 ? ? OXT A CYS 8 ? ? 1.363 1.229 0.134 0.019 N 
3  2  C A CYS 8 ? ? O   A CYS 8 ? ? 1.356 1.229 0.127 0.019 N 
4  2  C A CYS 8 ? ? OXT A CYS 8 ? ? 1.361 1.229 0.132 0.019 N 
5  3  C A CYS 8 ? ? O   A CYS 8 ? ? 1.354 1.229 0.125 0.019 N 
6  3  C A CYS 8 ? ? OXT A CYS 8 ? ? 1.367 1.229 0.138 0.019 N 
7  4  C A CYS 8 ? ? O   A CYS 8 ? ? 1.355 1.229 0.126 0.019 N 
8  4  C A CYS 8 ? ? OXT A CYS 8 ? ? 1.368 1.229 0.139 0.019 N 
9  5  C A CYS 8 ? ? O   A CYS 8 ? ? 1.355 1.229 0.126 0.019 N 
10 5  C A CYS 8 ? ? OXT A CYS 8 ? ? 1.364 1.229 0.135 0.019 N 
11 6  C A CYS 8 ? ? O   A CYS 8 ? ? 1.356 1.229 0.127 0.019 N 
12 6  C A CYS 8 ? ? OXT A CYS 8 ? ? 1.369 1.229 0.140 0.019 N 
13 7  C A CYS 8 ? ? O   A CYS 8 ? ? 1.356 1.229 0.127 0.019 N 
14 7  C A CYS 8 ? ? OXT A CYS 8 ? ? 1.364 1.229 0.135 0.019 N 
15 8  C A CYS 8 ? ? O   A CYS 8 ? ? 1.356 1.229 0.127 0.019 N 
16 8  C A CYS 8 ? ? OXT A CYS 8 ? ? 1.368 1.229 0.139 0.019 N 
17 9  C A CYS 8 ? ? O   A CYS 8 ? ? 1.355 1.229 0.126 0.019 N 
18 9  C A CYS 8 ? ? OXT A CYS 8 ? ? 1.370 1.229 0.141 0.019 N 
19 10 C A CYS 8 ? ? O   A CYS 8 ? ? 1.355 1.229 0.126 0.019 N 
20 10 C A CYS 8 ? ? OXT A CYS 8 ? ? 1.365 1.229 0.136 0.019 N 
# 
loop_
_pdbx_validate_rmsd_angle.id 
_pdbx_validate_rmsd_angle.PDB_model_num 
_pdbx_validate_rmsd_angle.auth_atom_id_1 
_pdbx_validate_rmsd_angle.auth_asym_id_1 
_pdbx_validate_rmsd_angle.auth_comp_id_1 
_pdbx_validate_rmsd_angle.auth_seq_id_1 
_pdbx_validate_rmsd_angle.PDB_ins_code_1 
_pdbx_validate_rmsd_angle.label_alt_id_1 
_pdbx_validate_rmsd_angle.auth_atom_id_2 
_pdbx_validate_rmsd_angle.auth_asym_id_2 
_pdbx_validate_rmsd_angle.auth_comp_id_2 
_pdbx_validate_rmsd_angle.auth_seq_id_2 
_pdbx_validate_rmsd_angle.PDB_ins_code_2 
_pdbx_validate_rmsd_angle.label_alt_id_2 
_pdbx_validate_rmsd_angle.auth_atom_id_3 
_pdbx_validate_rmsd_angle.auth_asym_id_3 
_pdbx_validate_rmsd_angle.auth_comp_id_3 
_pdbx_validate_rmsd_angle.auth_seq_id_3 
_pdbx_validate_rmsd_angle.PDB_ins_code_3 
_pdbx_validate_rmsd_angle.label_alt_id_3 
_pdbx_validate_rmsd_angle.angle_value 
_pdbx_validate_rmsd_angle.angle_target_value 
_pdbx_validate_rmsd_angle.angle_deviation 
_pdbx_validate_rmsd_angle.angle_standard_deviation 
_pdbx_validate_rmsd_angle.linker_flag 
1  1  NE A ARG 2 ? ? CZ A ARG 2 ? ? NH2 A ARG 2 ? ? 123.52 120.30 3.22 0.50 N 
2  1  NE A ARG 5 ? ? CZ A ARG 5 ? ? NH2 A ARG 5 ? ? 123.89 120.30 3.59 0.50 N 
3  2  NE A ARG 2 ? ? CZ A ARG 2 ? ? NH2 A ARG 2 ? ? 123.56 120.30 3.26 0.50 N 
4  2  NE A ARG 5 ? ? CZ A ARG 5 ? ? NH2 A ARG 5 ? ? 123.88 120.30 3.58 0.50 N 
5  3  NE A ARG 2 ? ? CZ A ARG 2 ? ? NH2 A ARG 2 ? ? 123.57 120.30 3.27 0.50 N 
6  3  NE A ARG 5 ? ? CZ A ARG 5 ? ? NH2 A ARG 5 ? ? 123.80 120.30 3.50 0.50 N 
7  4  NE A ARG 2 ? ? CZ A ARG 2 ? ? NH2 A ARG 2 ? ? 123.67 120.30 3.37 0.50 N 
8  4  NE A ARG 5 ? ? CZ A ARG 5 ? ? NH2 A ARG 5 ? ? 123.69 120.30 3.39 0.50 N 
9  5  NE A ARG 2 ? ? CZ A ARG 2 ? ? NH2 A ARG 2 ? ? 123.57 120.30 3.27 0.50 N 
10 5  NE A ARG 5 ? ? CZ A ARG 5 ? ? NH2 A ARG 5 ? ? 123.49 120.30 3.19 0.50 N 
11 6  NE A ARG 2 ? ? CZ A ARG 2 ? ? NH2 A ARG 2 ? ? 123.69 120.30 3.39 0.50 N 
12 6  NE A ARG 5 ? ? CZ A ARG 5 ? ? NH2 A ARG 5 ? ? 123.49 120.30 3.19 0.50 N 
13 7  NE A ARG 2 ? ? CZ A ARG 2 ? ? NH2 A ARG 2 ? ? 123.49 120.30 3.19 0.50 N 
14 7  NE A ARG 5 ? ? CZ A ARG 5 ? ? NH2 A ARG 5 ? ? 123.51 120.30 3.21 0.50 N 
15 8  NE A ARG 2 ? ? CZ A ARG 2 ? ? NH2 A ARG 2 ? ? 123.56 120.30 3.26 0.50 N 
16 8  NE A ARG 5 ? ? CZ A ARG 5 ? ? NH2 A ARG 5 ? ? 123.54 120.30 3.24 0.50 N 
17 9  NE A ARG 2 ? ? CZ A ARG 2 ? ? NH2 A ARG 2 ? ? 123.57 120.30 3.27 0.50 N 
18 9  NE A ARG 5 ? ? CZ A ARG 5 ? ? NH2 A ARG 5 ? ? 123.57 120.30 3.27 0.50 N 
19 10 NE A ARG 2 ? ? CZ A ARG 2 ? ? NH2 A ARG 2 ? ? 123.47 120.30 3.17 0.50 N 
20 10 NE A ARG 5 ? ? CZ A ARG 5 ? ? NH2 A ARG 5 ? ? 123.52 120.30 3.22 0.50 N 
# 
loop_
_pdbx_validate_torsion.id 
_pdbx_validate_torsion.PDB_model_num 
_pdbx_validate_torsion.auth_comp_id 
_pdbx_validate_torsion.auth_asym_id 
_pdbx_validate_torsion.auth_seq_id 
_pdbx_validate_torsion.PDB_ins_code 
_pdbx_validate_torsion.label_alt_id 
_pdbx_validate_torsion.phi 
_pdbx_validate_torsion.psi 
1 5 PHE A 6 ? ? -133.37 -48.00 
2 7 PHE A 6 ? ? -141.96 -49.12 
3 8 PHE A 6 ? ? -139.10 -50.32 
4 9 PHE A 6 ? ? -142.15 -50.16 
# 
_pdbx_nmr_ensemble.entry_id                                      5LFH 
_pdbx_nmr_ensemble.conformers_calculated_total_number            100 
_pdbx_nmr_ensemble.conformers_submitted_total_number             10 
_pdbx_nmr_ensemble.conformer_selection_criteria                  'structures with the lowest energy' 
_pdbx_nmr_ensemble.representative_conformer                      ? 
_pdbx_nmr_ensemble.average_constraints_per_residue               ? 
_pdbx_nmr_ensemble.average_constraint_violations_per_residue     ? 
_pdbx_nmr_ensemble.maximum_distance_constraint_violation         ? 
_pdbx_nmr_ensemble.average_distance_constraint_violation         ? 
_pdbx_nmr_ensemble.maximum_upper_distance_constraint_violation   ? 
_pdbx_nmr_ensemble.maximum_lower_distance_constraint_violation   ? 
_pdbx_nmr_ensemble.distance_constraint_violation_method          ? 
_pdbx_nmr_ensemble.maximum_torsion_angle_constraint_violation    ? 
_pdbx_nmr_ensemble.average_torsion_angle_constraint_violation    ? 
_pdbx_nmr_ensemble.torsion_angle_constraint_violation_method     ? 
# 
_pdbx_nmr_representative.entry_id             5LFH 
_pdbx_nmr_representative.conformer_id         1 
_pdbx_nmr_representative.selection_criteria   'minimized average structure' 
# 
_pdbx_nmr_sample_details.solution_id      1 
_pdbx_nmr_sample_details.contents         '2 mM PEPTIDE 10, 200 mM deuterated SDS, 10 % deuterated H2O, 90% H2O/10% D2O' 
_pdbx_nmr_sample_details.solvent_system   '90% H2O/10% D2O' 
_pdbx_nmr_sample_details.label            1H_SAMPLE 
_pdbx_nmr_sample_details.type             micelle 
_pdbx_nmr_sample_details.details          ? 
# 
loop_
_pdbx_nmr_exptl_sample.solution_id 
_pdbx_nmr_exptl_sample.component 
_pdbx_nmr_exptl_sample.concentration 
_pdbx_nmr_exptl_sample.concentration_range 
_pdbx_nmr_exptl_sample.concentration_units 
_pdbx_nmr_exptl_sample.isotopic_labeling 
1 'PEPTIDE 10' 2   ? mM 'natural abundance' 
1 SDS          200 ? mM deuterated          
1 H2O          10  ? %  deuterated          
# 
_pdbx_nmr_exptl_sample_conditions.conditions_id          1 
_pdbx_nmr_exptl_sample_conditions.temperature            298 
_pdbx_nmr_exptl_sample_conditions.pressure_units         atm 
_pdbx_nmr_exptl_sample_conditions.pressure               1 
_pdbx_nmr_exptl_sample_conditions.pH                     5.5 
_pdbx_nmr_exptl_sample_conditions.ionic_strength         0 
_pdbx_nmr_exptl_sample_conditions.details                ? 
_pdbx_nmr_exptl_sample_conditions.ionic_strength_err     ? 
_pdbx_nmr_exptl_sample_conditions.ionic_strength_units   mM 
_pdbx_nmr_exptl_sample_conditions.label                  conditions_1 
_pdbx_nmr_exptl_sample_conditions.pH_err                 ? 
_pdbx_nmr_exptl_sample_conditions.pH_units               pH 
_pdbx_nmr_exptl_sample_conditions.pressure_err           ? 
_pdbx_nmr_exptl_sample_conditions.temperature_err        ? 
_pdbx_nmr_exptl_sample_conditions.temperature_units      K 
# 
loop_
_pdbx_nmr_exptl.experiment_id 
_pdbx_nmr_exptl.conditions_id 
_pdbx_nmr_exptl.solution_id 
_pdbx_nmr_exptl.type 
_pdbx_nmr_exptl.spectrometer_id 
_pdbx_nmr_exptl.sample_state 
1 1 1 '1D 1H'          1 anisotropic 
2 1 1 '2D 1H-1H NOESY' 1 anisotropic 
3 1 1 '2D 1H-1H TOCSY' 1 anisotropic 
4 1 1 '2D DQF-COSY'    1 anisotropic 
# 
_pdbx_nmr_refine.entry_id           5LFH 
_pdbx_nmr_refine.method             'simulated annealing' 
_pdbx_nmr_refine.details            ? 
_pdbx_nmr_refine.software_ordinal   3 
# 
loop_
_pdbx_nmr_software.ordinal 
_pdbx_nmr_software.classification 
_pdbx_nmr_software.name 
_pdbx_nmr_software.version 
_pdbx_nmr_software.authors 
1 'chemical shift assignment' XEASY    ? 'Bartels et al.'              
2 'structure calculation'     DYANA    ? 'Guntert, Braun and Wuthrich' 
3 refinement                  Discover ? 'Accelrys Software Inc.'      
# 
loop_
_chem_comp_atom.comp_id 
_chem_comp_atom.atom_id 
_chem_comp_atom.type_symbol 
_chem_comp_atom.pdbx_aromatic_flag 
_chem_comp_atom.pdbx_stereo_config 
_chem_comp_atom.pdbx_ordinal 
ACE C    C N N 1  
ACE O    O N N 2  
ACE CH3  C N N 3  
ACE H    H N N 4  
ACE H1   H N N 5  
ACE H2   H N N 6  
ACE H3   H N N 7  
ALA N    N N N 8  
ALA CA   C N S 9  
ALA C    C N N 10 
ALA O    O N N 11 
ALA CB   C N N 12 
ALA OXT  O N N 13 
ALA H    H N N 14 
ALA H2   H N N 15 
ALA HA   H N N 16 
ALA HB1  H N N 17 
ALA HB2  H N N 18 
ALA HB3  H N N 19 
ALA HXT  H N N 20 
ARG N    N N N 21 
ARG CA   C N S 22 
ARG C    C N N 23 
ARG O    O N N 24 
ARG CB   C N N 25 
ARG CG   C N N 26 
ARG CD   C N N 27 
ARG NE   N N N 28 
ARG CZ   C N N 29 
ARG NH1  N N N 30 
ARG NH2  N N N 31 
ARG OXT  O N N 32 
ARG H    H N N 33 
ARG H2   H N N 34 
ARG HA   H N N 35 
ARG HB2  H N N 36 
ARG HB3  H N N 37 
ARG HG2  H N N 38 
ARG HG3  H N N 39 
ARG HD2  H N N 40 
ARG HD3  H N N 41 
ARG HE   H N N 42 
ARG HH11 H N N 43 
ARG HH12 H N N 44 
ARG HH21 H N N 45 
ARG HH22 H N N 46 
ARG HXT  H N N 47 
CYS N    N N N 48 
CYS CA   C N R 49 
CYS C    C N N 50 
CYS O    O N N 51 
CYS CB   C N N 52 
CYS SG   S N N 53 
CYS OXT  O N N 54 
CYS H    H N N 55 
CYS H2   H N N 56 
CYS HA   H N N 57 
CYS HB2  H N N 58 
CYS HB3  H N N 59 
CYS HG   H N N 60 
CYS HXT  H N N 61 
DCY N    N N N 62 
DCY CA   C N S 63 
DCY C    C N N 64 
DCY O    O N N 65 
DCY CB   C N N 66 
DCY SG   S N N 67 
DCY OXT  O N N 68 
DCY H    H N N 69 
DCY H2   H N N 70 
DCY HA   H N N 71 
DCY HB2  H N N 72 
DCY HB3  H N N 73 
DCY HG   H N N 74 
DCY HXT  H N N 75 
PHE N    N N N 76 
PHE CA   C N S 77 
PHE C    C N N 78 
PHE O    O N N 79 
PHE CB   C N N 80 
PHE CG   C Y N 81 
PHE CD1  C Y N 82 
PHE CD2  C Y N 83 
PHE CE1  C Y N 84 
PHE CE2  C Y N 85 
PHE CZ   C Y N 86 
PHE OXT  O N N 87 
PHE H    H N N 88 
PHE H2   H N N 89 
PHE HA   H N N 90 
PHE HB2  H N N 91 
PHE HB3  H N N 92 
PHE HD1  H N N 93 
PHE HD2  H N N 94 
PHE HE1  H N N 95 
PHE HE2  H N N 96 
PHE HZ   H N N 97 
PHE HXT  H N N 98 
# 
loop_
_chem_comp_bond.comp_id 
_chem_comp_bond.atom_id_1 
_chem_comp_bond.atom_id_2 
_chem_comp_bond.value_order 
_chem_comp_bond.pdbx_aromatic_flag 
_chem_comp_bond.pdbx_stereo_config 
_chem_comp_bond.pdbx_ordinal 
ACE C   O    doub N N 1  
ACE C   CH3  sing N N 2  
ACE C   H    sing N N 3  
ACE CH3 H1   sing N N 4  
ACE CH3 H2   sing N N 5  
ACE CH3 H3   sing N N 6  
ALA N   CA   sing N N 7  
ALA N   H    sing N N 8  
ALA N   H2   sing N N 9  
ALA CA  C    sing N N 10 
ALA CA  CB   sing N N 11 
ALA CA  HA   sing N N 12 
ALA C   O    doub N N 13 
ALA C   OXT  sing N N 14 
ALA CB  HB1  sing N N 15 
ALA CB  HB2  sing N N 16 
ALA CB  HB3  sing N N 17 
ALA OXT HXT  sing N N 18 
ARG N   CA   sing N N 19 
ARG N   H    sing N N 20 
ARG N   H2   sing N N 21 
ARG CA  C    sing N N 22 
ARG CA  CB   sing N N 23 
ARG CA  HA   sing N N 24 
ARG C   O    doub N N 25 
ARG C   OXT  sing N N 26 
ARG CB  CG   sing N N 27 
ARG CB  HB2  sing N N 28 
ARG CB  HB3  sing N N 29 
ARG CG  CD   sing N N 30 
ARG CG  HG2  sing N N 31 
ARG CG  HG3  sing N N 32 
ARG CD  NE   sing N N 33 
ARG CD  HD2  sing N N 34 
ARG CD  HD3  sing N N 35 
ARG NE  CZ   sing N N 36 
ARG NE  HE   sing N N 37 
ARG CZ  NH1  sing N N 38 
ARG CZ  NH2  doub N N 39 
ARG NH1 HH11 sing N N 40 
ARG NH1 HH12 sing N N 41 
ARG NH2 HH21 sing N N 42 
ARG NH2 HH22 sing N N 43 
ARG OXT HXT  sing N N 44 
CYS N   CA   sing N N 45 
CYS N   H    sing N N 46 
CYS N   H2   sing N N 47 
CYS CA  C    sing N N 48 
CYS CA  CB   sing N N 49 
CYS CA  HA   sing N N 50 
CYS C   O    doub N N 51 
CYS C   OXT  sing N N 52 
CYS CB  SG   sing N N 53 
CYS CB  HB2  sing N N 54 
CYS CB  HB3  sing N N 55 
CYS SG  HG   sing N N 56 
CYS OXT HXT  sing N N 57 
DCY N   CA   sing N N 58 
DCY N   H    sing N N 59 
DCY N   H2   sing N N 60 
DCY CA  C    sing N N 61 
DCY CA  CB   sing N N 62 
DCY CA  HA   sing N N 63 
DCY C   O    doub N N 64 
DCY C   OXT  sing N N 65 
DCY CB  SG   sing N N 66 
DCY CB  HB2  sing N N 67 
DCY CB  HB3  sing N N 68 
DCY SG  HG   sing N N 69 
DCY OXT HXT  sing N N 70 
PHE N   CA   sing N N 71 
PHE N   H    sing N N 72 
PHE N   H2   sing N N 73 
PHE CA  C    sing N N 74 
PHE CA  CB   sing N N 75 
PHE CA  HA   sing N N 76 
PHE C   O    doub N N 77 
PHE C   OXT  sing N N 78 
PHE CB  CG   sing N N 79 
PHE CB  HB2  sing N N 80 
PHE CB  HB3  sing N N 81 
PHE CG  CD1  doub Y N 82 
PHE CG  CD2  sing Y N 83 
PHE CD1 CE1  sing Y N 84 
PHE CD1 HD1  sing N N 85 
PHE CD2 CE2  doub Y N 86 
PHE CD2 HD2  sing N N 87 
PHE CE1 CZ   doub Y N 88 
PHE CE1 HE1  sing N N 89 
PHE CE2 CZ   sing Y N 90 
PHE CE2 HE2  sing N N 91 
PHE CZ  HZ   sing N N 92 
PHE OXT HXT  sing N N 93 
# 
_pdbx_nmr_spectrometer.spectrometer_id   1 
_pdbx_nmr_spectrometer.model             INOVA 
_pdbx_nmr_spectrometer.type              ? 
_pdbx_nmr_spectrometer.manufacturer      Varian 
_pdbx_nmr_spectrometer.field_strength    700 
_pdbx_nmr_spectrometer.details           ? 
# 
_atom_sites.entry_id                    5LFH 
_atom_sites.fract_transf_matrix[1][1]   1.000000 
_atom_sites.fract_transf_matrix[1][2]   0.000000 
_atom_sites.fract_transf_matrix[1][3]   0.000000 
_atom_sites.fract_transf_matrix[2][1]   0.000000 
_atom_sites.fract_transf_matrix[2][2]   1.000000 
_atom_sites.fract_transf_matrix[2][3]   0.000000 
_atom_sites.fract_transf_matrix[3][1]   0.000000 
_atom_sites.fract_transf_matrix[3][2]   0.000000 
_atom_sites.fract_transf_matrix[3][3]   1.000000 
_atom_sites.fract_transf_vector[1]      0.00000 
_atom_sites.fract_transf_vector[2]      0.00000 
_atom_sites.fract_transf_vector[3]      0.00000 
# 
loop_
_atom_type.symbol 
C 
H 
N 
O 
S 
# 
loop_
_atom_site.group_PDB 
_atom_site.id 
_atom_site.type_symbol 
_atom_site.label_atom_id 
_atom_site.label_alt_id 
_atom_site.label_comp_id 
_atom_site.label_asym_id 
_atom_site.label_entity_id 
_atom_site.label_seq_id 
_atom_site.pdbx_PDB_ins_code 
_atom_site.Cartn_x 
_atom_site.Cartn_y 
_atom_site.Cartn_z 
_atom_site.occupancy 
_atom_site.B_iso_or_equiv 
_atom_site.pdbx_formal_charge 
_atom_site.auth_seq_id 
_atom_site.auth_comp_id 
_atom_site.auth_asym_id 
_atom_site.auth_atom_id 
_atom_site.pdbx_PDB_model_num 
HETATM 1    C C    . ACE A 1 1 ? 2.525  4.877  -3.788 1.00 0.00 ? 1 ACE A C    1  
HETATM 2    O O    . ACE A 1 1 ? 3.265  5.861  -3.768 1.00 0.00 ? 1 ACE A O    1  
HETATM 3    C CH3  . ACE A 1 1 ? 1.404  4.767  -4.804 1.00 0.00 ? 1 ACE A CH3  1  
HETATM 4    H H1   . ACE A 1 1 ? 0.412  4.766  -4.316 1.00 0.00 ? 1 ACE A H1   1  
HETATM 5    H H2   . ACE A 1 1 ? 1.428  5.626  -5.498 1.00 0.00 ? 1 ACE A H2   1  
HETATM 6    H H3   . ACE A 1 1 ? 1.496  3.850  -5.416 1.00 0.00 ? 1 ACE A H3   1  
ATOM   7    N N    . ARG A 1 2 ? 2.633  3.850  -2.945 1.00 0.00 ? 2 ARG A N    1  
ATOM   8    C CA   . ARG A 1 2 ? 3.764  3.717  -1.977 1.00 0.00 ? 2 ARG A CA   1  
ATOM   9    C C    . ARG A 1 2 ? 4.323  2.250  -2.037 1.00 0.00 ? 2 ARG A C    1  
ATOM   10   O O    . ARG A 1 2 ? 4.704  1.784  -3.116 1.00 0.00 ? 2 ARG A O    1  
ATOM   11   C CB   . ARG A 1 2 ? 3.282  4.323  -0.616 1.00 0.00 ? 2 ARG A CB   1  
ATOM   12   C CG   . ARG A 1 2 ? 4.350  4.396  0.514  1.00 0.00 ? 2 ARG A CG   1  
ATOM   13   C CD   . ARG A 1 2 ? 4.407  5.725  1.300  1.00 0.00 ? 2 ARG A CD   1  
ATOM   14   N NE   . ARG A 1 2 ? 3.241  5.943  2.208  1.00 0.00 ? 2 ARG A NE   1  
ATOM   15   C CZ   . ARG A 1 2 ? 3.148  5.518  3.472  1.00 0.00 ? 2 ARG A CZ   1  
ATOM   16   N NH1  . ARG A 1 2 ? 2.121  5.895  4.177  1.00 0.00 ? 2 ARG A NH1  1  
ATOM   17   N NH2  . ARG A 1 2 ? 4.035  4.738  4.041  1.00 0.00 ? 2 ARG A NH2  1  
ATOM   18   H H    . ARG A 1 2 ? 1.997  3.080  -3.177 1.00 0.00 ? 2 ARG A H    1  
ATOM   19   H HA   . ARG A 1 2 ? 4.618  4.338  -2.319 1.00 0.00 ? 2 ARG A HA   1  
ATOM   20   H HB2  . ARG A 1 2 ? 2.903  5.345  -0.820 1.00 0.00 ? 2 ARG A HB2  1  
ATOM   21   H HB3  . ARG A 1 2 ? 2.387  3.781  -0.248 1.00 0.00 ? 2 ARG A HB3  1  
ATOM   22   H HG2  . ARG A 1 2 ? 4.211  3.552  1.216  1.00 0.00 ? 2 ARG A HG2  1  
ATOM   23   H HG3  . ARG A 1 2 ? 5.356  4.230  0.081  1.00 0.00 ? 2 ARG A HG3  1  
ATOM   24   H HD2  . ARG A 1 2 ? 5.366  5.800  1.850  1.00 0.00 ? 2 ARG A HD2  1  
ATOM   25   H HD3  . ARG A 1 2 ? 4.469  6.566  0.579  1.00 0.00 ? 2 ARG A HD3  1  
ATOM   26   H HE   . ARG A 1 2 ? 2.466  6.545  1.918  1.00 0.00 ? 2 ARG A HE   1  
ATOM   27   H HH11 . ARG A 1 2 ? 2.079  5.576  5.147  1.00 0.00 ? 2 ARG A HH11 1  
ATOM   28   H HH12 . ARG A 1 2 ? 1.459  6.531  3.727  1.00 0.00 ? 2 ARG A HH12 1  
ATOM   29   H HH21 . ARG A 1 2 ? 3.899  4.474  5.019  1.00 0.00 ? 2 ARG A HH21 1  
ATOM   30   H HH22 . ARG A 1 2 ? 4.816  4.489  3.433  1.00 0.00 ? 2 ARG A HH22 1  
ATOM   31   N N    . ALA A 1 3 ? 4.378  1.508  -0.917 1.00 0.00 ? 3 ALA A N    1  
ATOM   32   C CA   . ALA A 1 3 ? 4.701  0.048  -0.914 1.00 0.00 ? 3 ALA A CA   1  
ATOM   33   C C    . ALA A 1 3 ? 3.507  -0.951 -1.138 1.00 0.00 ? 3 ALA A C    1  
ATOM   34   O O    . ALA A 1 3 ? 3.717  -2.164 -1.178 1.00 0.00 ? 3 ALA A O    1  
ATOM   35   C CB   . ALA A 1 3 ? 5.372  -0.204 0.451  1.00 0.00 ? 3 ALA A CB   1  
ATOM   36   H H    . ALA A 1 3 ? 4.065  1.997  -0.076 1.00 0.00 ? 3 ALA A H    1  
ATOM   37   H HA   . ALA A 1 3 ? 5.448  -0.175 -1.703 1.00 0.00 ? 3 ALA A HA   1  
ATOM   38   H HB1  . ALA A 1 3 ? 4.671  -0.070 1.297  1.00 0.00 ? 3 ALA A HB1  1  
ATOM   39   H HB2  . ALA A 1 3 ? 5.756  -1.242 0.516  1.00 0.00 ? 3 ALA A HB2  1  
ATOM   40   H HB3  . ALA A 1 3 ? 6.240  0.459  0.624  1.00 0.00 ? 3 ALA A HB3  1  
HETATM 41   N N    . DCY A 1 4 ? 2.261  -0.451 -1.223 1.00 0.00 ? 4 DCY A N    1  
HETATM 42   C CA   . DCY A 1 4 ? 1.020  -1.267 -1.235 1.00 0.00 ? 4 DCY A CA   1  
HETATM 43   C C    . DCY A 1 4 ? 0.733  -2.133 0.050  1.00 0.00 ? 4 DCY A C    1  
HETATM 44   O O    . DCY A 1 4 ? 0.190  -3.232 -0.061 1.00 0.00 ? 4 DCY A O    1  
HETATM 45   C CB   . DCY A 1 4 ? -0.136 -0.259 -1.521 1.00 0.00 ? 4 DCY A CB   1  
HETATM 46   S SG   . DCY A 1 4 ? -1.176 -0.793 -2.891 1.00 0.00 ? 4 DCY A SG   1  
HETATM 47   H H    . DCY A 1 4 ? 2.254  0.565  -1.351 1.00 0.00 ? 4 DCY A H    1  
HETATM 48   H HA   . DCY A 1 4 ? 1.084  -1.973 -2.086 1.00 0.00 ? 4 DCY A HA   1  
HETATM 49   H HB2  . DCY A 1 4 ? -0.791 -0.128 -0.640 1.00 0.00 ? 4 DCY A HB2  1  
HETATM 50   H HB3  . DCY A 1 4 ? 0.196  0.767  -1.775 1.00 0.00 ? 4 DCY A HB3  1  
ATOM   51   N N    . ARG A 1 5 ? 1.050  -1.620 1.257  1.00 0.00 ? 5 ARG A N    1  
ATOM   52   C CA   . ARG A 1 5 ? 0.567  -2.191 2.553  1.00 0.00 ? 5 ARG A CA   1  
ATOM   53   C C    . ARG A 1 5 ? -0.865 -1.711 2.959  1.00 0.00 ? 5 ARG A C    1  
ATOM   54   O O    . ARG A 1 5 ? -1.700 -2.532 3.341  1.00 0.00 ? 5 ARG A O    1  
ATOM   55   C CB   . ARG A 1 5 ? 1.598  -1.876 3.681  1.00 0.00 ? 5 ARG A CB   1  
ATOM   56   C CG   . ARG A 1 5 ? 2.775  -2.870 3.785  1.00 0.00 ? 5 ARG A CG   1  
ATOM   57   C CD   . ARG A 1 5 ? 3.647  -2.608 5.029  1.00 0.00 ? 5 ARG A CD   1  
ATOM   58   N NE   . ARG A 1 5 ? 4.972  -3.265 4.863  1.00 0.00 ? 5 ARG A NE   1  
ATOM   59   C CZ   . ARG A 1 5 ? 5.867  -3.460 5.831  1.00 0.00 ? 5 ARG A CZ   1  
ATOM   60   N NH1  . ARG A 1 5 ? 7.046  -3.902 5.497  1.00 0.00 ? 5 ARG A NH1  1  
ATOM   61   N NH2  . ARG A 1 5 ? 5.631  -3.236 7.100  1.00 0.00 ? 5 ARG A NH2  1  
ATOM   62   H H    . ARG A 1 5 ? 1.580  -0.746 1.185  1.00 0.00 ? 5 ARG A H    1  
ATOM   63   H HA   . ARG A 1 5 ? 0.488  -3.295 2.460  1.00 0.00 ? 5 ARG A HA   1  
ATOM   64   H HB2  . ARG A 1 5 ? 1.987  -0.845 3.568  1.00 0.00 ? 5 ARG A HB2  1  
ATOM   65   H HB3  . ARG A 1 5 ? 1.078  -1.858 4.662  1.00 0.00 ? 5 ARG A HB3  1  
ATOM   66   H HG2  . ARG A 1 5 ? 2.385  -3.908 3.837  1.00 0.00 ? 5 ARG A HG2  1  
ATOM   67   H HG3  . ARG A 1 5 ? 3.362  -2.826 2.848  1.00 0.00 ? 5 ARG A HG3  1  
ATOM   68   H HD2  . ARG A 1 5 ? 3.793  -1.517 5.181  1.00 0.00 ? 5 ARG A HD2  1  
ATOM   69   H HD3  . ARG A 1 5 ? 3.107  -2.972 5.926  1.00 0.00 ? 5 ARG A HD3  1  
ATOM   70   H HE   . ARG A 1 5 ? 5.308  -3.519 3.930  1.00 0.00 ? 5 ARG A HE   1  
ATOM   71   H HH11 . ARG A 1 5 ? 7.725  -4.034 6.247  1.00 0.00 ? 5 ARG A HH11 1  
ATOM   72   H HH12 . ARG A 1 5 ? 7.219  -4.052 4.501  1.00 0.00 ? 5 ARG A HH12 1  
ATOM   73   H HH21 . ARG A 1 5 ? 6.369  -3.439 7.777  1.00 0.00 ? 5 ARG A HH21 1  
ATOM   74   H HH22 . ARG A 1 5 ? 4.681  -2.922 7.304  1.00 0.00 ? 5 ARG A HH22 1  
ATOM   75   N N    . PHE A 1 6 ? -1.120 -0.393 2.923  1.00 0.00 ? 6 PHE A N    1  
ATOM   76   C CA   . PHE A 1 6 ? -2.411 0.216  3.365  1.00 0.00 ? 6 PHE A CA   1  
ATOM   77   C C    . PHE A 1 6 ? -3.366 0.533  2.171  1.00 0.00 ? 6 PHE A C    1  
ATOM   78   O O    . PHE A 1 6 ? -4.561 0.245  2.250  1.00 0.00 ? 6 PHE A O    1  
ATOM   79   C CB   . PHE A 1 6 ? -2.134 1.470  4.250  1.00 0.00 ? 6 PHE A CB   1  
ATOM   80   C CG   . PHE A 1 6 ? -1.237 1.233  5.485  1.00 0.00 ? 6 PHE A CG   1  
ATOM   81   C CD1  . PHE A 1 6 ? 0.128  1.540  5.424  1.00 0.00 ? 6 PHE A CD1  1  
ATOM   82   C CD2  . PHE A 1 6 ? -1.752 0.611  6.627  1.00 0.00 ? 6 PHE A CD2  1  
ATOM   83   C CE1  . PHE A 1 6 ? 0.968  1.215  6.486  1.00 0.00 ? 6 PHE A CE1  1  
ATOM   84   C CE2  . PHE A 1 6 ? -0.908 0.291  7.689  1.00 0.00 ? 6 PHE A CE2  1  
ATOM   85   C CZ   . PHE A 1 6 ? 0.449  0.589  7.617  1.00 0.00 ? 6 PHE A CZ   1  
ATOM   86   H H    . PHE A 1 6 ? -0.334 0.166  2.581  1.00 0.00 ? 6 PHE A H    1  
ATOM   87   H HA   . PHE A 1 6 ? -2.963 -0.505 4.004  1.00 0.00 ? 6 PHE A HA   1  
ATOM   88   H HB2  . PHE A 1 6 ? -1.712 2.283  3.626  1.00 0.00 ? 6 PHE A HB2  1  
ATOM   89   H HB3  . PHE A 1 6 ? -3.101 1.885  4.594  1.00 0.00 ? 6 PHE A HB3  1  
ATOM   90   H HD1  . PHE A 1 6 ? 0.545  2.000  4.540  1.00 0.00 ? 6 PHE A HD1  1  
ATOM   91   H HD2  . PHE A 1 6 ? -2.798 0.349  6.683  1.00 0.00 ? 6 PHE A HD2  1  
ATOM   92   H HE1  . PHE A 1 6 ? 2.024  1.434  6.429  1.00 0.00 ? 6 PHE A HE1  1  
ATOM   93   H HE2  . PHE A 1 6 ? -1.308 -0.201 8.565  1.00 0.00 ? 6 PHE A HE2  1  
ATOM   94   H HZ   . PHE A 1 6 ? 1.102  0.330  8.439  1.00 0.00 ? 6 PHE A HZ   1  
ATOM   95   N N    . PHE A 1 7 ? -2.851 1.106  1.064  1.00 0.00 ? 7 PHE A N    1  
ATOM   96   C CA   . PHE A 1 7 ? -3.666 1.483  -0.132 1.00 0.00 ? 7 PHE A CA   1  
ATOM   97   C C    . PHE A 1 7 ? -3.861 0.330  -1.203 1.00 0.00 ? 7 PHE A C    1  
ATOM   98   O O    . PHE A 1 7 ? -4.087 0.612  -2.382 1.00 0.00 ? 7 PHE A O    1  
ATOM   99   C CB   . PHE A 1 7 ? -3.034 2.785  -0.740 1.00 0.00 ? 7 PHE A CB   1  
ATOM   100  C CG   . PHE A 1 7 ? -2.577 3.962  0.175  1.00 0.00 ? 7 PHE A CG   1  
ATOM   101  C CD1  . PHE A 1 7 ? -3.283 4.317  1.333  1.00 0.00 ? 7 PHE A CD1  1  
ATOM   102  C CD2  . PHE A 1 7 ? -1.389 4.639  -0.127 1.00 0.00 ? 7 PHE A CD2  1  
ATOM   103  C CE1  . PHE A 1 7 ? -2.785 5.294  2.192  1.00 0.00 ? 7 PHE A CE1  1  
ATOM   104  C CE2  . PHE A 1 7 ? -0.900 5.629  0.723  1.00 0.00 ? 7 PHE A CE2  1  
ATOM   105  C CZ   . PHE A 1 7 ? -1.595 5.948  1.888  1.00 0.00 ? 7 PHE A CZ   1  
ATOM   106  H H    . PHE A 1 7 ? -1.873 1.388  1.157  1.00 0.00 ? 7 PHE A H    1  
ATOM   107  H HA   . PHE A 1 7 ? -4.691 1.752  0.197  1.00 0.00 ? 7 PHE A HA   1  
ATOM   108  H HB2  . PHE A 1 7 ? -2.178 2.470  -1.367 1.00 0.00 ? 7 PHE A HB2  1  
ATOM   109  H HB3  . PHE A 1 7 ? -3.749 3.201  -1.474 1.00 0.00 ? 7 PHE A HB3  1  
ATOM   110  H HD1  . PHE A 1 7 ? -4.198 3.806  1.595  1.00 0.00 ? 7 PHE A HD1  1  
ATOM   111  H HD2  . PHE A 1 7 ? -0.834 4.400  -1.024 1.00 0.00 ? 7 PHE A HD2  1  
ATOM   112  H HE1  . PHE A 1 7 ? -3.320 5.540  3.100  1.00 0.00 ? 7 PHE A HE1  1  
ATOM   113  H HE2  . PHE A 1 7 ? 0.012  6.150  0.475  1.00 0.00 ? 7 PHE A HE2  1  
ATOM   114  H HZ   . PHE A 1 7 ? -1.219 6.713  2.551  1.00 0.00 ? 7 PHE A HZ   1  
ATOM   115  N N    . CYS A 1 8 ? -3.796 -0.957 -0.795 1.00 0.00 ? 8 CYS A N    1  
ATOM   116  C CA   . CYS A 1 8 ? -4.045 -2.144 -1.659 1.00 0.00 ? 8 CYS A CA   1  
ATOM   117  C C    . CYS A 1 8 ? -5.337 -2.892 -1.226 1.00 0.00 ? 8 CYS A C    1  
ATOM   118  O O    . CYS A 1 8 ? -5.877 -2.814 0.014  1.00 0.00 ? 8 CYS A O    1  
ATOM   119  C CB   . CYS A 1 8 ? -2.826 -3.098 -1.549 1.00 0.00 ? 8 CYS A CB   1  
ATOM   120  S SG   . CYS A 1 8 ? -1.541 -2.748 -2.764 1.00 0.00 ? 8 CYS A SG   1  
ATOM   121  O OXT  . CYS A 1 8 ? -5.863 -3.635 -2.240 1.00 0.00 ? 8 CYS A OXT  1  
ATOM   122  H H    . CYS A 1 8 ? -3.710 -1.047 0.223  1.00 0.00 ? 8 CYS A H    1  
ATOM   123  H HA   . CYS A 1 8 ? -4.172 -1.853 -2.721 1.00 0.00 ? 8 CYS A HA   1  
ATOM   124  H HB2  . CYS A 1 8 ? -2.377 -3.091 -0.537 1.00 0.00 ? 8 CYS A HB2  1  
ATOM   125  H HB3  . CYS A 1 8 ? -3.114 -4.151 -1.723 1.00 0.00 ? 8 CYS A HB3  1  
HETATM 126  C C    . ACE A 1 1 ? 2.617  4.842  -3.818 1.00 0.00 ? 1 ACE A C    2  
HETATM 127  O O    . ACE A 1 1 ? 3.419  5.776  -3.827 1.00 0.00 ? 1 ACE A O    2  
HETATM 128  C CH3  . ACE A 1 1 ? 1.500  4.763  -4.843 1.00 0.00 ? 1 ACE A CH3  2  
HETATM 129  H H1   . ACE A 1 1 ? 1.385  3.748  -5.266 1.00 0.00 ? 1 ACE A H1   2  
HETATM 130  H H2   . ACE A 1 1 ? 0.535  5.067  -4.402 1.00 0.00 ? 1 ACE A H2   2  
HETATM 131  H H3   . ACE A 1 1 ? 1.704  5.443  -5.690 1.00 0.00 ? 1 ACE A H3   2  
ATOM   132  N N    . ARG A 1 2 ? 2.639  3.852  -2.925 1.00 0.00 ? 2 ARG A N    2  
ATOM   133  C CA   . ARG A 1 2 ? 3.696  3.727  -1.878 1.00 0.00 ? 2 ARG A CA   2  
ATOM   134  C C    . ARG A 1 2 ? 4.355  2.302  -1.977 1.00 0.00 ? 2 ARG A C    2  
ATOM   135  O O    . ARG A 1 2 ? 4.865  1.934  -3.036 1.00 0.00 ? 2 ARG A O    2  
ATOM   136  C CB   . ARG A 1 2 ? 3.028  4.173  -0.534 1.00 0.00 ? 2 ARG A CB   2  
ATOM   137  C CG   . ARG A 1 2 ? 3.951  4.330  0.709  1.00 0.00 ? 2 ARG A CG   2  
ATOM   138  C CD   . ARG A 1 2 ? 4.470  5.752  1.003  1.00 0.00 ? 2 ARG A CD   2  
ATOM   139  N NE   . ARG A 1 2 ? 5.507  6.178  0.024  1.00 0.00 ? 2 ARG A NE   2  
ATOM   140  C CZ   . ARG A 1 2 ? 6.123  7.360  0.023  1.00 0.00 ? 2 ARG A CZ   2  
ATOM   141  N NH1  . ARG A 1 2 ? 6.994  7.601  -0.915 1.00 0.00 ? 2 ARG A NH1  2  
ATOM   142  N NH2  . ARG A 1 2 ? 5.903  8.293  0.917  1.00 0.00 ? 2 ARG A NH2  2  
ATOM   143  H H    . ARG A 1 2 ? 1.936  3.131  -3.111 1.00 0.00 ? 2 ARG A H    2  
ATOM   144  H HA   . ARG A 1 2 ? 4.524  4.428  -2.093 1.00 0.00 ? 2 ARG A HA   2  
ATOM   145  H HB2  . ARG A 1 2 ? 2.484  5.128  -0.687 1.00 0.00 ? 2 ARG A HB2  2  
ATOM   146  H HB3  . ARG A 1 2 ? 2.219  3.455  -0.290 1.00 0.00 ? 2 ARG A HB3  2  
ATOM   147  H HG2  . ARG A 1 2 ? 3.366  4.017  1.597  1.00 0.00 ? 2 ARG A HG2  2  
ATOM   148  H HG3  . ARG A 1 2 ? 4.800  3.621  0.692  1.00 0.00 ? 2 ARG A HG3  2  
ATOM   149  H HD2  . ARG A 1 2 ? 3.618  6.462  1.020  1.00 0.00 ? 2 ARG A HD2  2  
ATOM   150  H HD3  . ARG A 1 2 ? 4.896  5.762  2.029  1.00 0.00 ? 2 ARG A HD3  2  
ATOM   151  H HE   . ARG A 1 2 ? 5.793  5.559  -0.739 1.00 0.00 ? 2 ARG A HE   2  
ATOM   152  H HH11 . ARG A 1 2 ? 7.452  8.514  -0.900 1.00 0.00 ? 2 ARG A HH11 2  
ATOM   153  H HH12 . ARG A 1 2 ? 7.144  6.867  -1.610 1.00 0.00 ? 2 ARG A HH12 2  
ATOM   154  H HH21 . ARG A 1 2 ? 6.417  9.173  0.845  1.00 0.00 ? 2 ARG A HH21 2  
ATOM   155  H HH22 . ARG A 1 2 ? 5.211  8.039  1.624  1.00 0.00 ? 2 ARG A HH22 2  
ATOM   156  N N    . ALA A 1 3 ? 4.343  1.492  -0.905 1.00 0.00 ? 3 ALA A N    2  
ATOM   157  C CA   . ALA A 1 3 ? 4.687  0.039  -0.959 1.00 0.00 ? 3 ALA A CA   2  
ATOM   158  C C    . ALA A 1 3 ? 3.493  -0.963 -1.178 1.00 0.00 ? 3 ALA A C    2  
ATOM   159  O O    . ALA A 1 3 ? 3.701  -2.178 -1.201 1.00 0.00 ? 3 ALA A O    2  
ATOM   160  C CB   . ALA A 1 3 ? 5.390  -0.238 0.386  1.00 0.00 ? 3 ALA A CB   2  
ATOM   161  H H    . ALA A 1 3 ? 3.930  1.913  -0.067 1.00 0.00 ? 3 ALA A H    2  
ATOM   162  H HA   . ALA A 1 3 ? 5.416  -0.158 -1.770 1.00 0.00 ? 3 ALA A HA   2  
ATOM   163  H HB1  . ALA A 1 3 ? 4.714  -0.104 1.252  1.00 0.00 ? 3 ALA A HB1  2  
ATOM   164  H HB2  . ALA A 1 3 ? 5.763  -1.279 0.434  1.00 0.00 ? 3 ALA A HB2  2  
ATOM   165  H HB3  . ALA A 1 3 ? 6.269  0.415  0.544  1.00 0.00 ? 3 ALA A HB3  2  
HETATM 166  N N    . DCY A 1 4 ? 2.246  -0.466 -1.279 1.00 0.00 ? 4 DCY A N    2  
HETATM 167  C CA   . DCY A 1 4 ? 1.001  -1.280 -1.251 1.00 0.00 ? 4 DCY A CA   2  
HETATM 168  C C    . DCY A 1 4 ? 0.738  -2.131 0.047  1.00 0.00 ? 4 DCY A C    2  
HETATM 169  O O    . DCY A 1 4 ? 0.198  -3.234 -0.045 1.00 0.00 ? 4 DCY A O    2  
HETATM 170  C CB   . DCY A 1 4 ? -0.159 -0.275 -1.524 1.00 0.00 ? 4 DCY A CB   2  
HETATM 171  S SG   . DCY A 1 4 ? -1.193 -0.787 -2.909 1.00 0.00 ? 4 DCY A SG   2  
HETATM 172  H H    . DCY A 1 4 ? 2.236  0.549  -1.413 1.00 0.00 ? 4 DCY A H    2  
HETATM 173  H HA   . DCY A 1 4 ? 1.048  -1.996 -2.095 1.00 0.00 ? 4 DCY A HA   2  
HETATM 174  H HB2  . DCY A 1 4 ? -0.822 -0.171 -0.644 1.00 0.00 ? 4 DCY A HB2  2  
HETATM 175  H HB3  . DCY A 1 4 ? 0.163  0.761  -1.747 1.00 0.00 ? 4 DCY A HB3  2  
ATOM   176  N N    . ARG A 1 5 ? 1.061  -1.600 1.244  1.00 0.00 ? 5 ARG A N    2  
ATOM   177  C CA   . ARG A 1 5 ? 0.588  -2.158 2.550  1.00 0.00 ? 5 ARG A CA   2  
ATOM   178  C C    . ARG A 1 5 ? -0.850 -1.688 2.945  1.00 0.00 ? 5 ARG A C    2  
ATOM   179  O O    . ARG A 1 5 ? -1.690 -2.516 3.299  1.00 0.00 ? 5 ARG A O    2  
ATOM   180  C CB   . ARG A 1 5 ? 1.617  -1.820 3.673  1.00 0.00 ? 5 ARG A CB   2  
ATOM   181  C CG   . ARG A 1 5 ? 2.791  -2.817 3.797  1.00 0.00 ? 5 ARG A CG   2  
ATOM   182  C CD   . ARG A 1 5 ? 3.669  -2.530 5.033  1.00 0.00 ? 5 ARG A CD   2  
ATOM   183  N NE   . ARG A 1 5 ? 4.992  -3.191 4.870  1.00 0.00 ? 5 ARG A NE   2  
ATOM   184  C CZ   . ARG A 1 5 ? 5.892  -3.374 5.836  1.00 0.00 ? 5 ARG A CZ   2  
ATOM   185  N NH1  . ARG A 1 5 ? 7.068  -3.821 5.501  1.00 0.00 ? 5 ARG A NH1  2  
ATOM   186  N NH2  . ARG A 1 5 ? 5.661  -3.135 7.104  1.00 0.00 ? 5 ARG A NH2  2  
ATOM   187  H H    . ARG A 1 5 ? 1.572  -0.717 1.158  1.00 0.00 ? 5 ARG A H    2  
ATOM   188  H HA   . ARG A 1 5 ? 0.519  -3.262 2.471  1.00 0.00 ? 5 ARG A HA   2  
ATOM   189  H HB2  . ARG A 1 5 ? 2.012  -0.792 3.539  1.00 0.00 ? 5 ARG A HB2  2  
ATOM   190  H HB3  . ARG A 1 5 ? 1.099  -1.777 4.652  1.00 0.00 ? 5 ARG A HB3  2  
ATOM   191  H HG2  . ARG A 1 5 ? 2.396  -3.851 3.876  1.00 0.00 ? 5 ARG A HG2  2  
ATOM   192  H HG3  . ARG A 1 5 ? 3.375  -2.798 2.857  1.00 0.00 ? 5 ARG A HG3  2  
ATOM   193  H HD2  . ARG A 1 5 ? 3.815  -1.436 5.163  1.00 0.00 ? 5 ARG A HD2  2  
ATOM   194  H HD3  . ARG A 1 5 ? 3.134  -2.879 5.941  1.00 0.00 ? 5 ARG A HD3  2  
ATOM   195  H HE   . ARG A 1 5 ? 5.325  -3.452 3.938  1.00 0.00 ? 5 ARG A HE   2  
ATOM   196  H HH11 . ARG A 1 5 ? 7.751  -3.945 6.251  1.00 0.00 ? 5 ARG A HH11 2  
ATOM   197  H HH12 . ARG A 1 5 ? 7.235  -3.982 4.506  1.00 0.00 ? 5 ARG A HH12 2  
ATOM   198  H HH21 . ARG A 1 5 ? 6.402  -3.327 7.779  1.00 0.00 ? 5 ARG A HH21 2  
ATOM   199  H HH22 . ARG A 1 5 ? 4.712  -2.812 7.306  1.00 0.00 ? 5 ARG A HH22 2  
ATOM   200  N N    . PHE A 1 6 ? -1.109 -0.370 2.928  1.00 0.00 ? 6 PHE A N    2  
ATOM   201  C CA   . PHE A 1 6 ? -2.413 0.221  3.360  1.00 0.00 ? 6 PHE A CA   2  
ATOM   202  C C    . PHE A 1 6 ? -3.368 0.522  2.160  1.00 0.00 ? 6 PHE A C    2  
ATOM   203  O O    . PHE A 1 6 ? -4.560 0.220  2.237  1.00 0.00 ? 6 PHE A O    2  
ATOM   204  C CB   . PHE A 1 6 ? -2.159 1.482  4.246  1.00 0.00 ? 6 PHE A CB   2  
ATOM   205  C CG   . PHE A 1 6 ? -1.255 1.260  5.477  1.00 0.00 ? 6 PHE A CG   2  
ATOM   206  C CD1  . PHE A 1 6 ? 0.081  1.680  5.445  1.00 0.00 ? 6 PHE A CD1  2  
ATOM   207  C CD2  . PHE A 1 6 ? -1.723 0.544  6.585  1.00 0.00 ? 6 PHE A CD2  2  
ATOM   208  C CE1  . PHE A 1 6 ? 0.941  1.373  6.498  1.00 0.00 ? 6 PHE A CE1  2  
ATOM   209  C CE2  . PHE A 1 6 ? -0.862 0.241  7.638  1.00 0.00 ? 6 PHE A CE2  2  
ATOM   210  C CZ   . PHE A 1 6 ? 0.469  0.652  7.592  1.00 0.00 ? 6 PHE A CZ   2  
ATOM   211  H H    . PHE A 1 6 ? -0.314 0.205  2.643  1.00 0.00 ? 6 PHE A H    2  
ATOM   212  H HA   . PHE A 1 6 ? -2.957 -0.506 3.997  1.00 0.00 ? 6 PHE A HA   2  
ATOM   213  H HB2  . PHE A 1 6 ? -1.760 2.304  3.622  1.00 0.00 ? 6 PHE A HB2  2  
ATOM   214  H HB3  . PHE A 1 6 ? -3.134 1.874  4.597  1.00 0.00 ? 6 PHE A HB3  2  
ATOM   215  H HD1  . PHE A 1 6 ? 0.464  2.221  4.592  1.00 0.00 ? 6 PHE A HD1  2  
ATOM   216  H HD2  . PHE A 1 6 ? -2.745 0.197  6.619  1.00 0.00 ? 6 PHE A HD2  2  
ATOM   217  H HE1  . PHE A 1 6 ? 1.971  1.690  6.463  1.00 0.00 ? 6 PHE A HE1  2  
ATOM   218  H HE2  . PHE A 1 6 ? -1.223 -0.325 8.485  1.00 0.00 ? 6 PHE A HE2  2  
ATOM   219  H HZ   . PHE A 1 6 ? 1.135  0.410  8.407  1.00 0.00 ? 6 PHE A HZ   2  
ATOM   220  N N    . PHE A 1 7 ? -2.858 1.094  1.052  1.00 0.00 ? 7 PHE A N    2  
ATOM   221  C CA   . PHE A 1 7 ? -3.677 1.463  -0.143 1.00 0.00 ? 7 PHE A CA   2  
ATOM   222  C C    . PHE A 1 7 ? -3.887 0.306  -1.206 1.00 0.00 ? 7 PHE A C    2  
ATOM   223  O O    . PHE A 1 7 ? -4.178 0.587  -2.371 1.00 0.00 ? 7 PHE A O    2  
ATOM   224  C CB   . PHE A 1 7 ? -3.052 2.759  -0.769 1.00 0.00 ? 7 PHE A CB   2  
ATOM   225  C CG   . PHE A 1 7 ? -2.596 3.948  0.128  1.00 0.00 ? 7 PHE A CG   2  
ATOM   226  C CD1  . PHE A 1 7 ? -1.426 4.641  -0.204 1.00 0.00 ? 7 PHE A CD1  2  
ATOM   227  C CD2  . PHE A 1 7 ? -3.281 4.298  1.302  1.00 0.00 ? 7 PHE A CD2  2  
ATOM   228  C CE1  . PHE A 1 7 ? -0.931 5.639  0.634  1.00 0.00 ? 7 PHE A CE1  2  
ATOM   229  C CE2  . PHE A 1 7 ? -2.775 5.283  2.148  1.00 0.00 ? 7 PHE A CE2  2  
ATOM   230  C CZ   . PHE A 1 7 ? -1.601 5.950  1.813  1.00 0.00 ? 7 PHE A CZ   2  
ATOM   231  H H    . PHE A 1 7 ? -1.882 1.390  1.147  1.00 0.00 ? 7 PHE A H    2  
ATOM   232  H HA   . PHE A 1 7 ? -4.700 1.737  0.191  1.00 0.00 ? 7 PHE A HA   2  
ATOM   233  H HB2  . PHE A 1 7 ? -2.195 2.439  -1.393 1.00 0.00 ? 7 PHE A HB2  2  
ATOM   234  H HB3  . PHE A 1 7 ? -3.771 3.164  -1.507 1.00 0.00 ? 7 PHE A HB3  2  
ATOM   235  H HD1  . PHE A 1 7 ? -0.887 4.407  -1.112 1.00 0.00 ? 7 PHE A HD1  2  
ATOM   236  H HD2  . PHE A 1 7 ? -4.181 3.775  1.587  1.00 0.00 ? 7 PHE A HD2  2  
ATOM   237  H HE1  . PHE A 1 7 ? -0.028 6.170  0.372  1.00 0.00 ? 7 PHE A HE1  2  
ATOM   238  H HE2  . PHE A 1 7 ? -3.291 5.521  3.069  1.00 0.00 ? 7 PHE A HE2  2  
ATOM   239  H HZ   . PHE A 1 7 ? -1.211 6.715  2.472  1.00 0.00 ? 7 PHE A HZ   2  
ATOM   240  N N    . CYS A 1 8 ? -3.765 -0.980 -0.813 1.00 0.00 ? 8 CYS A N    2  
ATOM   241  C CA   . CYS A 1 8 ? -4.049 -2.162 -1.666 1.00 0.00 ? 8 CYS A CA   2  
ATOM   242  C C    . CYS A 1 8 ? -5.339 -2.850 -1.143 1.00 0.00 ? 8 CYS A C    2  
ATOM   243  O O    . CYS A 1 8 ? -5.386 -3.596 -0.012 1.00 0.00 ? 8 CYS A O    2  
ATOM   244  C CB   . CYS A 1 8 ? -2.839 -3.128 -1.610 1.00 0.00 ? 8 CYS A CB   2  
ATOM   245  S SG   . CYS A 1 8 ? -1.557 -2.746 -2.821 1.00 0.00 ? 8 CYS A SG   2  
ATOM   246  O OXT  . CYS A 1 8 ? -6.417 -2.623 -1.941 1.00 0.00 ? 8 CYS A OXT  2  
ATOM   247  H H    . CYS A 1 8 ? -3.591 -1.075 0.196  1.00 0.00 ? 8 CYS A H    2  
ATOM   248  H HA   . CYS A 1 8 ? -4.218 -1.875 -2.723 1.00 0.00 ? 8 CYS A HA   2  
ATOM   249  H HB2  . CYS A 1 8 ? -2.382 -3.166 -0.603 1.00 0.00 ? 8 CYS A HB2  2  
ATOM   250  H HB3  . CYS A 1 8 ? -3.150 -4.170 -1.819 1.00 0.00 ? 8 CYS A HB3  2  
HETATM 251  C C    . ACE A 1 1 ? 2.593  4.860  -3.796 1.00 0.00 ? 1 ACE A C    3  
HETATM 252  O O    . ACE A 1 1 ? 3.372  5.812  -3.767 1.00 0.00 ? 1 ACE A O    3  
HETATM 253  C CH3  . ACE A 1 1 ? 1.484  4.804  -4.834 1.00 0.00 ? 1 ACE A CH3  3  
HETATM 254  H H1   . ACE A 1 1 ? 0.890  3.872  -4.815 1.00 0.00 ? 1 ACE A H1   3  
HETATM 255  H H2   . ACE A 1 1 ? 0.785  5.646  -4.687 1.00 0.00 ? 1 ACE A H2   3  
HETATM 256  H H3   . ACE A 1 1 ? 1.909  4.904  -5.847 1.00 0.00 ? 1 ACE A H3   3  
ATOM   257  N N    . ARG A 1 2 ? 2.647  3.835  -2.942 1.00 0.00 ? 2 ARG A N    3  
ATOM   258  C CA   . ARG A 1 2 ? 3.712  3.698  -1.903 1.00 0.00 ? 2 ARG A CA   3  
ATOM   259  C C    . ARG A 1 2 ? 4.363  2.271  -2.016 1.00 0.00 ? 2 ARG A C    3  
ATOM   260  O O    . ARG A 1 2 ? 4.791  1.870  -3.101 1.00 0.00 ? 2 ARG A O    3  
ATOM   261  C CB   . ARG A 1 2 ? 3.053  4.132  -0.550 1.00 0.00 ? 2 ARG A CB   3  
ATOM   262  C CG   . ARG A 1 2 ? 3.995  4.308  0.677  1.00 0.00 ? 2 ARG A CG   3  
ATOM   263  C CD   . ARG A 1 2 ? 4.412  5.754  1.008  1.00 0.00 ? 2 ARG A CD   3  
ATOM   264  N NE   . ARG A 1 2 ? 5.357  6.299  -0.004 1.00 0.00 ? 2 ARG A NE   3  
ATOM   265  C CZ   . ARG A 1 2 ? 5.782  7.560  -0.061 1.00 0.00 ? 2 ARG A CZ   3  
ATOM   266  N NH1  . ARG A 1 2 ? 6.580  7.899  -1.031 1.00 0.00 ? 2 ARG A NH1  3  
ATOM   267  N NH2  . ARG A 1 2 ? 5.440  8.480  0.808  1.00 0.00 ? 2 ARG A NH2  3  
ATOM   268  H H    . ARG A 1 2 ? 1.971  3.097  -3.157 1.00 0.00 ? 2 ARG A H    3  
ATOM   269  H HA   . ARG A 1 2 ? 4.541  4.399  -2.118 1.00 0.00 ? 2 ARG A HA   3  
ATOM   270  H HB2  . ARG A 1 2 ? 2.487  5.075  -0.696 1.00 0.00 ? 2 ARG A HB2  3  
ATOM   271  H HB3  . ARG A 1 2 ? 2.261  3.399  -0.294 1.00 0.00 ? 2 ARG A HB3  3  
ATOM   272  H HG2  . ARG A 1 2 ? 3.464  3.915  1.567  1.00 0.00 ? 2 ARG A HG2  3  
ATOM   273  H HG3  . ARG A 1 2 ? 4.898  3.671  0.608  1.00 0.00 ? 2 ARG A HG3  3  
ATOM   274  H HD2  . ARG A 1 2 ? 3.503  6.385  1.100  1.00 0.00 ? 2 ARG A HD2  3  
ATOM   275  H HD3  . ARG A 1 2 ? 4.889  5.765  2.011  1.00 0.00 ? 2 ARG A HD3  3  
ATOM   276  H HE   . ARG A 1 2 ? 5.719  5.704  -0.754 1.00 0.00 ? 2 ARG A HE   3  
ATOM   277  H HH11 . ARG A 1 2 ? 6.889  8.871  -1.061 1.00 0.00 ? 2 ARG A HH11 3  
ATOM   278  H HH12 . ARG A 1 2 ? 6.823  7.171  -1.706 1.00 0.00 ? 2 ARG A HH12 3  
ATOM   279  H HH21 . ARG A 1 2 ? 5.805  9.427  0.689  1.00 0.00 ? 2 ARG A HH21 3  
ATOM   280  H HH22 . ARG A 1 2 ? 4.815  8.147  1.545  1.00 0.00 ? 2 ARG A HH22 3  
ATOM   281  N N    . ALA A 1 3 ? 4.432  1.489  -0.924 1.00 0.00 ? 3 ALA A N    3  
ATOM   282  C CA   . ALA A 1 3 ? 4.737  0.028  -0.974 1.00 0.00 ? 3 ALA A CA   3  
ATOM   283  C C    . ALA A 1 3 ? 3.519  -0.946 -1.188 1.00 0.00 ? 3 ALA A C    3  
ATOM   284  O O    . ALA A 1 3 ? 3.709  -2.162 -1.258 1.00 0.00 ? 3 ALA A O    3  
ATOM   285  C CB   . ALA A 1 3 ? 5.436  -0.264 0.370  1.00 0.00 ? 3 ALA A CB   3  
ATOM   286  H H    . ALA A 1 3 ? 4.080  1.932  -0.071 1.00 0.00 ? 3 ALA A H    3  
ATOM   287  H HA   . ALA A 1 3 ? 5.460  -0.187 -1.789 1.00 0.00 ? 3 ALA A HA   3  
ATOM   288  H HB1  . ALA A 1 3 ? 6.344  0.351  0.511  1.00 0.00 ? 3 ALA A HB1  3  
ATOM   289  H HB2  . ALA A 1 3 ? 4.772  -0.084 1.238  1.00 0.00 ? 3 ALA A HB2  3  
ATOM   290  H HB3  . ALA A 1 3 ? 5.762  -1.319 0.431  1.00 0.00 ? 3 ALA A HB3  3  
HETATM 291  N N    . DCY A 1 4 ? 2.279  -0.426 -1.235 1.00 0.00 ? 4 DCY A N    3  
HETATM 292  C CA   . DCY A 1 4 ? 1.027  -1.228 -1.249 1.00 0.00 ? 4 DCY A CA   3  
HETATM 293  C C    . DCY A 1 4 ? 0.742  -2.098 0.032  1.00 0.00 ? 4 DCY A C    3  
HETATM 294  O O    . DCY A 1 4 ? 0.218  -3.206 -0.083 1.00 0.00 ? 4 DCY A O    3  
HETATM 295  C CB   . DCY A 1 4 ? -0.119 -0.211 -1.532 1.00 0.00 ? 4 DCY A CB   3  
HETATM 296  S SG   . DCY A 1 4 ? -1.203 -0.765 -2.860 1.00 0.00 ? 4 DCY A SG   3  
HETATM 297  H H    . DCY A 1 4 ? 2.282  0.591  -1.344 1.00 0.00 ? 4 DCY A H    3  
HETATM 298  H HA   . DCY A 1 4 ? 1.084  -1.930 -2.103 1.00 0.00 ? 4 DCY A HA   3  
HETATM 299  H HB2  . DCY A 1 4 ? -0.745 -0.041 -0.636 1.00 0.00 ? 4 DCY A HB2  3  
HETATM 300  H HB3  . DCY A 1 4 ? 0.224  0.801  -1.826 1.00 0.00 ? 4 DCY A HB3  3  
ATOM   301  N N    . ARG A 1 5 ? 1.039  -1.579 1.242  1.00 0.00 ? 5 ARG A N    3  
ATOM   302  C CA   . ARG A 1 5 ? 0.567  -2.167 2.535  1.00 0.00 ? 5 ARG A CA   3  
ATOM   303  C C    . ARG A 1 5 ? -0.872 -1.715 2.950  1.00 0.00 ? 5 ARG A C    3  
ATOM   304  O O    . ARG A 1 5 ? -1.682 -2.549 3.357  1.00 0.00 ? 5 ARG A O    3  
ATOM   305  C CB   . ARG A 1 5 ? 1.600  -1.850 3.662  1.00 0.00 ? 5 ARG A CB   3  
ATOM   306  C CG   . ARG A 1 5 ? 2.794  -2.827 3.740  1.00 0.00 ? 5 ARG A CG   3  
ATOM   307  C CD   . ARG A 1 5 ? 3.679  -2.564 4.974  1.00 0.00 ? 5 ARG A CD   3  
ATOM   308  N NE   . ARG A 1 5 ? 5.002  -3.224 4.794  1.00 0.00 ? 5 ARG A NE   3  
ATOM   309  C CZ   . ARG A 1 5 ? 5.910  -3.418 5.751  1.00 0.00 ? 5 ARG A CZ   3  
ATOM   310  N NH1  . ARG A 1 5 ? 7.082  -3.861 5.404  1.00 0.00 ? 5 ARG A NH1  3  
ATOM   311  N NH2  . ARG A 1 5 ? 5.687  -3.192 7.023  1.00 0.00 ? 5 ARG A NH2  3  
ATOM   312  H H    . ARG A 1 5 ? 1.562  -0.701 1.178  1.00 0.00 ? 5 ARG A H    3  
ATOM   313  H HA   . ARG A 1 5 ? 0.504  -3.271 2.433  1.00 0.00 ? 5 ARG A HA   3  
ATOM   314  H HB2  . ARG A 1 5 ? 1.972  -0.810 3.561  1.00 0.00 ? 5 ARG A HB2  3  
ATOM   315  H HB3  . ARG A 1 5 ? 1.089  -1.853 4.645  1.00 0.00 ? 5 ARG A HB3  3  
ATOM   316  H HG2  . ARG A 1 5 ? 2.420  -3.872 3.788  1.00 0.00 ? 5 ARG A HG2  3  
ATOM   317  H HG3  . ARG A 1 5 ? 3.370  -2.766 2.795  1.00 0.00 ? 5 ARG A HG3  3  
ATOM   318  H HD2  . ARG A 1 5 ? 3.827  -1.473 5.122  1.00 0.00 ? 5 ARG A HD2  3  
ATOM   319  H HD3  . ARG A 1 5 ? 3.150  -2.928 5.879  1.00 0.00 ? 5 ARG A HD3  3  
ATOM   320  H HE   . ARG A 1 5 ? 5.326  -3.478 3.857  1.00 0.00 ? 5 ARG A HE   3  
ATOM   321  H HH11 . ARG A 1 5 ? 7.771  -3.993 6.147  1.00 0.00 ? 5 ARG A HH11 3  
ATOM   322  H HH12 . ARG A 1 5 ? 7.244  -4.014 4.406  1.00 0.00 ? 5 ARG A HH12 3  
ATOM   323  H HH21 . ARG A 1 5 ? 6.434  -3.390 7.691  1.00 0.00 ? 5 ARG A HH21 3  
ATOM   324  H HH22 . ARG A 1 5 ? 4.742  -2.872 7.236  1.00 0.00 ? 5 ARG A HH22 3  
ATOM   325  N N    . PHE A 1 6 ? -1.161 -0.404 2.897  1.00 0.00 ? 6 PHE A N    3  
ATOM   326  C CA   . PHE A 1 6 ? -2.462 0.182  3.348  1.00 0.00 ? 6 PHE A CA   3  
ATOM   327  C C    . PHE A 1 6 ? -3.416 0.509  2.154  1.00 0.00 ? 6 PHE A C    3  
ATOM   328  O O    . PHE A 1 6 ? -4.600 0.170  2.195  1.00 0.00 ? 6 PHE A O    3  
ATOM   329  C CB   . PHE A 1 6 ? -2.194 1.423  4.258  1.00 0.00 ? 6 PHE A CB   3  
ATOM   330  C CG   . PHE A 1 6 ? -1.265 1.181  5.469  1.00 0.00 ? 6 PHE A CG   3  
ATOM   331  C CD1  . PHE A 1 6 ? 0.062  1.622  5.429  1.00 0.00 ? 6 PHE A CD1  3  
ATOM   332  C CD2  . PHE A 1 6 ? -1.705 0.428  6.565  1.00 0.00 ? 6 PHE A CD2  3  
ATOM   333  C CE1  . PHE A 1 6 ? 0.941  1.303  6.462  1.00 0.00 ? 6 PHE A CE1  3  
ATOM   334  C CE2  . PHE A 1 6 ? -0.824 0.112  7.597  1.00 0.00 ? 6 PHE A CE2  3  
ATOM   335  C CZ   . PHE A 1 6 ? 0.496  0.547  7.544  1.00 0.00 ? 6 PHE A CZ   3  
ATOM   336  H H    . PHE A 1 6 ? -0.391 0.169  2.548  1.00 0.00 ? 6 PHE A H    3  
ATOM   337  H HA   . PHE A 1 6 ? -3.008 -0.555 3.973  1.00 0.00 ? 6 PHE A HA   3  
ATOM   338  H HB2  . PHE A 1 6 ? -1.807 2.258  3.644  1.00 0.00 ? 6 PHE A HB2  3  
ATOM   339  H HB3  . PHE A 1 6 ? -3.163 1.805  4.634  1.00 0.00 ? 6 PHE A HB3  3  
ATOM   340  H HD1  . PHE A 1 6 ? 0.425  2.192  4.584  1.00 0.00 ? 6 PHE A HD1  3  
ATOM   341  H HD2  . PHE A 1 6 ? -2.723 0.064  6.603  1.00 0.00 ? 6 PHE A HD2  3  
ATOM   342  H HE1  . PHE A 1 6 ? 1.967  1.639  6.422  1.00 0.00 ? 6 PHE A HE1  3  
ATOM   343  H HE2  . PHE A 1 6 ? -1.166 -0.479 8.434  1.00 0.00 ? 6 PHE A HE2  3  
ATOM   344  H HZ   . PHE A 1 6 ? 1.180  0.296  8.344  1.00 0.00 ? 6 PHE A HZ   3  
ATOM   345  N N    . PHE A 1 7 ? -2.897 1.129  1.079  1.00 0.00 ? 7 PHE A N    3  
ATOM   346  C CA   . PHE A 1 7 ? -3.668 1.484  -0.154 1.00 0.00 ? 7 PHE A CA   3  
ATOM   347  C C    . PHE A 1 7 ? -3.935 0.304  -1.180 1.00 0.00 ? 7 PHE A C    3  
ATOM   348  O O    . PHE A 1 7 ? -4.344 0.559  -2.314 1.00 0.00 ? 7 PHE A O    3  
ATOM   349  C CB   . PHE A 1 7 ? -2.930 2.690  -0.837 1.00 0.00 ? 7 PHE A CB   3  
ATOM   350  C CG   . PHE A 1 7 ? -2.449 3.868  0.049  1.00 0.00 ? 7 PHE A CG   3  
ATOM   351  C CD1  . PHE A 1 7 ? -1.123 3.893  0.503  1.00 0.00 ? 7 PHE A CD1  3  
ATOM   352  C CD2  . PHE A 1 7 ? -3.346 4.838  0.508  1.00 0.00 ? 7 PHE A CD2  3  
ATOM   353  C CE1  . PHE A 1 7 ? -0.709 4.855  1.419  1.00 0.00 ? 7 PHE A CE1  3  
ATOM   354  C CE2  . PHE A 1 7 ? -2.927 5.807  1.420  1.00 0.00 ? 7 PHE A CE2  3  
ATOM   355  C CZ   . PHE A 1 7 ? -1.612 5.811  1.877  1.00 0.00 ? 7 PHE A CZ   3  
ATOM   356  H H    . PHE A 1 7 ? -1.947 1.478  1.226  1.00 0.00 ? 7 PHE A H    3  
ATOM   357  H HA   . PHE A 1 7 ? -4.671 1.847  0.151  1.00 0.00 ? 7 PHE A HA   3  
ATOM   358  H HB2  . PHE A 1 7 ? -2.069 2.300  -1.414 1.00 0.00 ? 7 PHE A HB2  3  
ATOM   359  H HB3  . PHE A 1 7 ? -3.592 3.099  -1.626 1.00 0.00 ? 7 PHE A HB3  3  
ATOM   360  H HD1  . PHE A 1 7 ? -0.419 3.141  0.175  1.00 0.00 ? 7 PHE A HD1  3  
ATOM   361  H HD2  . PHE A 1 7 ? -4.377 4.825  0.184  1.00 0.00 ? 7 PHE A HD2  3  
ATOM   362  H HE1  . PHE A 1 7 ? 0.306  4.854  1.788  1.00 0.00 ? 7 PHE A HE1  3  
ATOM   363  H HE2  . PHE A 1 7 ? -3.626 6.547  1.783  1.00 0.00 ? 7 PHE A HE2  3  
ATOM   364  H HZ   . PHE A 1 7 ? -1.295 6.551  2.599  1.00 0.00 ? 7 PHE A HZ   3  
ATOM   365  N N    . CYS A 1 8 ? -3.715 -0.972 -0.793 1.00 0.00 ? 8 CYS A N    3  
ATOM   366  C CA   . CYS A 1 8 ? -4.034 -2.177 -1.608 1.00 0.00 ? 8 CYS A CA   3  
ATOM   367  C C    . CYS A 1 8 ? -5.354 -2.866 -1.128 1.00 0.00 ? 8 CYS A C    3  
ATOM   368  O O    . CYS A 1 8 ? -6.238 -2.284 -0.283 1.00 0.00 ? 8 CYS A O    3  
ATOM   369  C CB   . CYS A 1 8 ? -2.795 -3.108 -1.502 1.00 0.00 ? 8 CYS A CB   3  
ATOM   370  S SG   . CYS A 1 8 ? -1.529 -2.728 -2.730 1.00 0.00 ? 8 CYS A SG   3  
ATOM   371  O OXT  . CYS A 1 8 ? -5.519 -4.118 -1.651 1.00 0.00 ? 8 CYS A OXT  3  
ATOM   372  H H    . CYS A 1 8 ? -3.514 -1.042 0.210  1.00 0.00 ? 8 CYS A H    3  
ATOM   373  H HA   . CYS A 1 8 ? -4.187 -1.916 -2.673 1.00 0.00 ? 8 CYS A HA   3  
ATOM   374  H HB2  . CYS A 1 8 ? -2.339 -3.099 -0.493 1.00 0.00 ? 8 CYS A HB2  3  
ATOM   375  H HB3  . CYS A 1 8 ? -3.061 -4.167 -1.676 1.00 0.00 ? 8 CYS A HB3  3  
HETATM 376  C C    . ACE A 1 1 ? 2.545  4.882  -3.802 1.00 0.00 ? 1 ACE A C    4  
HETATM 377  O O    . ACE A 1 1 ? 3.291  5.858  -3.778 1.00 0.00 ? 1 ACE A O    4  
HETATM 378  C CH3  . ACE A 1 1 ? 1.415  4.811  -4.817 1.00 0.00 ? 1 ACE A CH3  4  
HETATM 379  H H1   . ACE A 1 1 ? 0.878  3.844  -4.829 1.00 0.00 ? 1 ACE A H1   4  
HETATM 380  H H2   . ACE A 1 1 ? 0.674  5.605  -4.617 1.00 0.00 ? 1 ACE A H2   4  
HETATM 381  H H3   . ACE A 1 1 ? 1.811  4.979  -5.834 1.00 0.00 ? 1 ACE A H3   4  
ATOM   382  N N    . ARG A 1 2 ? 2.651  3.849  -2.964 1.00 0.00 ? 2 ARG A N    4  
ATOM   383  C CA   . ARG A 1 2 ? 3.765  3.718  -1.976 1.00 0.00 ? 2 ARG A CA   4  
ATOM   384  C C    . ARG A 1 2 ? 4.345  2.259  -2.051 1.00 0.00 ? 2 ARG A C    4  
ATOM   385  O O    . ARG A 1 2 ? 4.734  1.807  -3.131 1.00 0.00 ? 2 ARG A O    4  
ATOM   386  C CB   . ARG A 1 2 ? 3.219  4.270  -0.614 1.00 0.00 ? 2 ARG A CB   4  
ATOM   387  C CG   . ARG A 1 2 ? 4.232  4.345  0.565  1.00 0.00 ? 2 ARG A CG   4  
ATOM   388  C CD   . ARG A 1 2 ? 4.453  5.744  1.182  1.00 0.00 ? 2 ARG A CD   4  
ATOM   389  N NE   . ARG A 1 2 ? 3.258  6.299  1.886  1.00 0.00 ? 2 ARG A NE   4  
ATOM   390  C CZ   . ARG A 1 2 ? 2.890  6.025  3.141  1.00 0.00 ? 2 ARG A CZ   4  
ATOM   391  N NH1  . ARG A 1 2 ? 1.875  6.668  3.641  1.00 0.00 ? 2 ARG A NH1  4  
ATOM   392  N NH2  . ARG A 1 2 ? 3.492  5.140  3.897  1.00 0.00 ? 2 ARG A NH2  4  
ATOM   393  H H    . ARG A 1 2 ? 2.002  3.089  -3.185 1.00 0.00 ? 2 ARG A H    4  
ATOM   394  H HA   . ARG A 1 2 ? 4.614  4.366  -2.276 1.00 0.00 ? 2 ARG A HA   4  
ATOM   395  H HB2  . ARG A 1 2 ? 2.797  5.280  -0.795 1.00 0.00 ? 2 ARG A HB2  4  
ATOM   396  H HB3  . ARG A 1 2 ? 2.338  3.676  -0.301 1.00 0.00 ? 2 ARG A HB3  4  
ATOM   397  H HG2  . ARG A 1 2 ? 3.922  3.635  1.357  1.00 0.00 ? 2 ARG A HG2  4  
ATOM   398  H HG3  . ARG A 1 2 ? 5.222  3.971  0.238  1.00 0.00 ? 2 ARG A HG3  4  
ATOM   399  H HD2  . ARG A 1 2 ? 5.340  5.731  1.852  1.00 0.00 ? 2 ARG A HD2  4  
ATOM   400  H HD3  . ARG A 1 2 ? 4.756  6.443  0.375  1.00 0.00 ? 2 ARG A HD3  4  
ATOM   401  H HE   . ARG A 1 2 ? 2.679  7.011  1.430  1.00 0.00 ? 2 ARG A HE   4  
ATOM   402  H HH11 . ARG A 1 2 ? 1.618  6.456  4.607  1.00 0.00 ? 2 ARG A HH11 4  
ATOM   403  H HH12 . ARG A 1 2 ? 1.441  7.378  3.046  1.00 0.00 ? 2 ARG A HH12 4  
ATOM   404  H HH21 . ARG A 1 2 ? 3.154  4.999  4.850  1.00 0.00 ? 2 ARG A HH21 4  
ATOM   405  H HH22 . ARG A 1 2 ? 4.289  4.686  3.446  1.00 0.00 ? 2 ARG A HH22 4  
ATOM   406  N N    . ALA A 1 3 ? 4.404  1.509  -0.939 1.00 0.00 ? 3 ALA A N    4  
ATOM   407  C CA   . ALA A 1 3 ? 4.716  0.047  -0.944 1.00 0.00 ? 3 ALA A CA   4  
ATOM   408  C C    . ALA A 1 3 ? 3.513  -0.943 -1.149 1.00 0.00 ? 3 ALA A C    4  
ATOM   409  O O    . ALA A 1 3 ? 3.718  -2.159 -1.205 1.00 0.00 ? 3 ALA A O    4  
ATOM   410  C CB   . ALA A 1 3 ? 5.407  -0.210 0.411  1.00 0.00 ? 3 ALA A CB   4  
ATOM   411  H H    . ALA A 1 3 ? 4.096  1.992  -0.091 1.00 0.00 ? 3 ALA A H    4  
ATOM   412  H HA   . ALA A 1 3 ? 5.450  -0.180 -1.745 1.00 0.00 ? 3 ALA A HA   4  
ATOM   413  H HB1  . ALA A 1 3 ? 6.295  0.434  0.559  1.00 0.00 ? 3 ALA A HB1  4  
ATOM   414  H HB2  . ALA A 1 3 ? 4.728  -0.047 1.269  1.00 0.00 ? 3 ALA A HB2  4  
ATOM   415  H HB3  . ALA A 1 3 ? 5.767  -1.255 0.483  1.00 0.00 ? 3 ALA A HB3  4  
HETATM 416  N N    . DCY A 1 4 ? 2.267  -0.440 -1.203 1.00 0.00 ? 4 DCY A N    4  
HETATM 417  C CA   . DCY A 1 4 ? 1.024  -1.257 -1.226 1.00 0.00 ? 4 DCY A CA   4  
HETATM 418  C C    . DCY A 1 4 ? 0.730  -2.124 0.054  1.00 0.00 ? 4 DCY A C    4  
HETATM 419  O O    . DCY A 1 4 ? 0.184  -3.221 -0.061 1.00 0.00 ? 4 DCY A O    4  
HETATM 420  C CB   . DCY A 1 4 ? -0.128 -0.252 -1.526 1.00 0.00 ? 4 DCY A CB   4  
HETATM 421  S SG   . DCY A 1 4 ? -1.178 -0.809 -2.881 1.00 0.00 ? 4 DCY A SG   4  
HETATM 422  H H    . DCY A 1 4 ? 2.261  0.577  -1.330 1.00 0.00 ? 4 DCY A H    4  
HETATM 423  H HA   . DCY A 1 4 ? 1.099  -1.962 -2.077 1.00 0.00 ? 4 DCY A HA   4  
HETATM 424  H HB2  . DCY A 1 4 ? -0.775 -0.096 -0.641 1.00 0.00 ? 4 DCY A HB2  4  
HETATM 425  H HB3  . DCY A 1 4 ? 0.206  0.765  -1.805 1.00 0.00 ? 4 DCY A HB3  4  
ATOM   426  N N    . ARG A 1 5 ? 1.042  -1.616 1.265  1.00 0.00 ? 5 ARG A N    4  
ATOM   427  C CA   . ARG A 1 5 ? 0.562  -2.201 2.557  1.00 0.00 ? 5 ARG A CA   4  
ATOM   428  C C    . ARG A 1 5 ? -0.871 -1.734 2.983  1.00 0.00 ? 5 ARG A C    4  
ATOM   429  O O    . ARG A 1 5 ? -1.671 -2.549 3.441  1.00 0.00 ? 5 ARG A O    4  
ATOM   430  C CB   . ARG A 1 5 ? 1.595  -1.887 3.683  1.00 0.00 ? 5 ARG A CB   4  
ATOM   431  C CG   . ARG A 1 5 ? 2.797  -2.855 3.756  1.00 0.00 ? 5 ARG A CG   4  
ATOM   432  C CD   . ARG A 1 5 ? 3.672  -2.600 5.000  1.00 0.00 ? 5 ARG A CD   4  
ATOM   433  N NE   . ARG A 1 5 ? 5.000  -3.245 4.827  1.00 0.00 ? 5 ARG A NE   4  
ATOM   434  C CZ   . ARG A 1 5 ? 5.903  -3.436 5.791  1.00 0.00 ? 5 ARG A CZ   4  
ATOM   435  N NH1  . ARG A 1 5 ? 7.084  -3.864 5.452  1.00 0.00 ? 5 ARG A NH1  4  
ATOM   436  N NH2  . ARG A 1 5 ? 5.665  -3.220 7.063  1.00 0.00 ? 5 ARG A NH2  4  
ATOM   437  H H    . ARG A 1 5 ? 1.589  -0.753 1.199  1.00 0.00 ? 5 ARG A H    4  
ATOM   438  H HA   . ARG A 1 5 ? 0.490  -3.303 2.458  1.00 0.00 ? 5 ARG A HA   4  
ATOM   439  H HB2  . ARG A 1 5 ? 1.958  -0.844 3.592  1.00 0.00 ? 5 ARG A HB2  4  
ATOM   440  H HB3  . ARG A 1 5 ? 1.086  -1.905 4.668  1.00 0.00 ? 5 ARG A HB3  4  
ATOM   441  H HG2  . ARG A 1 5 ? 2.436  -3.903 3.782  1.00 0.00 ? 5 ARG A HG2  4  
ATOM   442  H HG3  . ARG A 1 5 ? 3.381  -2.772 2.816  1.00 0.00 ? 5 ARG A HG3  4  
ATOM   443  H HD2  . ARG A 1 5 ? 3.807  -1.511 5.164  1.00 0.00 ? 5 ARG A HD2  4  
ATOM   444  H HD3  . ARG A 1 5 ? 3.136  -2.980 5.895  1.00 0.00 ? 5 ARG A HD3  4  
ATOM   445  H HE   . ARG A 1 5 ? 5.336  -3.492 3.892  1.00 0.00 ? 5 ARG A HE   4  
ATOM   446  H HH11 . ARG A 1 5 ? 7.766  -3.993 6.201  1.00 0.00 ? 5 ARG A HH11 4  
ATOM   447  H HH12 . ARG A 1 5 ? 7.255  -4.008 4.457  1.00 0.00 ? 5 ARG A HH12 4  
ATOM   448  H HH21 . ARG A 1 5 ? 6.408  -3.416 7.737  1.00 0.00 ? 5 ARG A HH21 4  
ATOM   449  H HH22 . ARG A 1 5 ? 4.713  -2.915 7.269  1.00 0.00 ? 5 ARG A HH22 4  
ATOM   450  N N    . PHE A 1 6 ? -1.160 -0.427 2.887  1.00 0.00 ? 6 PHE A N    4  
ATOM   451  C CA   . PHE A 1 6 ? -2.444 0.184  3.350  1.00 0.00 ? 6 PHE A CA   4  
ATOM   452  C C    . PHE A 1 6 ? -3.406 0.500  2.157  1.00 0.00 ? 6 PHE A C    4  
ATOM   453  O O    . PHE A 1 6 ? -4.584 0.144  2.196  1.00 0.00 ? 6 PHE A O    4  
ATOM   454  C CB   . PHE A 1 6 ? -2.144 1.440  4.228  1.00 0.00 ? 6 PHE A CB   4  
ATOM   455  C CG   . PHE A 1 6 ? -1.237 1.204  5.456  1.00 0.00 ? 6 PHE A CG   4  
ATOM   456  C CD1  . PHE A 1 6 ? -1.763 0.667  6.637  1.00 0.00 ? 6 PHE A CD1  4  
ATOM   457  C CD2  . PHE A 1 6 ? 0.139  1.438  5.361  1.00 0.00 ? 6 PHE A CD2  4  
ATOM   458  C CE1  . PHE A 1 6 ? -0.919 0.360  7.702  1.00 0.00 ? 6 PHE A CE1  4  
ATOM   459  C CE2  . PHE A 1 6 ? 0.981  1.124  6.426  1.00 0.00 ? 6 PHE A CE2  4  
ATOM   460  C CZ   . PHE A 1 6 ? 0.451  0.585  7.595  1.00 0.00 ? 6 PHE A CZ   4  
ATOM   461  H H    . PHE A 1 6 ? -0.410 0.123  2.460  1.00 0.00 ? 6 PHE A H    4  
ATOM   462  H HA   . PHE A 1 6 ? -2.992 -0.533 3.997  1.00 0.00 ? 6 PHE A HA   4  
ATOM   463  H HB2  . PHE A 1 6 ? -1.718 2.247  3.599  1.00 0.00 ? 6 PHE A HB2  4  
ATOM   464  H HB3  . PHE A 1 6 ? -3.105 1.867  4.577  1.00 0.00 ? 6 PHE A HB3  4  
ATOM   465  H HD1  . PHE A 1 6 ? -2.821 0.467  6.723  1.00 0.00 ? 6 PHE A HD1  4  
ATOM   466  H HD2  . PHE A 1 6 ? 0.564  1.831  4.449  1.00 0.00 ? 6 PHE A HD2  4  
ATOM   467  H HE1  . PHE A 1 6 ? -1.329 -0.061 8.610  1.00 0.00 ? 6 PHE A HE1  4  
ATOM   468  H HE2  . PHE A 1 6 ? 2.045  1.287  6.341  1.00 0.00 ? 6 PHE A HE2  4  
ATOM   469  H HZ   . PHE A 1 6 ? 1.103  0.336  8.421  1.00 0.00 ? 6 PHE A HZ   4  
ATOM   470  N N    . PHE A 1 7 ? -2.894 1.131  1.084  1.00 0.00 ? 7 PHE A N    4  
ATOM   471  C CA   . PHE A 1 7 ? -3.672 1.490  -0.141 1.00 0.00 ? 7 PHE A CA   4  
ATOM   472  C C    . PHE A 1 7 ? -3.930 0.319  -1.176 1.00 0.00 ? 7 PHE A C    4  
ATOM   473  O O    . PHE A 1 7 ? -4.349 0.587  -2.304 1.00 0.00 ? 7 PHE A O    4  
ATOM   474  C CB   . PHE A 1 7 ? -2.950 2.711  -0.819 1.00 0.00 ? 7 PHE A CB   4  
ATOM   475  C CG   . PHE A 1 7 ? -2.462 3.878  0.079  1.00 0.00 ? 7 PHE A CG   4  
ATOM   476  C CD1  . PHE A 1 7 ? -1.123 3.916  0.489  1.00 0.00 ? 7 PHE A CD1  4  
ATOM   477  C CD2  . PHE A 1 7 ? -3.363 4.814  0.598  1.00 0.00 ? 7 PHE A CD2  4  
ATOM   478  C CE1  . PHE A 1 7 ? -0.699 4.859  1.423  1.00 0.00 ? 7 PHE A CE1  4  
ATOM   479  C CE2  . PHE A 1 7 ? -2.935 5.760  1.527  1.00 0.00 ? 7 PHE A CE2  4  
ATOM   480  C CZ   . PHE A 1 7 ? -1.606 5.779  1.943  1.00 0.00 ? 7 PHE A CZ   4  
ATOM   481  H H    . PHE A 1 7 ? -1.950 1.496  1.235  1.00 0.00 ? 7 PHE A H    4  
ATOM   482  H HA   . PHE A 1 7 ? -4.678 1.841  0.171  1.00 0.00 ? 7 PHE A HA   4  
ATOM   483  H HB2  . PHE A 1 7 ? -2.096 2.333  -1.413 1.00 0.00 ? 7 PHE A HB2  4  
ATOM   484  H HB3  . PHE A 1 7 ? -3.625 3.128  -1.592 1.00 0.00 ? 7 PHE A HB3  4  
ATOM   485  H HD1  . PHE A 1 7 ? -0.415 3.191  0.113  1.00 0.00 ? 7 PHE A HD1  4  
ATOM   486  H HD2  . PHE A 1 7 ? -4.405 4.787  0.310  1.00 0.00 ? 7 PHE A HD2  4  
ATOM   487  H HE1  . PHE A 1 7 ? 0.329  4.862  1.753  1.00 0.00 ? 7 PHE A HE1  4  
ATOM   488  H HE2  . PHE A 1 7 ? -3.638 6.473  1.937  1.00 0.00 ? 7 PHE A HE2  4  
ATOM   489  H HZ   . PHE A 1 7 ? -1.285 6.503  2.678  1.00 0.00 ? 7 PHE A HZ   4  
ATOM   490  N N    . CYS A 1 8 ? -3.703 -0.961 -0.807 1.00 0.00 ? 8 CYS A N    4  
ATOM   491  C CA   . CYS A 1 8 ? -4.012 -2.153 -1.642 1.00 0.00 ? 8 CYS A CA   4  
ATOM   492  C C    . CYS A 1 8 ? -5.329 -2.828 -1.169 1.00 0.00 ? 8 CYS A C    4  
ATOM   493  O O    . CYS A 1 8 ? -6.421 -2.959 -1.961 1.00 0.00 ? 8 CYS A O    4  
ATOM   494  C CB   . CYS A 1 8 ? -2.820 -3.139 -1.562 1.00 0.00 ? 8 CYS A CB   4  
ATOM   495  S SG   . CYS A 1 8 ? -1.515 -2.771 -2.751 1.00 0.00 ? 8 CYS A SG   4  
ATOM   496  O OXT  . CYS A 1 8 ? -5.282 -3.275 0.123  1.00 0.00 ? 8 CYS A OXT  4  
ATOM   497  H H    . CYS A 1 8 ? -3.473 -1.050 0.188  1.00 0.00 ? 8 CYS A H    4  
ATOM   498  H HA   . CYS A 1 8 ? -4.159 -1.873 -2.703 1.00 0.00 ? 8 CYS A HA   4  
ATOM   499  H HB2  . CYS A 1 8 ? -2.382 -3.179 -0.546 1.00 0.00 ? 8 CYS A HB2  4  
ATOM   500  H HB3  . CYS A 1 8 ? -3.141 -4.177 -1.775 1.00 0.00 ? 8 CYS A HB3  4  
HETATM 501  C C    . ACE A 1 1 ? 2.598  4.842  -3.821 1.00 0.00 ? 1 ACE A C    5  
HETATM 502  O O    . ACE A 1 1 ? 3.388  5.785  -3.816 1.00 0.00 ? 1 ACE A O    5  
HETATM 503  C CH3  . ACE A 1 1 ? 1.476  4.772  -4.843 1.00 0.00 ? 1 ACE A CH3  5  
HETATM 504  H H1   . ACE A 1 1 ? 1.258  3.740  -5.175 1.00 0.00 ? 1 ACE A H1   5  
HETATM 505  H H2   . ACE A 1 1 ? 0.548  5.207  -4.434 1.00 0.00 ? 1 ACE A H2   5  
HETATM 506  H H3   . ACE A 1 1 ? 1.743  5.351  -5.745 1.00 0.00 ? 1 ACE A H3   5  
ATOM   507  N N    . ARG A 1 2 ? 2.639  3.837  -2.947 1.00 0.00 ? 2 ARG A N    5  
ATOM   508  C CA   . ARG A 1 2 ? 3.714  3.698  -1.919 1.00 0.00 ? 2 ARG A CA   5  
ATOM   509  C C    . ARG A 1 2 ? 4.338  2.256  -2.017 1.00 0.00 ? 2 ARG A C    5  
ATOM   510  O O    . ARG A 1 2 ? 4.751  1.833  -3.097 1.00 0.00 ? 2 ARG A O    5  
ATOM   511  C CB   . ARG A 1 2 ? 3.080  4.168  -0.565 1.00 0.00 ? 2 ARG A CB   5  
ATOM   512  C CG   . ARG A 1 2 ? 4.037  4.304  0.655  1.00 0.00 ? 2 ARG A CG   5  
ATOM   513  C CD   . ARG A 1 2 ? 4.375  5.740  1.093  1.00 0.00 ? 2 ARG A CD   5  
ATOM   514  N NE   . ARG A 1 2 ? 5.321  6.378  0.139  1.00 0.00 ? 2 ARG A NE   5  
ATOM   515  C CZ   . ARG A 1 2 ? 5.831  7.604  0.263  1.00 0.00 ? 2 ARG A CZ   5  
ATOM   516  N NH1  . ARG A 1 2 ? 6.668  8.017  -0.643 1.00 0.00 ? 2 ARG A NH1  5  
ATOM   517  N NH2  . ARG A 1 2 ? 5.535  8.417  1.248  1.00 0.00 ? 2 ARG A NH2  5  
ATOM   518  H H    . ARG A 1 2 ? 1.954  3.103  -3.150 1.00 0.00 ? 2 ARG A H    5  
ATOM   519  H HA   . ARG A 1 2 ? 4.555  4.381  -2.153 1.00 0.00 ? 2 ARG A HA   5  
ATOM   520  H HB2  . ARG A 1 2 ? 2.561  5.137  -0.721 1.00 0.00 ? 2 ARG A HB2  5  
ATOM   521  H HB3  . ARG A 1 2 ? 2.253  3.478  -0.301 1.00 0.00 ? 2 ARG A HB3  5  
ATOM   522  H HG2  . ARG A 1 2 ? 3.557  3.803  1.517  1.00 0.00 ? 2 ARG A HG2  5  
ATOM   523  H HG3  . ARG A 1 2 ? 4.978  3.733  0.515  1.00 0.00 ? 2 ARG A HG3  5  
ATOM   524  H HD2  . ARG A 1 2 ? 3.442  6.334  1.197  1.00 0.00 ? 2 ARG A HD2  5  
ATOM   525  H HD3  . ARG A 1 2 ? 4.826  5.701  2.108  1.00 0.00 ? 2 ARG A HD3  5  
ATOM   526  H HE   . ARG A 1 2 ? 5.640  5.877  -0.693 1.00 0.00 ? 2 ARG A HE   5  
ATOM   527  H HH11 . ARG A 1 2 ? 7.051  8.958  -0.532 1.00 0.00 ? 2 ARG A HH11 5  
ATOM   528  H HH12 . ARG A 1 2 ? 6.885  7.369  -1.405 1.00 0.00 ? 2 ARG A HH12 5  
ATOM   529  H HH21 . ARG A 1 2 ? 5.965  9.342  1.266  1.00 0.00 ? 2 ARG A HH21 5  
ATOM   530  H HH22 . ARG A 1 2 ? 4.867  8.034  1.920  1.00 0.00 ? 2 ARG A HH22 5  
ATOM   531  N N    . ALA A 1 3 ? 4.404  1.494  -0.913 1.00 0.00 ? 3 ALA A N    5  
ATOM   532  C CA   . ALA A 1 3 ? 4.709  0.031  -0.940 1.00 0.00 ? 3 ALA A CA   5  
ATOM   533  C C    . ALA A 1 3 ? 3.495  -0.945 -1.162 1.00 0.00 ? 3 ALA A C    5  
ATOM   534  O O    . ALA A 1 3 ? 3.688  -2.161 -1.212 1.00 0.00 ? 3 ALA A O    5  
ATOM   535  C CB   . ALA A 1 3 ? 5.392  -0.242 0.414  1.00 0.00 ? 3 ALA A CB   5  
ATOM   536  H H    . ALA A 1 3 ? 4.066  1.953  -0.063 1.00 0.00 ? 3 ALA A H    5  
ATOM   537  H HA   . ALA A 1 3 ? 5.442  -0.193 -1.742 1.00 0.00 ? 3 ALA A HA   5  
ATOM   538  H HB1  . ALA A 1 3 ? 5.701  -1.301 0.501  1.00 0.00 ? 3 ALA A HB1  5  
ATOM   539  H HB2  . ALA A 1 3 ? 6.311  0.362  0.548  1.00 0.00 ? 3 ALA A HB2  5  
ATOM   540  H HB3  . ALA A 1 3 ? 4.727  -0.033 1.275  1.00 0.00 ? 3 ALA A HB3  5  
HETATM 541  N N    . DCY A 1 4 ? 2.254  -0.429 -1.238 1.00 0.00 ? 4 DCY A N    5  
HETATM 542  C CA   . DCY A 1 4 ? 1.004  -1.234 -1.236 1.00 0.00 ? 4 DCY A CA   5  
HETATM 543  C C    . DCY A 1 4 ? 0.722  -2.087 0.057  1.00 0.00 ? 4 DCY A C    5  
HETATM 544  O O    . DCY A 1 4 ? 0.184  -3.190 -0.035 1.00 0.00 ? 4 DCY A O    5  
HETATM 545  C CB   . DCY A 1 4 ? -0.148 -0.225 -1.527 1.00 0.00 ? 4 DCY A CB   5  
HETATM 546  S SG   . DCY A 1 4 ? -1.203 -0.779 -2.876 1.00 0.00 ? 4 DCY A SG   5  
HETATM 547  H H    . DCY A 1 4 ? 2.254  0.590  -1.332 1.00 0.00 ? 4 DCY A H    5  
HETATM 548  H HA   . DCY A 1 4 ? 1.060  -1.947 -2.081 1.00 0.00 ? 4 DCY A HA   5  
HETATM 549  H HB2  . DCY A 1 4 ? -0.792 -0.072 -0.641 1.00 0.00 ? 4 DCY A HB2  5  
HETATM 550  H HB3  . DCY A 1 4 ? 0.189  0.795  -1.801 1.00 0.00 ? 4 DCY A HB3  5  
ATOM   551  N N    . ARG A 1 5 ? 1.050  -1.557 1.252  1.00 0.00 ? 5 ARG A N    5  
ATOM   552  C CA   . ARG A 1 5 ? 0.674  -2.159 2.571  1.00 0.00 ? 5 ARG A CA   5  
ATOM   553  C C    . ARG A 1 5 ? -0.717 -1.725 3.170  1.00 0.00 ? 5 ARG A C    5  
ATOM   554  O O    . ARG A 1 5 ? -1.254 -2.397 4.051  1.00 0.00 ? 5 ARG A O    5  
ATOM   555  C CB   . ARG A 1 5 ? 1.838  -1.848 3.573  1.00 0.00 ? 5 ARG A CB   5  
ATOM   556  C CG   . ARG A 1 5 ? 2.525  -3.114 4.133  1.00 0.00 ? 5 ARG A CG   5  
ATOM   557  C CD   . ARG A 1 5 ? 3.532  -2.842 5.271  1.00 0.00 ? 5 ARG A CD   5  
ATOM   558  N NE   . ARG A 1 5 ? 4.927  -2.698 4.765  1.00 0.00 ? 5 ARG A NE   5  
ATOM   559  C CZ   . ARG A 1 5 ? 6.018  -2.659 5.536  1.00 0.00 ? 5 ARG A CZ   5  
ATOM   560  N NH1  . ARG A 1 5 ? 7.187  -2.675 4.963  1.00 0.00 ? 5 ARG A NH1  5  
ATOM   561  N NH2  . ARG A 1 5 ? 5.977  -2.607 6.846  1.00 0.00 ? 5 ARG A NH2  5  
ATOM   562  H H    . ARG A 1 5 ? 1.578  -0.683 1.166  1.00 0.00 ? 5 ARG A H    5  
ATOM   563  H HA   . ARG A 1 5 ? 0.589  -3.256 2.443  1.00 0.00 ? 5 ARG A HA   5  
ATOM   564  H HB2  . ARG A 1 5 ? 2.611  -1.182 3.139  1.00 0.00 ? 5 ARG A HB2  5  
ATOM   565  H HB3  . ARG A 1 5 ? 1.454  -1.251 4.425  1.00 0.00 ? 5 ARG A HB3  5  
ATOM   566  H HG2  . ARG A 1 5 ? 1.737  -3.785 4.528  1.00 0.00 ? 5 ARG A HG2  5  
ATOM   567  H HG3  . ARG A 1 5 ? 2.986  -3.698 3.310  1.00 0.00 ? 5 ARG A HG3  5  
ATOM   568  H HD2  . ARG A 1 5 ? 3.228  -1.947 5.855  1.00 0.00 ? 5 ARG A HD2  5  
ATOM   569  H HD3  . ARG A 1 5 ? 3.477  -3.690 5.983  1.00 0.00 ? 5 ARG A HD3  5  
ATOM   570  H HE   . ARG A 1 5 ? 5.123  -2.727 3.761  1.00 0.00 ? 5 ARG A HE   5  
ATOM   571  H HH11 . ARG A 1 5 ? 8.003  -2.666 5.577  1.00 0.00 ? 5 ARG A HH11 5  
ATOM   572  H HH12 . ARG A 1 5 ? 7.206  -2.741 3.944  1.00 0.00 ? 5 ARG A HH12 5  
ATOM   573  H HH21 . ARG A 1 5 ? 6.855  -2.587 7.367  1.00 0.00 ? 5 ARG A HH21 5  
ATOM   574  H HH22 . ARG A 1 5 ? 5.030  -2.589 7.233  1.00 0.00 ? 5 ARG A HH22 5  
ATOM   575  N N    . PHE A 1 6 ? -1.245 -0.580 2.728  1.00 0.00 ? 6 PHE A N    5  
ATOM   576  C CA   . PHE A 1 6 ? -2.447 0.110  3.287  1.00 0.00 ? 6 PHE A CA   5  
ATOM   577  C C    . PHE A 1 6 ? -3.408 0.543  2.131  1.00 0.00 ? 6 PHE A C    5  
ATOM   578  O O    . PHE A 1 6 ? -4.602 0.245  2.190  1.00 0.00 ? 6 PHE A O    5  
ATOM   579  C CB   . PHE A 1 6 ? -2.096 1.282  4.276  1.00 0.00 ? 6 PHE A CB   5  
ATOM   580  C CG   . PHE A 1 6 ? -0.681 1.907  4.238  1.00 0.00 ? 6 PHE A CG   5  
ATOM   581  C CD1  . PHE A 1 6 ? -0.327 2.809  3.232  1.00 0.00 ? 6 PHE A CD1  5  
ATOM   582  C CD2  . PHE A 1 6 ? 0.291  1.476  5.148  1.00 0.00 ? 6 PHE A CD2  5  
ATOM   583  C CE1  . PHE A 1 6 ? 0.987  3.264  3.126  1.00 0.00 ? 6 PHE A CE1  5  
ATOM   584  C CE2  . PHE A 1 6 ? 1.604  1.931  5.042  1.00 0.00 ? 6 PHE A CE2  5  
ATOM   585  C CZ   . PHE A 1 6 ? 1.951  2.821  4.030  1.00 0.00 ? 6 PHE A CZ   5  
ATOM   586  H H    . PHE A 1 6 ? -0.665 -0.157 1.997  1.00 0.00 ? 6 PHE A H    5  
ATOM   587  H HA   . PHE A 1 6 ? -3.040 -0.626 3.870  1.00 0.00 ? 6 PHE A HA   5  
ATOM   588  H HB2  . PHE A 1 6 ? -2.842 2.096  4.185  1.00 0.00 ? 6 PHE A HB2  5  
ATOM   589  H HB3  . PHE A 1 6 ? -2.285 0.911  5.302  1.00 0.00 ? 6 PHE A HB3  5  
ATOM   590  H HD1  . PHE A 1 6 ? -1.062 3.144  2.519  1.00 0.00 ? 6 PHE A HD1  5  
ATOM   591  H HD2  . PHE A 1 6 ? 0.038  0.767  5.923  1.00 0.00 ? 6 PHE A HD2  5  
ATOM   592  H HE1  . PHE A 1 6 ? 1.252  3.959  2.344  1.00 0.00 ? 6 PHE A HE1  5  
ATOM   593  H HE2  . PHE A 1 6 ? 2.350  1.590  5.745  1.00 0.00 ? 6 PHE A HE2  5  
ATOM   594  H HZ   . PHE A 1 6 ? 2.970  3.171  3.954  1.00 0.00 ? 6 PHE A HZ   5  
ATOM   595  N N    . PHE A 1 7 ? -2.901 1.186  1.060  1.00 0.00 ? 7 PHE A N    5  
ATOM   596  C CA   . PHE A 1 7 ? -3.701 1.522  -0.160 1.00 0.00 ? 7 PHE A CA   5  
ATOM   597  C C    . PHE A 1 7 ? -3.905 0.342  -1.202 1.00 0.00 ? 7 PHE A C    5  
ATOM   598  O O    . PHE A 1 7 ? -4.203 0.599  -2.371 1.00 0.00 ? 7 PHE A O    5  
ATOM   599  C CB   . PHE A 1 7 ? -3.055 2.791  -0.821 1.00 0.00 ? 7 PHE A CB   5  
ATOM   600  C CG   . PHE A 1 7 ? -2.623 4.001  0.055  1.00 0.00 ? 7 PHE A CG   5  
ATOM   601  C CD1  . PHE A 1 7 ? -3.430 4.476  1.096  1.00 0.00 ? 7 PHE A CD1  5  
ATOM   602  C CD2  . PHE A 1 7 ? -1.364 4.584  -0.150 1.00 0.00 ? 7 PHE A CD2  5  
ATOM   603  C CE1  . PHE A 1 7 ? -2.972 5.484  1.941  1.00 0.00 ? 7 PHE A CE1  5  
ATOM   604  C CE2  . PHE A 1 7 ? -0.914 5.603  0.688  1.00 0.00 ? 7 PHE A CE2  5  
ATOM   605  C CZ   . PHE A 1 7 ? -1.714 6.045  1.737  1.00 0.00 ? 7 PHE A CZ   5  
ATOM   606  H H    . PHE A 1 7 ? -1.945 1.526  1.186  1.00 0.00 ? 7 PHE A H    5  
ATOM   607  H HA   . PHE A 1 7 ? -4.724 1.813  0.154  1.00 0.00 ? 7 PHE A HA   5  
ATOM   608  H HB2  . PHE A 1 7 ? -2.188 2.449  -1.418 1.00 0.00 ? 7 PHE A HB2  5  
ATOM   609  H HB3  . PHE A 1 7 ? -3.757 3.175  -1.586 1.00 0.00 ? 7 PHE A HB3  5  
ATOM   610  H HD1  . PHE A 1 7 ? -4.399 4.034  1.282  1.00 0.00 ? 7 PHE A HD1  5  
ATOM   611  H HD2  . PHE A 1 7 ? -0.725 4.244  -0.951 1.00 0.00 ? 7 PHE A HD2  5  
ATOM   612  H HE1  . PHE A 1 7 ? -3.587 5.821  2.764  1.00 0.00 ? 7 PHE A HE1  5  
ATOM   613  H HE2  . PHE A 1 7 ? 0.059  6.043  0.531  1.00 0.00 ? 7 PHE A HE2  5  
ATOM   614  H HZ   . PHE A 1 7 ? -1.358 6.820  2.402  1.00 0.00 ? 7 PHE A HZ   5  
ATOM   615  N N    . CYS A 1 8 ? -3.768 -0.938 -0.789 1.00 0.00 ? 8 CYS A N    5  
ATOM   616  C CA   . CYS A 1 8 ? -4.040 -2.139 -1.626 1.00 0.00 ? 8 CYS A CA   5  
ATOM   617  C C    . CYS A 1 8 ? -5.324 -2.860 -1.141 1.00 0.00 ? 8 CYS A C    5  
ATOM   618  O O    . CYS A 1 8 ? -5.636 -3.047 0.165  1.00 0.00 ? 8 CYS A O    5  
ATOM   619  C CB   . CYS A 1 8 ? -2.830 -3.101 -1.530 1.00 0.00 ? 8 CYS A CB   5  
ATOM   620  S SG   . CYS A 1 8 ? -1.542 -2.738 -2.738 1.00 0.00 ? 8 CYS A SG   5  
ATOM   621  O OXT  . CYS A 1 8 ? -6.105 -3.286 -2.174 1.00 0.00 ? 8 CYS A OXT  5  
ATOM   622  H H    . CYS A 1 8 ? -3.644 -1.016 0.227  1.00 0.00 ? 8 CYS A H    5  
ATOM   623  H HA   . CYS A 1 8 ? -4.183 -1.864 -2.691 1.00 0.00 ? 8 CYS A HA   5  
ATOM   624  H HB2  . CYS A 1 8 ? -2.383 -3.110 -0.515 1.00 0.00 ? 8 CYS A HB2  5  
ATOM   625  H HB3  . CYS A 1 8 ? -3.129 -4.148 -1.718 1.00 0.00 ? 8 CYS A HB3  5  
HETATM 626  C C    . ACE A 1 1 ? 2.596  4.827  -3.833 1.00 0.00 ? 1 ACE A C    6  
HETATM 627  O O    . ACE A 1 1 ? 3.392  5.766  -3.844 1.00 0.00 ? 1 ACE A O    6  
HETATM 628  C CH3  . ACE A 1 1 ? 1.473  4.741  -4.853 1.00 0.00 ? 1 ACE A CH3  6  
HETATM 629  H H1   . ACE A 1 1 ? 1.680  5.410  -5.708 1.00 0.00 ? 1 ACE A H1   6  
HETATM 630  H H2   . ACE A 1 1 ? 1.351  3.721  -5.263 1.00 0.00 ? 1 ACE A H2   6  
HETATM 631  H H3   . ACE A 1 1 ? 0.512  5.056  -4.411 1.00 0.00 ? 1 ACE A H3   6  
ATOM   632  N N    . ARG A 1 2 ? 2.632  3.835  -2.944 1.00 0.00 ? 2 ARG A N    6  
ATOM   633  C CA   . ARG A 1 2 ? 3.708  3.705  -1.917 1.00 0.00 ? 2 ARG A CA   6  
ATOM   634  C C    . ARG A 1 2 ? 4.339  2.266  -2.006 1.00 0.00 ? 2 ARG A C    6  
ATOM   635  O O    . ARG A 1 2 ? 4.782  1.853  -3.079 1.00 0.00 ? 2 ARG A O    6  
ATOM   636  C CB   . ARG A 1 2 ? 3.081  4.184  -0.564 1.00 0.00 ? 2 ARG A CB   6  
ATOM   637  C CG   . ARG A 1 2 ? 4.047  4.334  0.648  1.00 0.00 ? 2 ARG A CG   6  
ATOM   638  C CD   . ARG A 1 2 ? 4.458  5.769  1.021  1.00 0.00 ? 2 ARG A CD   6  
ATOM   639  N NE   . ARG A 1 2 ? 5.419  6.327  0.031  1.00 0.00 ? 2 ARG A NE   6  
ATOM   640  C CZ   . ARG A 1 2 ? 6.065  7.486  0.155  1.00 0.00 ? 2 ARG A CZ   6  
ATOM   641  N NH1  . ARG A 1 2 ? 6.888  7.835  -0.792 1.00 0.00 ? 2 ARG A NH1  6  
ATOM   642  N NH2  . ARG A 1 2 ? 5.919  8.294  1.176  1.00 0.00 ? 2 ARG A NH2  6  
ATOM   643  H H    . ARG A 1 2 ? 1.939  3.104  -3.133 1.00 0.00 ? 2 ARG A H    6  
ATOM   644  H HA   . ARG A 1 2 ? 4.547  4.386  -2.160 1.00 0.00 ? 2 ARG A HA   6  
ATOM   645  H HB2  . ARG A 1 2 ? 2.556  5.149  -0.721 1.00 0.00 ? 2 ARG A HB2  6  
ATOM   646  H HB3  . ARG A 1 2 ? 2.261  3.490  -0.290 1.00 0.00 ? 2 ARG A HB3  6  
ATOM   647  H HG2  . ARG A 1 2 ? 3.544  3.899  1.534  1.00 0.00 ? 2 ARG A HG2  6  
ATOM   648  H HG3  . ARG A 1 2 ? 4.956  3.709  0.535  1.00 0.00 ? 2 ARG A HG3  6  
ATOM   649  H HD2  . ARG A 1 2 ? 3.557  6.412  1.112  1.00 0.00 ? 2 ARG A HD2  6  
ATOM   650  H HD3  . ARG A 1 2 ? 4.917  5.745  2.032  1.00 0.00 ? 2 ARG A HD3  6  
ATOM   651  H HE   . ARG A 1 2 ? 5.628  5.823  -0.834 1.00 0.00 ? 2 ARG A HE   6  
ATOM   652  H HH11 . ARG A 1 2 ? 7.376  8.726  -0.679 1.00 0.00 ? 2 ARG A HH11 6  
ATOM   653  H HH12 . ARG A 1 2 ? 6.986  7.194  -1.582 1.00 0.00 ? 2 ARG A HH12 6  
ATOM   654  H HH21 . ARG A 1 2 ? 6.450  9.166  1.192  1.00 0.00 ? 2 ARG A HH21 6  
ATOM   655  H HH22 . ARG A 1 2 ? 5.252  7.966  1.877  1.00 0.00 ? 2 ARG A HH22 6  
ATOM   656  N N    . ALA A 1 3 ? 4.375  1.493  -0.907 1.00 0.00 ? 3 ALA A N    6  
ATOM   657  C CA   . ALA A 1 3 ? 4.695  0.036  -0.935 1.00 0.00 ? 3 ALA A CA   6  
ATOM   658  C C    . ALA A 1 3 ? 3.490  -0.953 -1.152 1.00 0.00 ? 3 ALA A C    6  
ATOM   659  O O    . ALA A 1 3 ? 3.686  -2.170 -1.167 1.00 0.00 ? 3 ALA A O    6  
ATOM   660  C CB   . ALA A 1 3 ? 5.380  -0.229 0.423  1.00 0.00 ? 3 ALA A CB   6  
ATOM   661  H H    . ALA A 1 3 ? 4.010  1.947  -0.064 1.00 0.00 ? 3 ALA A H    6  
ATOM   662  H HA   . ALA A 1 3 ? 5.432  -0.181 -1.734 1.00 0.00 ? 3 ALA A HA   6  
ATOM   663  H HB1  . ALA A 1 3 ? 5.734  -1.275 0.495  1.00 0.00 ? 3 ALA A HB1  6  
ATOM   664  H HB2  . ALA A 1 3 ? 6.270  0.412  0.576  1.00 0.00 ? 3 ALA A HB2  6  
ATOM   665  H HB3  . ALA A 1 3 ? 4.698  -0.060 1.280  1.00 0.00 ? 3 ALA A HB3  6  
HETATM 666  N N    . DCY A 1 4 ? 2.251  -0.442 -1.263 1.00 0.00 ? 4 DCY A N    6  
HETATM 667  C CA   . DCY A 1 4 ? 0.996  -1.241 -1.227 1.00 0.00 ? 4 DCY A CA   6  
HETATM 668  C C    . DCY A 1 4 ? 0.737  -2.090 0.072  1.00 0.00 ? 4 DCY A C    6  
HETATM 669  O O    . DCY A 1 4 ? 0.203  -3.199 -0.009 1.00 0.00 ? 4 DCY A O    6  
HETATM 670  C CB   . DCY A 1 4 ? -0.156 -0.225 -1.488 1.00 0.00 ? 4 DCY A CB   6  
HETATM 671  S SG   . DCY A 1 4 ? -1.193 -0.717 -2.876 1.00 0.00 ? 4 DCY A SG   6  
HETATM 672  H H    . DCY A 1 4 ? 2.253  0.574  -1.387 1.00 0.00 ? 4 DCY A H    6  
HETATM 673  H HA   . DCY A 1 4 ? 1.030  -1.957 -2.072 1.00 0.00 ? 4 DCY A HA   6  
HETATM 674  H HB2  . DCY A 1 4 ? -0.819 -0.124 -0.606 1.00 0.00 ? 4 DCY A HB2  6  
HETATM 675  H HB3  . DCY A 1 4 ? 0.175  0.812  -1.699 1.00 0.00 ? 4 DCY A HB3  6  
ATOM   676  N N    . ARG A 1 5 ? 1.067  -1.549 1.261  1.00 0.00 ? 5 ARG A N    6  
ATOM   677  C CA   . ARG A 1 5 ? 0.694  -2.142 2.585  1.00 0.00 ? 5 ARG A CA   6  
ATOM   678  C C    . ARG A 1 5 ? -0.702 -1.714 3.174  1.00 0.00 ? 5 ARG A C    6  
ATOM   679  O O    . ARG A 1 5 ? -1.268 -2.411 4.018  1.00 0.00 ? 5 ARG A O    6  
ATOM   680  C CB   . ARG A 1 5 ? 1.855  -1.824 3.587  1.00 0.00 ? 5 ARG A CB   6  
ATOM   681  C CG   . ARG A 1 5 ? 2.511  -3.088 4.188  1.00 0.00 ? 5 ARG A CG   6  
ATOM   682  C CD   . ARG A 1 5 ? 3.513  -2.813 5.328  1.00 0.00 ? 5 ARG A CD   6  
ATOM   683  N NE   . ARG A 1 5 ? 4.905  -2.649 4.825  1.00 0.00 ? 5 ARG A NE   6  
ATOM   684  C CZ   . ARG A 1 5 ? 5.999  -2.645 5.592  1.00 0.00 ? 5 ARG A CZ   6  
ATOM   685  N NH1  . ARG A 1 5 ? 7.166  -2.630 5.014  1.00 0.00 ? 5 ARG A NH1  6  
ATOM   686  N NH2  . ARG A 1 5 ? 5.964  -2.660 6.902  1.00 0.00 ? 5 ARG A NH2  6  
ATOM   687  H H    . ARG A 1 5 ? 1.584  -0.670 1.166  1.00 0.00 ? 5 ARG A H    6  
ATOM   688  H HA   . ARG A 1 5 ? 0.614  -3.243 2.464  1.00 0.00 ? 5 ARG A HA   6  
ATOM   689  H HB2  . ARG A 1 5 ? 2.646  -1.190 3.139  1.00 0.00 ? 5 ARG A HB2  6  
ATOM   690  H HB3  . ARG A 1 5 ? 1.475  -1.192 4.416  1.00 0.00 ? 5 ARG A HB3  6  
ATOM   691  H HG2  . ARG A 1 5 ? 1.704  -3.733 4.592  1.00 0.00 ? 5 ARG A HG2  6  
ATOM   692  H HG3  . ARG A 1 5 ? 2.969  -3.700 3.384  1.00 0.00 ? 5 ARG A HG3  6  
ATOM   693  H HD2  . ARG A 1 5 ? 3.196  -1.927 5.919  1.00 0.00 ? 5 ARG A HD2  6  
ATOM   694  H HD3  . ARG A 1 5 ? 3.464  -3.670 6.032  1.00 0.00 ? 5 ARG A HD3  6  
ATOM   695  H HE   . ARG A 1 5 ? 5.096  -2.626 3.820  1.00 0.00 ? 5 ARG A HE   6  
ATOM   696  H HH11 . ARG A 1 5 ? 7.985  -2.649 5.626  1.00 0.00 ? 5 ARG A HH11 6  
ATOM   697  H HH12 . ARG A 1 5 ? 7.182  -2.643 3.992  1.00 0.00 ? 5 ARG A HH12 6  
ATOM   698  H HH21 . ARG A 1 5 ? 6.844  -2.665 7.421  1.00 0.00 ? 5 ARG A HH21 6  
ATOM   699  H HH22 . ARG A 1 5 ? 5.018  -2.661 7.293  1.00 0.00 ? 5 ARG A HH22 6  
ATOM   700  N N    . PHE A 1 6 ? -1.204 -0.544 2.764  1.00 0.00 ? 6 PHE A N    6  
ATOM   701  C CA   . PHE A 1 6 ? -2.423 0.129  3.305  1.00 0.00 ? 6 PHE A CA   6  
ATOM   702  C C    . PHE A 1 6 ? -3.387 0.522  2.137  1.00 0.00 ? 6 PHE A C    6  
ATOM   703  O O    . PHE A 1 6 ? -4.575 0.196  2.193  1.00 0.00 ? 6 PHE A O    6  
ATOM   704  C CB   . PHE A 1 6 ? -2.096 1.327  4.273  1.00 0.00 ? 6 PHE A CB   6  
ATOM   705  C CG   . PHE A 1 6 ? -0.685 1.961  4.243  1.00 0.00 ? 6 PHE A CG   6  
ATOM   706  C CD1  . PHE A 1 6 ? -0.321 2.837  3.218  1.00 0.00 ? 6 PHE A CD1  6  
ATOM   707  C CD2  . PHE A 1 6 ? 0.281  1.551  5.169  1.00 0.00 ? 6 PHE A CD2  6  
ATOM   708  C CE1  . PHE A 1 6 ? 0.993  3.289  3.111  1.00 0.00 ? 6 PHE A CE1  6  
ATOM   709  C CE2  . PHE A 1 6 ? 1.593  2.003  5.063  1.00 0.00 ? 6 PHE A CE2  6  
ATOM   710  C CZ   . PHE A 1 6 ? 1.950  2.870  4.033  1.00 0.00 ? 6 PHE A CZ   6  
ATOM   711  H H    . PHE A 1 6 ? -0.601 -0.097 2.069  1.00 0.00 ? 6 PHE A H    6  
ATOM   712  H HA   . PHE A 1 6 ? -3.005 -0.604 3.902  1.00 0.00 ? 6 PHE A HA   6  
ATOM   713  H HB2  . PHE A 1 6 ? -2.845 2.134  4.151  1.00 0.00 ? 6 PHE A HB2  6  
ATOM   714  H HB3  . PHE A 1 6 ? -2.299 0.980  5.304  1.00 0.00 ? 6 PHE A HB3  6  
ATOM   715  H HD1  . PHE A 1 6 ? -1.050 3.155  2.491  1.00 0.00 ? 6 PHE A HD1  6  
ATOM   716  H HD2  . PHE A 1 6 ? 0.021  0.857  5.957  1.00 0.00 ? 6 PHE A HD2  6  
ATOM   717  H HE1  . PHE A 1 6 ? 1.263  3.967  2.314  1.00 0.00 ? 6 PHE A HE1  6  
ATOM   718  H HE2  . PHE A 1 6 ? 2.335  1.677  5.779  1.00 0.00 ? 6 PHE A HE2  6  
ATOM   719  H HZ   . PHE A 1 6 ? 2.971  3.214  3.955  1.00 0.00 ? 6 PHE A HZ   6  
ATOM   720  N N    . PHE A 1 7 ? -2.890 1.167  1.062  1.00 0.00 ? 7 PHE A N    6  
ATOM   721  C CA   . PHE A 1 7 ? -3.701 1.502  -0.151 1.00 0.00 ? 7 PHE A CA   6  
ATOM   722  C C    . PHE A 1 7 ? -3.903 0.325  -1.197 1.00 0.00 ? 7 PHE A C    6  
ATOM   723  O O    . PHE A 1 7 ? -4.176 0.592  -2.370 1.00 0.00 ? 7 PHE A O    6  
ATOM   724  C CB   . PHE A 1 7 ? -3.062 2.773  -0.815 1.00 0.00 ? 7 PHE A CB   6  
ATOM   725  C CG   . PHE A 1 7 ? -2.627 3.988  0.052  1.00 0.00 ? 7 PHE A CG   6  
ATOM   726  C CD1  . PHE A 1 7 ? -3.423 4.459  1.104  1.00 0.00 ? 7 PHE A CD1  6  
ATOM   727  C CD2  . PHE A 1 7 ? -1.379 4.584  -0.174 1.00 0.00 ? 7 PHE A CD2  6  
ATOM   728  C CE1  . PHE A 1 7 ? -2.965 5.475  1.940  1.00 0.00 ? 7 PHE A CE1  6  
ATOM   729  C CE2  . PHE A 1 7 ? -0.926 5.610  0.653  1.00 0.00 ? 7 PHE A CE2  6  
ATOM   730  C CZ   . PHE A 1 7 ? -1.715 6.048  1.713  1.00 0.00 ? 7 PHE A CZ   6  
ATOM   731  H H    . PHE A 1 7 ? -1.941 1.525  1.188  1.00 0.00 ? 7 PHE A H    6  
ATOM   732  H HA   . PHE A 1 7 ? -4.723 1.789  0.169  1.00 0.00 ? 7 PHE A HA   6  
ATOM   733  H HB2  . PHE A 1 7 ? -2.196 2.434  -1.418 1.00 0.00 ? 7 PHE A HB2  6  
ATOM   734  H HB3  . PHE A 1 7 ? -3.768 3.155  -1.577 1.00 0.00 ? 7 PHE A HB3  6  
ATOM   735  H HD1  . PHE A 1 7 ? -4.385 4.009  1.306  1.00 0.00 ? 7 PHE A HD1  6  
ATOM   736  H HD2  . PHE A 1 7 ? -0.749 4.248  -0.983 1.00 0.00 ? 7 PHE A HD2  6  
ATOM   737  H HE1  . PHE A 1 7 ? -3.570 5.809  2.770  1.00 0.00 ? 7 PHE A HE1  6  
ATOM   738  H HE2  . PHE A 1 7 ? 0.042  6.061  0.479  1.00 0.00 ? 7 PHE A HE2  6  
ATOM   739  H HZ   . PHE A 1 7 ? -1.357 6.830  2.367  1.00 0.00 ? 7 PHE A HZ   6  
ATOM   740  N N    . CYS A 1 8 ? -3.794 -0.960 -0.789 1.00 0.00 ? 8 CYS A N    6  
ATOM   741  C CA   . CYS A 1 8 ? -4.045 -2.145 -1.656 1.00 0.00 ? 8 CYS A CA   6  
ATOM   742  C C    . CYS A 1 8 ? -5.388 -2.814 -1.237 1.00 0.00 ? 8 CYS A C    6  
ATOM   743  O O    . CYS A 1 8 ? -6.598 -2.360 -1.647 1.00 0.00 ? 8 CYS A O    6  
ATOM   744  C CB   . CYS A 1 8 ? -2.808 -3.081 -1.592 1.00 0.00 ? 8 CYS A CB   6  
ATOM   745  S SG   . CYS A 1 8 ? -1.541 -2.678 -2.812 1.00 0.00 ? 8 CYS A SG   6  
ATOM   746  O OXT  . CYS A 1 8 ? -5.242 -3.902 -0.419 1.00 0.00 ? 8 CYS A OXT  6  
ATOM   747  H H    . CYS A 1 8 ? -3.640 -1.046 0.222  1.00 0.00 ? 8 CYS A H    6  
ATOM   748  H HA   . CYS A 1 8 ? -4.180 -1.848 -2.714 1.00 0.00 ? 8 CYS A HA   6  
ATOM   749  H HB2  . CYS A 1 8 ? -2.349 -3.100 -0.586 1.00 0.00 ? 8 CYS A HB2  6  
ATOM   750  H HB3  . CYS A 1 8 ? -3.094 -4.130 -1.795 1.00 0.00 ? 8 CYS A HB3  6  
HETATM 751  C C    . ACE A 1 1 ? 2.175  3.854  -4.096 1.00 0.00 ? 1 ACE A C    7  
HETATM 752  O O    . ACE A 1 1 ? 3.097  4.204  -4.830 1.00 0.00 ? 1 ACE A O    7  
HETATM 753  C CH3  . ACE A 1 1 ? 0.767  3.700  -4.651 1.00 0.00 ? 1 ACE A CH3  7  
HETATM 754  H H1   . ACE A 1 1 ? 0.578  4.474  -5.415 1.00 0.00 ? 1 ACE A H1   7  
HETATM 755  H H2   . ACE A 1 1 ? 0.656  2.719  -5.145 1.00 0.00 ? 1 ACE A H2   7  
HETATM 756  H H3   . ACE A 1 1 ? -0.025 3.794  -3.887 1.00 0.00 ? 1 ACE A H3   7  
ATOM   757  N N    . ARG A 1 2 ? 2.319  3.590  -2.796 1.00 0.00 ? 2 ARG A N    7  
ATOM   758  C CA   . ARG A 1 2 ? 3.625  3.705  -2.080 1.00 0.00 ? 2 ARG A CA   7  
ATOM   759  C C    . ARG A 1 2 ? 4.330  2.308  -1.975 1.00 0.00 ? 2 ARG A C    7  
ATOM   760  O O    . ARG A 1 2 ? 4.784  1.785  -2.993 1.00 0.00 ? 2 ARG A O    7  
ATOM   761  C CB   . ARG A 1 2 ? 3.352  4.502  -0.757 1.00 0.00 ? 2 ARG A CB   7  
ATOM   762  C CG   . ARG A 1 2 ? 3.585  6.031  -0.839 1.00 0.00 ? 2 ARG A CG   7  
ATOM   763  C CD   . ARG A 1 2 ? 5.069  6.489  -0.857 1.00 0.00 ? 2 ARG A CD   7  
ATOM   764  N NE   . ARG A 1 2 ? 5.895  5.983  0.283  1.00 0.00 ? 2 ARG A NE   7  
ATOM   765  C CZ   . ARG A 1 2 ? 5.824  6.393  1.551  1.00 0.00 ? 2 ARG A CZ   7  
ATOM   766  N NH1  . ARG A 1 2 ? 6.553  5.784  2.441  1.00 0.00 ? 2 ARG A NH1  7  
ATOM   767  N NH2  . ARG A 1 2 ? 5.054  7.373  1.951  1.00 0.00 ? 2 ARG A NH2  7  
ATOM   768  H H    . ARG A 1 2 ? 1.436  3.361  -2.335 1.00 0.00 ? 2 ARG A H    7  
ATOM   769  H HA   . ARG A 1 2 ? 4.337  4.300  -2.687 1.00 0.00 ? 2 ARG A HA   7  
ATOM   770  H HB2  . ARG A 1 2 ? 2.325  4.313  -0.385 1.00 0.00 ? 2 ARG A HB2  7  
ATOM   771  H HB3  . ARG A 1 2 ? 3.980  4.120  0.067  1.00 0.00 ? 2 ARG A HB3  7  
ATOM   772  H HG2  . ARG A 1 2 ? 3.066  6.434  -1.734 1.00 0.00 ? 2 ARG A HG2  7  
ATOM   773  H HG3  . ARG A 1 2 ? 3.066  6.510  0.010  1.00 0.00 ? 2 ARG A HG3  7  
ATOM   774  H HD2  . ARG A 1 2 ? 5.534  6.149  -1.805 1.00 0.00 ? 2 ARG A HD2  7  
ATOM   775  H HD3  . ARG A 1 2 ? 5.131  7.594  -0.928 1.00 0.00 ? 2 ARG A HD3  7  
ATOM   776  H HE   . ARG A 1 2 ? 6.564  5.217  0.138  1.00 0.00 ? 2 ARG A HE   7  
ATOM   777  H HH11 . ARG A 1 2 ? 6.480  6.111  3.406  1.00 0.00 ? 2 ARG A HH11 7  
ATOM   778  H HH12 . ARG A 1 2 ? 7.151  5.024  2.112  1.00 0.00 ? 2 ARG A HH12 7  
ATOM   779  H HH21 . ARG A 1 2 ? 5.055  7.633  2.938  1.00 0.00 ? 2 ARG A HH21 7  
ATOM   780  H HH22 . ARG A 1 2 ? 4.527  7.814  1.194  1.00 0.00 ? 2 ARG A HH22 7  
ATOM   781  N N    . ALA A 1 3 ? 4.405  1.671  -0.790 1.00 0.00 ? 3 ALA A N    7  
ATOM   782  C CA   . ALA A 1 3 ? 4.735  0.216  -0.674 1.00 0.00 ? 3 ALA A CA   7  
ATOM   783  C C    . ALA A 1 3 ? 3.576  -0.804 -0.978 1.00 0.00 ? 3 ALA A C    7  
ATOM   784  O O    . ALA A 1 3 ? 3.797  -2.017 -0.962 1.00 0.00 ? 3 ALA A O    7  
ATOM   785  C CB   . ALA A 1 3 ? 5.247  0.041  0.772  1.00 0.00 ? 3 ALA A CB   7  
ATOM   786  H H    . ALA A 1 3 ? 4.012  2.189  0.000  1.00 0.00 ? 3 ALA A H    7  
ATOM   787  H HA   . ALA A 1 3 ? 5.566  -0.035 -1.362 1.00 0.00 ? 3 ALA A HA   7  
ATOM   788  H HB1  . ALA A 1 3 ? 6.104  0.703  0.998  1.00 0.00 ? 3 ALA A HB1  7  
ATOM   789  H HB2  . ALA A 1 3 ? 4.462  0.239  1.526  1.00 0.00 ? 3 ALA A HB2  7  
ATOM   790  H HB3  . ALA A 1 3 ? 5.598  -0.994 0.946  1.00 0.00 ? 3 ALA A HB3  7  
HETATM 791  N N    . DCY A 1 4 ? 2.340  -0.315 -1.191 1.00 0.00 ? 4 DCY A N    7  
HETATM 792  C CA   . DCY A 1 4 ? 1.096  -1.126 -1.266 1.00 0.00 ? 4 DCY A CA   7  
HETATM 793  C C    . DCY A 1 4 ? 0.770  -2.055 -0.035 1.00 0.00 ? 4 DCY A C    7  
HETATM 794  O O    . DCY A 1 4 ? 0.229  -3.148 -0.203 1.00 0.00 ? 4 DCY A O    7  
HETATM 795  C CB   . DCY A 1 4 ? -0.037 -0.084 -1.527 1.00 0.00 ? 4 DCY A CB   7  
HETATM 796  S SG   . DCY A 1 4 ? -1.086 -0.550 -2.912 1.00 0.00 ? 4 DCY A SG   7  
HETATM 797  H H    . DCY A 1 4 ? 2.347  0.694  -1.365 1.00 0.00 ? 4 DCY A H    7  
HETATM 798  H HA   . DCY A 1 4 ? 1.178  -1.786 -2.153 1.00 0.00 ? 4 DCY A HA   7  
HETATM 799  H HB2  . DCY A 1 4 ? -0.688 0.041  -0.640 1.00 0.00 ? 4 DCY A HB2  7  
HETATM 800  H HB3  . DCY A 1 4 ? 0.316  0.939  -1.755 1.00 0.00 ? 4 DCY A HB3  7  
ATOM   801  N N    . ARG A 1 5 ? 1.069  -1.593 1.195  1.00 0.00 ? 5 ARG A N    7  
ATOM   802  C CA   . ARG A 1 5 ? 0.677  -2.273 2.472  1.00 0.00 ? 5 ARG A CA   7  
ATOM   803  C C    . ARG A 1 5 ? -0.702 -1.868 3.112  1.00 0.00 ? 5 ARG A C    7  
ATOM   804  O O    . ARG A 1 5 ? -1.174 -2.536 4.036  1.00 0.00 ? 5 ARG A O    7  
ATOM   805  C CB   . ARG A 1 5 ? 1.836  -2.015 3.493  1.00 0.00 ? 5 ARG A CB   7  
ATOM   806  C CG   . ARG A 1 5 ? 2.781  -3.220 3.741  1.00 0.00 ? 5 ARG A CG   7  
ATOM   807  C CD   . ARG A 1 5 ? 3.124  -3.456 5.226  1.00 0.00 ? 5 ARG A CD   7  
ATOM   808  N NE   . ARG A 1 5 ? 1.922  -3.973 5.944  1.00 0.00 ? 5 ARG A NE   7  
ATOM   809  C CZ   . ARG A 1 5 ? 1.908  -4.473 7.177  1.00 0.00 ? 5 ARG A CZ   7  
ATOM   810  N NH1  . ARG A 1 5 ? 0.782  -4.935 7.639  1.00 0.00 ? 5 ARG A NH1  7  
ATOM   811  N NH2  . ARG A 1 5 ? 2.964  -4.524 7.949  1.00 0.00 ? 5 ARG A NH2  7  
ATOM   812  H H    . ARG A 1 5 ? 1.621  -0.731 1.168  1.00 0.00 ? 5 ARG A H    7  
ATOM   813  H HA   . ARG A 1 5 ? 0.580  -3.362 2.287  1.00 0.00 ? 5 ARG A HA   7  
ATOM   814  H HB2  . ARG A 1 5 ? 2.445  -1.127 3.223  1.00 0.00 ? 5 ARG A HB2  7  
ATOM   815  H HB3  . ARG A 1 5 ? 1.411  -1.687 4.464  1.00 0.00 ? 5 ARG A HB3  7  
ATOM   816  H HG2  . ARG A 1 5 ? 2.374  -4.158 3.312  1.00 0.00 ? 5 ARG A HG2  7  
ATOM   817  H HG3  . ARG A 1 5 ? 3.713  -3.060 3.167  1.00 0.00 ? 5 ARG A HG3  7  
ATOM   818  H HD2  . ARG A 1 5 ? 3.963  -4.180 5.287  1.00 0.00 ? 5 ARG A HD2  7  
ATOM   819  H HD3  . ARG A 1 5 ? 3.491  -2.515 5.688  1.00 0.00 ? 5 ARG A HD3  7  
ATOM   820  H HE   . ARG A 1 5 ? 1.008  -3.971 5.479  1.00 0.00 ? 5 ARG A HE   7  
ATOM   821  H HH11 . ARG A 1 5 ? 0.792  -5.330 8.582  1.00 0.00 ? 5 ARG A HH11 7  
ATOM   822  H HH12 . ARG A 1 5 ? -0.026 -4.890 7.015  1.00 0.00 ? 5 ARG A HH12 7  
ATOM   823  H HH21 . ARG A 1 5 ? 2.869  -4.926 8.884  1.00 0.00 ? 5 ARG A HH21 7  
ATOM   824  H HH22 . ARG A 1 5 ? 3.808  -4.129 7.530  1.00 0.00 ? 5 ARG A HH22 7  
ATOM   825  N N    . PHE A 1 6 ? -1.273 -0.745 2.674  1.00 0.00 ? 6 PHE A N    7  
ATOM   826  C CA   . PHE A 1 6 ? -2.433 -0.049 3.306  1.00 0.00 ? 6 PHE A CA   7  
ATOM   827  C C    . PHE A 1 6 ? -3.372 0.520  2.193  1.00 0.00 ? 6 PHE A C    7  
ATOM   828  O O    . PHE A 1 6 ? -4.573 0.243  2.217  1.00 0.00 ? 6 PHE A O    7  
ATOM   829  C CB   . PHE A 1 6 ? -2.028 1.009  4.393  1.00 0.00 ? 6 PHE A CB   7  
ATOM   830  C CG   . PHE A 1 6 ? -0.621 1.650  4.342  1.00 0.00 ? 6 PHE A CG   7  
ATOM   831  C CD1  . PHE A 1 6 ? -0.339 2.702  3.465  1.00 0.00 ? 6 PHE A CD1  7  
ATOM   832  C CD2  . PHE A 1 6 ? 0.411  1.112  5.119  1.00 0.00 ? 6 PHE A CD2  7  
ATOM   833  C CE1  . PHE A 1 6 ? 0.962  3.193  3.353  1.00 0.00 ? 6 PHE A CE1  7  
ATOM   834  C CE2  . PHE A 1 6 ? 1.709  1.604  5.008  1.00 0.00 ? 6 PHE A CE2  7  
ATOM   835  C CZ   . PHE A 1 6 ? 1.984  2.641  4.120  1.00 0.00 ? 6 PHE A CZ   7  
ATOM   836  H H    . PHE A 1 6 ? -0.738 -0.327 1.907  1.00 0.00 ? 6 PHE A H    7  
ATOM   837  H HA   . PHE A 1 6 ? -3.055 -0.808 3.824  1.00 0.00 ? 6 PHE A HA   7  
ATOM   838  H HB2  . PHE A 1 6 ? -2.785 1.816  4.437  1.00 0.00 ? 6 PHE A HB2  7  
ATOM   839  H HB3  . PHE A 1 6 ? -2.149 0.525  5.382  1.00 0.00 ? 6 PHE A HB3  7  
ATOM   840  H HD1  . PHE A 1 6 ? -1.124 3.134  2.864  1.00 0.00 ? 6 PHE A HD1  7  
ATOM   841  H HD2  . PHE A 1 6 ? 0.214  0.293  5.797  1.00 0.00 ? 6 PHE A HD2  7  
ATOM   842  H HE1  . PHE A 1 6 ? 1.174  4.005  2.671  1.00 0.00 ? 6 PHE A HE1  7  
ATOM   843  H HE2  . PHE A 1 6 ? 2.502  1.178  5.607  1.00 0.00 ? 6 PHE A HE2  7  
ATOM   844  H HZ   . PHE A 1 6 ? 2.993  3.021  4.036  1.00 0.00 ? 6 PHE A HZ   7  
ATOM   845  N N    . PHE A 1 7 ? -2.840 1.241  1.184  1.00 0.00 ? 7 PHE A N    7  
ATOM   846  C CA   . PHE A 1 7 ? -3.613 1.659  -0.027 1.00 0.00 ? 7 PHE A CA   7  
ATOM   847  C C    . PHE A 1 7 ? -3.774 0.554  -1.158 1.00 0.00 ? 7 PHE A C    7  
ATOM   848  O O    . PHE A 1 7 ? -3.980 0.890  -2.327 1.00 0.00 ? 7 PHE A O    7  
ATOM   849  C CB   . PHE A 1 7 ? -2.967 2.983  -0.568 1.00 0.00 ? 7 PHE A CB   7  
ATOM   850  C CG   . PHE A 1 7 ? -2.616 4.139  0.410  1.00 0.00 ? 7 PHE A CG   7  
ATOM   851  C CD1  . PHE A 1 7 ? -1.371 4.775  0.305  1.00 0.00 ? 7 PHE A CD1  7  
ATOM   852  C CD2  . PHE A 1 7 ? -3.485 4.513  1.444  1.00 0.00 ? 7 PHE A CD2  7  
ATOM   853  C CE1  . PHE A 1 7 ? -0.995 5.748  1.229  1.00 0.00 ? 7 PHE A CE1  7  
ATOM   854  C CE2  . PHE A 1 7 ? -3.101 5.476  2.376  1.00 0.00 ? 7 PHE A CE2  7  
ATOM   855  C CZ   . PHE A 1 7 ? -1.855 6.090  2.267  1.00 0.00 ? 7 PHE A CZ   7  
ATOM   856  H H    . PHE A 1 7 ? -1.879 1.552  1.348  1.00 0.00 ? 7 PHE A H    7  
ATOM   857  H HA   . PHE A 1 7 ? -4.649 1.912  0.278  1.00 0.00 ? 7 PHE A HA   7  
ATOM   858  H HB2  . PHE A 1 7 ? -2.061 2.701  -1.139 1.00 0.00 ? 7 PHE A HB2  7  
ATOM   859  H HB3  . PHE A 1 7 ? -3.638 3.403  -1.341 1.00 0.00 ? 7 PHE A HB3  7  
ATOM   860  H HD1  . PHE A 1 7 ? -0.684 4.511  -0.486 1.00 0.00 ? 7 PHE A HD1  7  
ATOM   861  H HD2  . PHE A 1 7 ? -4.443 4.030  1.555  1.00 0.00 ? 7 PHE A HD2  7  
ATOM   862  H HE1  . PHE A 1 7 ? -0.032 6.230  1.149  1.00 0.00 ? 7 PHE A HE1  7  
ATOM   863  H HE2  . PHE A 1 7 ? -3.763 5.736  3.188  1.00 0.00 ? 7 PHE A HE2  7  
ATOM   864  H HZ   . PHE A 1 7 ? -1.556 6.831  2.996  1.00 0.00 ? 7 PHE A HZ   7  
ATOM   865  N N    . CYS A 1 8 ? -3.705 -0.750 -0.816 1.00 0.00 ? 8 CYS A N    7  
ATOM   866  C CA   . CYS A 1 8 ? -3.968 -1.893 -1.736 1.00 0.00 ? 8 CYS A CA   7  
ATOM   867  C C    . CYS A 1 8 ? -5.291 -2.633 -1.371 1.00 0.00 ? 8 CYS A C    7  
ATOM   868  O O    . CYS A 1 8 ? -6.016 -2.382 -0.253 1.00 0.00 ? 8 CYS A O    7  
ATOM   869  C CB   . CYS A 1 8 ? -2.765 -2.868 -1.648 1.00 0.00 ? 8 CYS A CB   7  
ATOM   870  S SG   . CYS A 1 8 ? -1.479 -2.502 -2.856 1.00 0.00 ? 8 CYS A SG   7  
ATOM   871  O OXT  . CYS A 1 8 ? -5.634 -3.563 -2.308 1.00 0.00 ? 8 CYS A OXT  7  
ATOM   872  H H    . CYS A 1 8 ? -3.662 -0.887 0.200  1.00 0.00 ? 8 CYS A H    7  
ATOM   873  H HA   . CYS A 1 8 ? -4.074 -1.554 -2.785 1.00 0.00 ? 8 CYS A HA   7  
ATOM   874  H HB2  . CYS A 1 8 ? -2.315 -2.897 -0.638 1.00 0.00 ? 8 CYS A HB2  7  
ATOM   875  H HB3  . CYS A 1 8 ? -3.065 -3.913 -1.852 1.00 0.00 ? 8 CYS A HB3  7  
HETATM 876  C C    . ACE A 1 1 ? 2.157  3.851  -4.063 1.00 0.00 ? 1 ACE A C    8  
HETATM 877  O O    . ACE A 1 1 ? 3.070  4.232  -4.794 1.00 0.00 ? 1 ACE A O    8  
HETATM 878  C CH3  . ACE A 1 1 ? 0.749  3.678  -4.605 1.00 0.00 ? 1 ACE A CH3  8  
HETATM 879  H H1   . ACE A 1 1 ? 0.366  2.654  -4.435 1.00 0.00 ? 1 ACE A H1   8  
HETATM 880  H H2   . ACE A 1 1 ? 0.049  4.398  -4.149 1.00 0.00 ? 1 ACE A H2   8  
HETATM 881  H H3   . ACE A 1 1 ? 0.735  3.854  -5.696 1.00 0.00 ? 1 ACE A H3   8  
ATOM   882  N N    . ARG A 1 2 ? 2.307  3.575  -2.764 1.00 0.00 ? 2 ARG A N    8  
ATOM   883  C CA   . ARG A 1 2 ? 3.620  3.687  -2.061 1.00 0.00 ? 2 ARG A CA   8  
ATOM   884  C C    . ARG A 1 2 ? 4.338  2.301  -1.963 1.00 0.00 ? 2 ARG A C    8  
ATOM   885  O O    . ARG A 1 2 ? 4.829  1.808  -2.980 1.00 0.00 ? 2 ARG A O    8  
ATOM   886  C CB   . ARG A 1 2 ? 3.414  4.525  -0.752 1.00 0.00 ? 2 ARG A CB   8  
ATOM   887  C CG   . ARG A 1 2 ? 3.678  6.045  -0.921 1.00 0.00 ? 2 ARG A CG   8  
ATOM   888  C CD   . ARG A 1 2 ? 5.142  6.506  -0.673 1.00 0.00 ? 2 ARG A CD   8  
ATOM   889  N NE   . ARG A 1 2 ? 6.187  5.804  -1.483 1.00 0.00 ? 2 ARG A NE   8  
ATOM   890  C CZ   . ARG A 1 2 ? 6.447  6.009  -2.776 1.00 0.00 ? 2 ARG A CZ   8  
ATOM   891  N NH1  . ARG A 1 2 ? 7.321  5.238  -3.358 1.00 0.00 ? 2 ARG A NH1  8  
ATOM   892  N NH2  . ARG A 1 2 ? 5.858  6.929  -3.495 1.00 0.00 ? 2 ARG A NH2  8  
ATOM   893  H H    . ARG A 1 2 ? 1.427  3.334  -2.303 1.00 0.00 ? 2 ARG A H    8  
ATOM   894  H HA   . ARG A 1 2 ? 4.317  4.257  -2.701 1.00 0.00 ? 2 ARG A HA   8  
ATOM   895  H HB2  . ARG A 1 2 ? 2.392  4.370  -0.348 1.00 0.00 ? 2 ARG A HB2  8  
ATOM   896  H HB3  . ARG A 1 2 ? 4.065  4.160  0.063  1.00 0.00 ? 2 ARG A HB3  8  
ATOM   897  H HG2  . ARG A 1 2 ? 3.320  6.386  -1.912 1.00 0.00 ? 2 ARG A HG2  8  
ATOM   898  H HG3  . ARG A 1 2 ? 3.034  6.592  -0.205 1.00 0.00 ? 2 ARG A HG3  8  
ATOM   899  H HD2  . ARG A 1 2 ? 5.224  7.606  -0.791 1.00 0.00 ? 2 ARG A HD2  8  
ATOM   900  H HD3  . ARG A 1 2 ? 5.375  6.347  0.398  1.00 0.00 ? 2 ARG A HD3  8  
ATOM   901  H HE   . ARG A 1 2 ? 6.741  5.047  -1.071 1.00 0.00 ? 2 ARG A HE   8  
ATOM   902  H HH11 . ARG A 1 2 ? 7.483  5.391  -4.355 1.00 0.00 ? 2 ARG A HH11 8  
ATOM   903  H HH12 . ARG A 1 2 ? 7.747  4.502  -2.791 1.00 0.00 ? 2 ARG A HH12 8  
ATOM   904  H HH21 . ARG A 1 2 ? 6.093  7.003  -4.488 1.00 0.00 ? 2 ARG A HH21 8  
ATOM   905  H HH22 . ARG A 1 2 ? 5.174  7.482  -2.979 1.00 0.00 ? 2 ARG A HH22 8  
ATOM   906  N N    . ALA A 1 3 ? 4.392  1.649  -0.788 1.00 0.00 ? 3 ALA A N    8  
ATOM   907  C CA   . ALA A 1 3 ? 4.715  0.192  -0.693 1.00 0.00 ? 3 ALA A CA   8  
ATOM   908  C C    . ALA A 1 3 ? 3.547  -0.816 -1.002 1.00 0.00 ? 3 ALA A C    8  
ATOM   909  O O    . ALA A 1 3 ? 3.757  -2.031 -0.988 1.00 0.00 ? 3 ALA A O    8  
ATOM   910  C CB   . ALA A 1 3 ? 5.244  -0.003 0.744  1.00 0.00 ? 3 ALA A CB   8  
ATOM   911  H H    . ALA A 1 3 ? 4.007  2.161  0.010  1.00 0.00 ? 3 ALA A H    8  
ATOM   912  H HA   . ALA A 1 3 ? 5.538  -0.060 -1.392 1.00 0.00 ? 3 ALA A HA   8  
ATOM   913  H HB1  . ALA A 1 3 ? 6.129  0.629  0.953  1.00 0.00 ? 3 ALA A HB1  8  
ATOM   914  H HB2  . ALA A 1 3 ? 4.482  0.227  1.512  1.00 0.00 ? 3 ALA A HB2  8  
ATOM   915  H HB3  . ALA A 1 3 ? 5.563  -1.048 0.916  1.00 0.00 ? 3 ALA A HB3  8  
HETATM 916  N N    . DCY A 1 4 ? 2.314  -0.318 -1.215 1.00 0.00 ? 4 DCY A N    8  
HETATM 917  C CA   . DCY A 1 4 ? 1.057  -1.116 -1.250 1.00 0.00 ? 4 DCY A CA   8  
HETATM 918  C C    . DCY A 1 4 ? 0.752  -2.032 -0.005 1.00 0.00 ? 4 DCY A C    8  
HETATM 919  O O    . DCY A 1 4 ? 0.177  -3.110 -0.151 1.00 0.00 ? 4 DCY A O    8  
HETATM 920  C CB   . DCY A 1 4 ? -0.075 -0.068 -1.484 1.00 0.00 ? 4 DCY A CB   8  
HETATM 921  S SG   . DCY A 1 4 ? -1.089 -0.466 -2.918 1.00 0.00 ? 4 DCY A SG   8  
HETATM 922  H H    . DCY A 1 4 ? 2.324  0.695  -1.364 1.00 0.00 ? 4 DCY A H    8  
HETATM 923  H HA   . DCY A 1 4 ? 1.111  -1.783 -2.131 1.00 0.00 ? 4 DCY A HA   8  
HETATM 924  H HB2  . DCY A 1 4 ? -0.752 0.001  -0.614 1.00 0.00 ? 4 DCY A HB2  8  
HETATM 925  H HB3  . DCY A 1 4 ? 0.275  0.972  -1.637 1.00 0.00 ? 4 DCY A HB3  8  
ATOM   926  N N    . ARG A 1 5 ? 1.101  -1.574 1.213  1.00 0.00 ? 5 ARG A N    8  
ATOM   927  C CA   . ARG A 1 5 ? 0.724  -2.233 2.505  1.00 0.00 ? 5 ARG A CA   8  
ATOM   928  C C    . ARG A 1 5 ? -0.653 -1.829 3.149  1.00 0.00 ? 5 ARG A C    8  
ATOM   929  O O    . ARG A 1 5 ? -1.129 -2.497 4.071  1.00 0.00 ? 5 ARG A O    8  
ATOM   930  C CB   . ARG A 1 5 ? 1.888  -1.944 3.509  1.00 0.00 ? 5 ARG A CB   8  
ATOM   931  C CG   . ARG A 1 5 ? 2.843  -3.139 3.767  1.00 0.00 ? 5 ARG A CG   8  
ATOM   932  C CD   . ARG A 1 5 ? 3.186  -3.365 5.255  1.00 0.00 ? 5 ARG A CD   8  
ATOM   933  N NE   . ARG A 1 5 ? 1.986  -3.887 5.971  1.00 0.00 ? 5 ARG A NE   8  
ATOM   934  C CZ   . ARG A 1 5 ? 1.977  -4.397 7.201  1.00 0.00 ? 5 ARG A CZ   8  
ATOM   935  N NH1  . ARG A 1 5 ? 0.855  -4.865 7.665  1.00 0.00 ? 5 ARG A NH1  8  
ATOM   936  N NH2  . ARG A 1 5 ? 3.037  -4.453 7.970  1.00 0.00 ? 5 ARG A NH2  8  
ATOM   937  H H    . ARG A 1 5 ? 1.666  -0.722 1.165  1.00 0.00 ? 5 ARG A H    8  
ATOM   938  H HA   . ARG A 1 5 ? 0.635  -3.325 2.338  1.00 0.00 ? 5 ARG A HA   8  
ATOM   939  H HB2  . ARG A 1 5 ? 2.487  -1.058 3.219  1.00 0.00 ? 5 ARG A HB2  8  
ATOM   940  H HB3  . ARG A 1 5 ? 1.471  -1.601 4.479  1.00 0.00 ? 5 ARG A HB3  8  
ATOM   941  H HG2  . ARG A 1 5 ? 2.448  -4.084 3.342  1.00 0.00 ? 5 ARG A HG2  8  
ATOM   942  H HG3  . ARG A 1 5 ? 3.776  -2.972 3.196  1.00 0.00 ? 5 ARG A HG3  8  
ATOM   943  H HD2  . ARG A 1 5 ? 4.032  -4.081 5.318  1.00 0.00 ? 5 ARG A HD2  8  
ATOM   944  H HD3  . ARG A 1 5 ? 3.544  -2.419 5.711  1.00 0.00 ? 5 ARG A HD3  8  
ATOM   945  H HE   . ARG A 1 5 ? 1.071  -3.881 5.510  1.00 0.00 ? 5 ARG A HE   8  
ATOM   946  H HH11 . ARG A 1 5 ? 0.868  -5.268 8.604  1.00 0.00 ? 5 ARG A HH11 8  
ATOM   947  H HH12 . ARG A 1 5 ? 0.043  -4.817 7.044  1.00 0.00 ? 5 ARG A HH12 8  
ATOM   948  H HH21 . ARG A 1 5 ? 2.948  -4.863 8.901  1.00 0.00 ? 5 ARG A HH21 8  
ATOM   949  H HH22 . ARG A 1 5 ? 3.878  -4.050 7.549  1.00 0.00 ? 5 ARG A HH22 8  
ATOM   950  N N    . PHE A 1 6 ? -1.223 -0.707 2.705  1.00 0.00 ? 6 PHE A N    8  
ATOM   951  C CA   . PHE A 1 6 ? -2.391 -0.014 3.320  1.00 0.00 ? 6 PHE A CA   8  
ATOM   952  C C    . PHE A 1 6 ? -3.348 0.488  2.191  1.00 0.00 ? 6 PHE A C    8  
ATOM   953  O O    . PHE A 1 6 ? -4.540 0.180  2.221  1.00 0.00 ? 6 PHE A O    8  
ATOM   954  C CB   . PHE A 1 6 ? -1.992 1.103  4.354  1.00 0.00 ? 6 PHE A CB   8  
ATOM   955  C CG   . PHE A 1 6 ? -0.574 1.722  4.302  1.00 0.00 ? 6 PHE A CG   8  
ATOM   956  C CD1  . PHE A 1 6 ? 0.409  1.286  5.199  1.00 0.00 ? 6 PHE A CD1  8  
ATOM   957  C CD2  . PHE A 1 6 ? -0.229 2.641  3.306  1.00 0.00 ? 6 PHE A CD2  8  
ATOM   958  C CE1  . PHE A 1 6 ? 1.719  1.747  5.090  1.00 0.00 ? 6 PHE A CE1  8  
ATOM   959  C CE2  . PHE A 1 6 ? 1.083  3.097  3.192  1.00 0.00 ? 6 PHE A CE2  8  
ATOM   960  C CZ   . PHE A 1 6 ? 2.055  2.648  4.083  1.00 0.00 ? 6 PHE A CZ   8  
ATOM   961  H H    . PHE A 1 6 ? -0.676 -0.287 1.949  1.00 0.00 ? 6 PHE A H    8  
ATOM   962  H HA   . PHE A 1 6 ? -2.993 -0.760 3.880  1.00 0.00 ? 6 PHE A HA   8  
ATOM   963  H HB2  . PHE A 1 6 ? -2.733 1.927  4.329  1.00 0.00 ? 6 PHE A HB2  8  
ATOM   964  H HB3  . PHE A 1 6 ? -2.151 0.682  5.365  1.00 0.00 ? 6 PHE A HB3  8  
ATOM   965  H HD1  . PHE A 1 6 ? 0.164  0.571  5.973  1.00 0.00 ? 6 PHE A HD1  8  
ATOM   966  H HD2  . PHE A 1 6 ? -0.972 2.991  2.611  1.00 0.00 ? 6 PHE A HD2  8  
ATOM   967  H HE1  . PHE A 1 6 ? 2.471  1.407  5.786  1.00 0.00 ? 6 PHE A HE1  8  
ATOM   968  H HE2  . PHE A 1 6 ? 1.344  3.803  2.416  1.00 0.00 ? 6 PHE A HE2  8  
ATOM   969  H HZ   . PHE A 1 6 ? 3.072  3.005  4.000  1.00 0.00 ? 6 PHE A HZ   8  
ATOM   970  N N    . PHE A 1 7 ? -2.835 1.199  1.164  1.00 0.00 ? 7 PHE A N    8  
ATOM   971  C CA   . PHE A 1 7 ? -3.630 1.629  -0.028 1.00 0.00 ? 7 PHE A CA   8  
ATOM   972  C C    . PHE A 1 7 ? -3.801 0.540  -1.169 1.00 0.00 ? 7 PHE A C    8  
ATOM   973  O O    . PHE A 1 7 ? -4.023 0.899  -2.327 1.00 0.00 ? 7 PHE A O    8  
ATOM   974  C CB   . PHE A 1 7 ? -2.993 2.960  -0.564 1.00 0.00 ? 7 PHE A CB   8  
ATOM   975  C CG   . PHE A 1 7 ? -2.613 4.107  0.415  1.00 0.00 ? 7 PHE A CG   8  
ATOM   976  C CD1  . PHE A 1 7 ? -1.385 4.763  0.257  1.00 0.00 ? 7 PHE A CD1  8  
ATOM   977  C CD2  . PHE A 1 7 ? -3.434 4.450  1.498  1.00 0.00 ? 7 PHE A CD2  8  
ATOM   978  C CE1  . PHE A 1 7 ? -0.973 5.722  1.181  1.00 0.00 ? 7 PHE A CE1  8  
ATOM   979  C CE2  . PHE A 1 7 ? -3.014 5.400  2.428  1.00 0.00 ? 7 PHE A CE2  8  
ATOM   980  C CZ   . PHE A 1 7 ? -1.783 6.033  2.269  1.00 0.00 ? 7 PHE A CZ   8  
ATOM   981  H H    . PHE A 1 7 ? -1.877 1.528  1.320  1.00 0.00 ? 7 PHE A H    8  
ATOM   982  H HA   . PHE A 1 7 ? -4.661 1.876  0.299  1.00 0.00 ? 7 PHE A HA   8  
ATOM   983  H HB2  . PHE A 1 7 ? -2.102 2.683  -1.159 1.00 0.00 ? 7 PHE A HB2  8  
ATOM   984  H HB3  . PHE A 1 7 ? -3.681 3.390  -1.316 1.00 0.00 ? 7 PHE A HB3  8  
ATOM   985  H HD1  . PHE A 1 7 ? -0.736 4.524  -0.572 1.00 0.00 ? 7 PHE A HD1  8  
ATOM   986  H HD2  . PHE A 1 7 ? -4.380 3.951  1.649  1.00 0.00 ? 7 PHE A HD2  8  
ATOM   987  H HE1  . PHE A 1 7 ? -0.020 6.217  1.062  1.00 0.00 ? 7 PHE A HE1  8  
ATOM   988  H HE2  . PHE A 1 7 ? -3.637 5.636  3.279  1.00 0.00 ? 7 PHE A HE2  8  
ATOM   989  H HZ   . PHE A 1 7 ? -1.457 6.762  2.998  1.00 0.00 ? 7 PHE A HZ   8  
ATOM   990  N N    . CYS A 1 8 ? -3.723 -0.771 -0.855 1.00 0.00 ? 8 CYS A N    8  
ATOM   991  C CA   . CYS A 1 8 ? -3.976 -1.888 -1.810 1.00 0.00 ? 8 CYS A CA   8  
ATOM   992  C C    . CYS A 1 8 ? -5.302 -2.603 -1.435 1.00 0.00 ? 8 CYS A C    8  
ATOM   993  O O    . CYS A 1 8 ? -6.439 -2.490 -2.166 1.00 0.00 ? 8 CYS A O    8  
ATOM   994  C CB   . CYS A 1 8 ? -2.773 -2.865 -1.802 1.00 0.00 ? 8 CYS A CB   8  
ATOM   995  S SG   . CYS A 1 8 ? -1.474 -2.419 -2.973 1.00 0.00 ? 8 CYS A SG   8  
ATOM   996  O OXT  . CYS A 1 8 ? -5.215 -3.356 -0.296 1.00 0.00 ? 8 CYS A OXT  8  
ATOM   997  H H    . CYS A 1 8 ? -3.613 -0.938 0.150  1.00 0.00 ? 8 CYS A H    8  
ATOM   998  H HA   . CYS A 1 8 ? -4.105 -1.514 -2.845 1.00 0.00 ? 8 CYS A HA   8  
ATOM   999  H HB2  . CYS A 1 8 ? -2.329 -2.967 -0.794 1.00 0.00 ? 8 CYS A HB2  8  
ATOM   1000 H HB3  . CYS A 1 8 ? -3.086 -3.889 -2.080 1.00 0.00 ? 8 CYS A HB3  8  
HETATM 1001 C C    . ACE A 1 1 ? 2.174  3.825  -4.076 1.00 0.00 ? 1 ACE A C    9  
HETATM 1002 O O    . ACE A 1 1 ? 3.099  4.100  -4.837 1.00 0.00 ? 1 ACE A O    9  
HETATM 1003 C CH3  . ACE A 1 1 ? 0.760  3.687  -4.618 1.00 0.00 ? 1 ACE A CH3  9  
HETATM 1004 H H1   . ACE A 1 1 ? 0.477  4.599  -5.170 1.00 0.00 ? 1 ACE A H1   9  
HETATM 1005 H H2   . ACE A 1 1 ? 0.710  2.846  -5.330 1.00 0.00 ? 1 ACE A H2   9  
HETATM 1006 H H3   . ACE A 1 1 ? -0.010 3.514  -3.842 1.00 0.00 ? 1 ACE A H3   9  
ATOM   1007 N N    . ARG A 1 2 ? 2.327  3.632  -2.764 1.00 0.00 ? 2 ARG A N    9  
ATOM   1008 C CA   . ARG A 1 2 ? 3.652  3.717  -2.076 1.00 0.00 ? 2 ARG A CA   9  
ATOM   1009 C C    . ARG A 1 2 ? 4.326  2.303  -1.987 1.00 0.00 ? 2 ARG A C    9  
ATOM   1010 O O    . ARG A 1 2 ? 4.756  1.774  -3.015 1.00 0.00 ? 2 ARG A O    9  
ATOM   1011 C CB   . ARG A 1 2 ? 3.432  4.511  -0.745 1.00 0.00 ? 2 ARG A CB   9  
ATOM   1012 C CG   . ARG A 1 2 ? 3.561  6.055  -0.857 1.00 0.00 ? 2 ARG A CG   9  
ATOM   1013 C CD   . ARG A 1 2 ? 5.008  6.592  -0.896 1.00 0.00 ? 2 ARG A CD   9  
ATOM   1014 N NE   . ARG A 1 2 ? 5.686  6.385  0.417  1.00 0.00 ? 2 ARG A NE   9  
ATOM   1015 C CZ   . ARG A 1 2 ? 6.931  6.751  0.717  1.00 0.00 ? 2 ARG A CZ   9  
ATOM   1016 N NH1  . ARG A 1 2 ? 7.394  6.450  1.897  1.00 0.00 ? 2 ARG A NH1  9  
ATOM   1017 N NH2  . ARG A 1 2 ? 7.715  7.399  -0.108 1.00 0.00 ? 2 ARG A NH2  9  
ATOM   1018 H H    . ARG A 1 2 ? 1.444  3.464  -2.276 1.00 0.00 ? 2 ARG A H    9  
ATOM   1019 H HA   . ARG A 1 2 ? 4.362  4.301  -2.697 1.00 0.00 ? 2 ARG A HA   9  
ATOM   1020 H HB2  . ARG A 1 2 ? 2.446  4.259  -0.300 1.00 0.00 ? 2 ARG A HB2  9  
ATOM   1021 H HB3  . ARG A 1 2 ? 4.147  4.171  0.024  1.00 0.00 ? 2 ARG A HB3  9  
ATOM   1022 H HG2  . ARG A 1 2 ? 3.017  6.399  -1.759 1.00 0.00 ? 2 ARG A HG2  9  
ATOM   1023 H HG3  . ARG A 1 2 ? 3.015  6.536  -0.020 1.00 0.00 ? 2 ARG A HG3  9  
ATOM   1024 H HD2  . ARG A 1 2 ? 5.573  6.104  -1.718 1.00 0.00 ? 2 ARG A HD2  9  
ATOM   1025 H HD3  . ARG A 1 2 ? 4.981  7.673  -1.148 1.00 0.00 ? 2 ARG A HD3  9  
ATOM   1026 H HE   . ARG A 1 2 ? 5.200  5.899  1.176  1.00 0.00 ? 2 ARG A HE   9  
ATOM   1027 H HH11 . ARG A 1 2 ? 8.350  6.740  2.111  1.00 0.00 ? 2 ARG A HH11 9  
ATOM   1028 H HH12 . ARG A 1 2 ? 6.770  5.940  2.525  1.00 0.00 ? 2 ARG A HH12 9  
ATOM   1029 H HH21 . ARG A 1 2 ? 8.654  7.653  0.206  1.00 0.00 ? 2 ARG A HH21 9  
ATOM   1030 H HH22 . ARG A 1 2 ? 7.290  7.608  -1.012 1.00 0.00 ? 2 ARG A HH22 9  
ATOM   1031 N N    . ALA A 1 3 ? 4.399  1.661  -0.806 1.00 0.00 ? 3 ALA A N    9  
ATOM   1032 C CA   . ALA A 1 3 ? 4.723  0.204  -0.694 1.00 0.00 ? 3 ALA A CA   9  
ATOM   1033 C C    . ALA A 1 3 ? 3.558  -0.811 -0.992 1.00 0.00 ? 3 ALA A C    9  
ATOM   1034 O O    . ALA A 1 3 ? 3.776  -2.025 -0.973 1.00 0.00 ? 3 ALA A O    9  
ATOM   1035 C CB   . ALA A 1 3 ? 5.246  0.028  0.746  1.00 0.00 ? 3 ALA A CB   9  
ATOM   1036 H H    . ALA A 1 3 ? 4.041  2.187  -0.006 1.00 0.00 ? 3 ALA A H    9  
ATOM   1037 H HA   . ALA A 1 3 ? 5.549  -0.049 -1.390 1.00 0.00 ? 3 ALA A HA   9  
ATOM   1038 H HB1  . ALA A 1 3 ? 6.117  0.677  0.959  1.00 0.00 ? 3 ALA A HB1  9  
ATOM   1039 H HB2  . ALA A 1 3 ? 4.473  0.247  1.508  1.00 0.00 ? 3 ALA A HB2  9  
ATOM   1040 H HB3  . ALA A 1 3 ? 5.583  -1.010 0.924  1.00 0.00 ? 3 ALA A HB3  9  
HETATM 1041 N N    . DCY A 1 4 ? 2.322  -0.321 -1.200 1.00 0.00 ? 4 DCY A N    9  
HETATM 1042 C CA   . DCY A 1 4 ? 1.076  -1.131 -1.259 1.00 0.00 ? 4 DCY A CA   9  
HETATM 1043 C C    . DCY A 1 4 ? 0.756  -2.045 -0.015 1.00 0.00 ? 4 DCY A C    9  
HETATM 1044 O O    . DCY A 1 4 ? 0.194  -3.129 -0.170 1.00 0.00 ? 4 DCY A O    9  
HETATM 1045 C CB   . DCY A 1 4 ? -0.060 -0.094 -1.524 1.00 0.00 ? 4 DCY A CB   9  
HETATM 1046 S SG   . DCY A 1 4 ? -1.090 -0.555 -2.927 1.00 0.00 ? 4 DCY A SG   9  
HETATM 1047 H H    . DCY A 1 4 ? 2.330  0.687  -1.376 1.00 0.00 ? 4 DCY A H    9  
HETATM 1048 H HA   . DCY A 1 4 ? 1.153  -1.802 -2.138 1.00 0.00 ? 4 DCY A HA   9  
HETATM 1049 H HB2  . DCY A 1 4 ? -0.722 0.017  -0.646 1.00 0.00 ? 4 DCY A HB2  9  
HETATM 1050 H HB3  . DCY A 1 4 ? 0.290  0.934  -1.737 1.00 0.00 ? 4 DCY A HB3  9  
ATOM   1051 N N    . ARG A 1 5 ? 1.079  -1.581 1.207  1.00 0.00 ? 5 ARG A N    9  
ATOM   1052 C CA   . ARG A 1 5 ? 0.699  -2.248 2.494  1.00 0.00 ? 5 ARG A CA   9  
ATOM   1053 C C    . ARG A 1 5 ? -0.680 -1.849 3.137  1.00 0.00 ? 5 ARG A C    9  
ATOM   1054 O O    . ARG A 1 5 ? -1.143 -2.508 4.070  1.00 0.00 ? 5 ARG A O    9  
ATOM   1055 C CB   . ARG A 1 5 ? 1.859  -1.968 3.505  1.00 0.00 ? 5 ARG A CB   9  
ATOM   1056 C CG   . ARG A 1 5 ? 2.813  -3.163 3.763  1.00 0.00 ? 5 ARG A CG   9  
ATOM   1057 C CD   . ARG A 1 5 ? 3.161  -3.386 5.251  1.00 0.00 ? 5 ARG A CD   9  
ATOM   1058 N NE   . ARG A 1 5 ? 1.963  -3.906 5.973  1.00 0.00 ? 5 ARG A NE   9  
ATOM   1059 C CZ   . ARG A 1 5 ? 1.955  -4.406 7.205  1.00 0.00 ? 5 ARG A CZ   9  
ATOM   1060 N NH1  . ARG A 1 5 ? 0.835  -4.874 7.671  1.00 0.00 ? 5 ARG A NH1  9  
ATOM   1061 N NH2  . ARG A 1 5 ? 3.015  -4.451 7.976  1.00 0.00 ? 5 ARG A NH2  9  
ATOM   1062 H H    . ARG A 1 5 ? 1.639  -0.724 1.165  1.00 0.00 ? 5 ARG A H    9  
ATOM   1063 H HA   . ARG A 1 5 ? 0.610  -3.340 2.321  1.00 0.00 ? 5 ARG A HA   9  
ATOM   1064 H HB2  . ARG A 1 5 ? 2.461  -1.080 3.220  1.00 0.00 ? 5 ARG A HB2  9  
ATOM   1065 H HB3  . ARG A 1 5 ? 1.438  -1.629 4.473  1.00 0.00 ? 5 ARG A HB3  9  
ATOM   1066 H HG2  . ARG A 1 5 ? 2.416  -4.109 3.341  1.00 0.00 ? 5 ARG A HG2  9  
ATOM   1067 H HG3  . ARG A 1 5 ? 3.746  -3.000 3.188  1.00 0.00 ? 5 ARG A HG3  9  
ATOM   1068 H HD2  . ARG A 1 5 ? 4.005  -4.101 5.315  1.00 0.00 ? 5 ARG A HD2  9  
ATOM   1069 H HD3  . ARG A 1 5 ? 3.519  -2.438 5.704  1.00 0.00 ? 5 ARG A HD3  9  
ATOM   1070 H HE   . ARG A 1 5 ? 1.047  -3.907 5.509  1.00 0.00 ? 5 ARG A HE   9  
ATOM   1071 H HH11 . ARG A 1 5 ? 0.848  -5.269 8.613  1.00 0.00 ? 5 ARG A HH11 9  
ATOM   1072 H HH12 . ARG A 1 5 ? 0.023  -4.834 7.050  1.00 0.00 ? 5 ARG A HH12 9  
ATOM   1073 H HH21 . ARG A 1 5 ? 2.926  -4.855 8.909  1.00 0.00 ? 5 ARG A HH21 9  
ATOM   1074 H HH22 . ARG A 1 5 ? 3.854  -4.051 7.552  1.00 0.00 ? 5 ARG A HH22 9  
ATOM   1075 N N    . PHE A 1 6 ? -1.266 -0.739 2.683  1.00 0.00 ? 6 PHE A N    9  
ATOM   1076 C CA   . PHE A 1 6 ? -2.431 -0.048 3.308  1.00 0.00 ? 6 PHE A CA   9  
ATOM   1077 C C    . PHE A 1 6 ? -3.374 0.495  2.185  1.00 0.00 ? 6 PHE A C    9  
ATOM   1078 O O    . PHE A 1 6 ? -4.568 0.191  2.197  1.00 0.00 ? 6 PHE A O    9  
ATOM   1079 C CB   . PHE A 1 6 ? -2.034 1.034  4.381  1.00 0.00 ? 6 PHE A CB   9  
ATOM   1080 C CG   . PHE A 1 6 ? -0.625 1.669  4.333  1.00 0.00 ? 6 PHE A CG   9  
ATOM   1081 C CD1  . PHE A 1 6 ? 0.391  1.168  5.152  1.00 0.00 ? 6 PHE A CD1  9  
ATOM   1082 C CD2  . PHE A 1 6 ? -0.323 2.680  3.414  1.00 0.00 ? 6 PHE A CD2  9  
ATOM   1083 C CE1  . PHE A 1 6 ? 1.692  1.653  5.042  1.00 0.00 ? 6 PHE A CE1  9  
ATOM   1084 C CE2  . PHE A 1 6 ? 0.979  3.163  3.302  1.00 0.00 ? 6 PHE A CE2  9  
ATOM   1085 C CZ   . PHE A 1 6 ? 1.985  2.646  4.113  1.00 0.00 ? 6 PHE A CZ   9  
ATOM   1086 H H    . PHE A 1 6 ? -0.735 -0.326 1.912  1.00 0.00 ? 6 PHE A H    9  
ATOM   1087 H HA   . PHE A 1 6 ? -3.045 -0.803 3.838  1.00 0.00 ? 6 PHE A HA   9  
ATOM   1088 H HB2  . PHE A 1 6 ? -2.789 1.843  4.399  1.00 0.00 ? 6 PHE A HB2  9  
ATOM   1089 H HB3  . PHE A 1 6 ? -2.170 0.569  5.376  1.00 0.00 ? 6 PHE A HB3  9  
ATOM   1090 H HD1  . PHE A 1 6 ? 0.178  0.379  5.864  1.00 0.00 ? 6 PHE A HD1  9  
ATOM   1091 H HD2  . PHE A 1 6 ? -1.097 3.084  2.779  1.00 0.00 ? 6 PHE A HD2  9  
ATOM   1092 H HE1  . PHE A 1 6 ? 2.472  1.255  5.677  1.00 0.00 ? 6 PHE A HE1  9  
ATOM   1093 H HE2  . PHE A 1 6 ? 1.206  3.942  2.585  1.00 0.00 ? 6 PHE A HE2  9  
ATOM   1094 H HZ   . PHE A 1 6 ? 2.996  3.020  4.028  1.00 0.00 ? 6 PHE A HZ   9  
ATOM   1095 N N    . PHE A 1 7 ? -2.848 1.226  1.179  1.00 0.00 ? 7 PHE A N    9  
ATOM   1096 C CA   . PHE A 1 7 ? -3.621 1.642  -0.033 1.00 0.00 ? 7 PHE A CA   9  
ATOM   1097 C C    . PHE A 1 7 ? -3.790 0.539  -1.163 1.00 0.00 ? 7 PHE A C    9  
ATOM   1098 O O    . PHE A 1 7 ? -4.039 0.881  -2.321 1.00 0.00 ? 7 PHE A O    9  
ATOM   1099 C CB   . PHE A 1 7 ? -2.970 2.959  -0.582 1.00 0.00 ? 7 PHE A CB   9  
ATOM   1100 C CG   . PHE A 1 7 ? -2.613 4.120  0.388  1.00 0.00 ? 7 PHE A CG   9  
ATOM   1101 C CD1  . PHE A 1 7 ? -3.489 4.514  1.408  1.00 0.00 ? 7 PHE A CD1  9  
ATOM   1102 C CD2  . PHE A 1 7 ? -1.358 4.738  0.290  1.00 0.00 ? 7 PHE A CD2  9  
ATOM   1103 C CE1  . PHE A 1 7 ? -3.103 5.481  2.334  1.00 0.00 ? 7 PHE A CE1  9  
ATOM   1104 C CE2  . PHE A 1 7 ? -0.981 5.714  1.211  1.00 0.00 ? 7 PHE A CE2  9  
ATOM   1105 C CZ   . PHE A 1 7 ? -1.849 6.077  2.237  1.00 0.00 ? 7 PHE A CZ   9  
ATOM   1106 H H    . PHE A 1 7 ? -1.893 1.553  1.350  1.00 0.00 ? 7 PHE A H    9  
ATOM   1107 H HA   . PHE A 1 7 ? -4.654 1.901  0.276  1.00 0.00 ? 7 PHE A HA   9  
ATOM   1108 H HB2  . PHE A 1 7 ? -2.067 2.670  -1.154 1.00 0.00 ? 7 PHE A HB2  9  
ATOM   1109 H HB3  . PHE A 1 7 ? -3.642 3.377  -1.356 1.00 0.00 ? 7 PHE A HB3  9  
ATOM   1110 H HD1  . PHE A 1 7 ? -4.458 4.046  1.510  1.00 0.00 ? 7 PHE A HD1  9  
ATOM   1111 H HD2  . PHE A 1 7 ? -0.666 4.454  -0.487 1.00 0.00 ? 7 PHE A HD2  9  
ATOM   1112 H HE1  . PHE A 1 7 ? -3.771 5.760  3.136  1.00 0.00 ? 7 PHE A HE1  9  
ATOM   1113 H HE2  . PHE A 1 7 ? -0.008 6.181  1.139  1.00 0.00 ? 7 PHE A HE2  9  
ATOM   1114 H HZ   . PHE A 1 7 ? -1.549 6.821  2.963  1.00 0.00 ? 7 PHE A HZ   9  
ATOM   1115 N N    . CYS A 1 8 ? -3.682 -0.768 -0.837 1.00 0.00 ? 8 CYS A N    9  
ATOM   1116 C CA   . CYS A 1 8 ? -3.961 -1.900 -1.765 1.00 0.00 ? 8 CYS A CA   9  
ATOM   1117 C C    . CYS A 1 8 ? -5.296 -2.592 -1.374 1.00 0.00 ? 8 CYS A C    9  
ATOM   1118 O O    . CYS A 1 8 ? -6.380 -2.628 -2.186 1.00 0.00 ? 8 CYS A O    9  
ATOM   1119 C CB   . CYS A 1 8 ? -2.781 -2.905 -1.726 1.00 0.00 ? 8 CYS A CB   9  
ATOM   1120 S SG   . CYS A 1 8 ? -1.471 -2.510 -2.899 1.00 0.00 ? 8 CYS A SG   9  
ATOM   1121 O OXT  . CYS A 1 8 ? -5.271 -3.164 -0.129 1.00 0.00 ? 8 CYS A OXT  9  
ATOM   1122 H H    . CYS A 1 8 ? -3.569 -0.919 0.172  1.00 0.00 ? 8 CYS A H    9  
ATOM   1123 H HA   . CYS A 1 8 ? -4.082 -1.549 -2.808 1.00 0.00 ? 8 CYS A HA   9  
ATOM   1124 H HB2  . CYS A 1 8 ? -2.345 -2.993 -0.713 1.00 0.00 ? 8 CYS A HB2  9  
ATOM   1125 H HB3  . CYS A 1 8 ? -3.115 -3.927 -1.983 1.00 0.00 ? 8 CYS A HB3  9  
HETATM 1126 C C    . ACE A 1 1 ? 2.194  3.801  -4.072 1.00 0.00 ? 1 ACE A C    10 
HETATM 1127 O O    . ACE A 1 1 ? 3.110  4.093  -4.840 1.00 0.00 ? 1 ACE A O    10 
HETATM 1128 C CH3  . ACE A 1 1 ? 0.772  3.659  -4.582 1.00 0.00 ? 1 ACE A CH3  10 
HETATM 1129 H H1   . ACE A 1 1 ? 0.425  2.611  -4.520 1.00 0.00 ? 1 ACE A H1   10 
HETATM 1130 H H2   . ACE A 1 1 ? 0.065  4.297  -4.023 1.00 0.00 ? 1 ACE A H2   10 
HETATM 1131 H H3   . ACE A 1 1 ? 0.713  3.959  -5.645 1.00 0.00 ? 1 ACE A H3   10 
ATOM   1132 N N    . ARG A 1 2 ? 2.355  3.592  -2.764 1.00 0.00 ? 2 ARG A N    10 
ATOM   1133 C CA   . ARG A 1 2 ? 3.681  3.696  -2.081 1.00 0.00 ? 2 ARG A CA   10 
ATOM   1134 C C    . ARG A 1 2 ? 4.334  2.283  -1.920 1.00 0.00 ? 2 ARG A C    10 
ATOM   1135 O O    . ARG A 1 2 ? 4.789  1.715  -2.917 1.00 0.00 ? 2 ARG A O    10 
ATOM   1136 C CB   . ARG A 1 2 ? 3.476  4.564  -0.796 1.00 0.00 ? 2 ARG A CB   10 
ATOM   1137 C CG   . ARG A 1 2 ? 3.488  6.098  -1.044 1.00 0.00 ? 2 ARG A CG   10 
ATOM   1138 C CD   . ARG A 1 2 ? 4.741  6.817  -0.492 1.00 0.00 ? 2 ARG A CD   10 
ATOM   1139 N NE   . ARG A 1 2 ? 4.627  7.112  0.969  1.00 0.00 ? 2 ARG A NE   10 
ATOM   1140 C CZ   . ARG A 1 2 ? 4.027  8.182  1.498  1.00 0.00 ? 2 ARG A CZ   10 
ATOM   1141 N NH1  . ARG A 1 2 ? 4.014  8.310  2.794  1.00 0.00 ? 2 ARG A NH1  10 
ATOM   1142 N NH2  . ARG A 1 2 ? 3.443  9.112  0.783  1.00 0.00 ? 2 ARG A NH2  10 
ATOM   1143 H H    . ARG A 1 2 ? 1.472  3.430  -2.275 1.00 0.00 ? 2 ARG A H    10 
ATOM   1144 H HA   . ARG A 1 2 ? 4.406  4.237  -2.725 1.00 0.00 ? 2 ARG A HA   10 
ATOM   1145 H HB2  . ARG A 1 2 ? 2.536  4.279  -0.282 1.00 0.00 ? 2 ARG A HB2  10 
ATOM   1146 H HB3  . ARG A 1 2 ? 4.256  4.315  -0.052 1.00 0.00 ? 2 ARG A HB3  10 
ATOM   1147 H HG2  . ARG A 1 2 ? 3.406  6.306  -2.129 1.00 0.00 ? 2 ARG A HG2  10 
ATOM   1148 H HG3  . ARG A 1 2 ? 2.564  6.549  -0.629 1.00 0.00 ? 2 ARG A HG3  10 
ATOM   1149 H HD2  . ARG A 1 2 ? 5.642  6.196  -0.675 1.00 0.00 ? 2 ARG A HD2  10 
ATOM   1150 H HD3  . ARG A 1 2 ? 4.952  7.736  -1.074 1.00 0.00 ? 2 ARG A HD3  10 
ATOM   1151 H HE   . ARG A 1 2 ? 5.029  6.478  1.665  1.00 0.00 ? 2 ARG A HE   10 
ATOM   1152 H HH11 . ARG A 1 2 ? 3.549  9.138  3.172  1.00 0.00 ? 2 ARG A HH11 10 
ATOM   1153 H HH12 . ARG A 1 2 ? 4.474  7.581  3.341  1.00 0.00 ? 2 ARG A HH12 10 
ATOM   1154 H HH21 . ARG A 1 2 ? 3.005  9.903  1.257  1.00 0.00 ? 2 ARG A HH21 10 
ATOM   1155 H HH22 . ARG A 1 2 ? 3.483  8.940  -0.224 1.00 0.00 ? 2 ARG A HH22 10 
ATOM   1156 N N    . ALA A 1 3 ? 4.356  1.678  -0.718 1.00 0.00 ? 3 ALA A N    10 
ATOM   1157 C CA   . ALA A 1 3 ? 4.674  0.228  -0.555 1.00 0.00 ? 3 ALA A CA   10 
ATOM   1158 C C    . ALA A 1 3 ? 3.540  -0.802 -0.919 1.00 0.00 ? 3 ALA A C    10 
ATOM   1159 O O    . ALA A 1 3 ? 3.754  -2.013 -0.812 1.00 0.00 ? 3 ALA A O    10 
ATOM   1160 C CB   . ALA A 1 3 ? 5.098  0.080  0.922  1.00 0.00 ? 3 ALA A CB   10 
ATOM   1161 H H    . ALA A 1 3 ? 3.982  2.237  0.054  1.00 0.00 ? 3 ALA A H    10 
ATOM   1162 H HA   . ALA A 1 3 ? 5.548  -0.036 -1.185 1.00 0.00 ? 3 ALA A HA   10 
ATOM   1163 H HB1  . ALA A 1 3 ? 4.274  0.309  1.624  1.00 0.00 ? 3 ALA A HB1  10 
ATOM   1164 H HB2  . ALA A 1 3 ? 5.426  -0.955 1.141  1.00 0.00 ? 3 ALA A HB2  10 
ATOM   1165 H HB3  . ALA A 1 3 ? 5.949  0.736  1.181  1.00 0.00 ? 3 ALA A HB3  10 
HETATM 1166 N N    . DCY A 1 4 ? 2.334  -0.329 -1.281 1.00 0.00 ? 4 DCY A N    10 
HETATM 1167 C CA   . DCY A 1 4 ? 1.095  -1.147 -1.408 1.00 0.00 ? 4 DCY A CA   10 
HETATM 1168 C C    . DCY A 1 4 ? 0.704  -2.030 -0.166 1.00 0.00 ? 4 DCY A C    10 
HETATM 1169 O O    . DCY A 1 4 ? 0.211  -3.147 -0.330 1.00 0.00 ? 4 DCY A O    10 
HETATM 1170 C CB   . DCY A 1 4 ? -0.028 -0.130 -1.775 1.00 0.00 ? 4 DCY A CB   10 
HETATM 1171 S SG   . DCY A 1 4 ? -1.099 -0.735 -3.092 1.00 0.00 ? 4 DCY A SG   10 
HETATM 1172 H H    . DCY A 1 4 ? 2.355  0.672  -1.498 1.00 0.00 ? 4 DCY A H    10 
HETATM 1173 H HA   . DCY A 1 4 ? 1.235  -1.835 -2.264 1.00 0.00 ? 4 DCY A HA   10 
HETATM 1174 H HB2  . DCY A 1 4 ? -0.661 0.112  -0.900 1.00 0.00 ? 4 DCY A HB2  10 
HETATM 1175 H HB3  . DCY A 1 4 ? 0.343  0.851  -2.128 1.00 0.00 ? 4 DCY A HB3  10 
ATOM   1176 N N    . ARG A 1 5 ? 0.920  -1.517 1.060  1.00 0.00 ? 5 ARG A N    10 
ATOM   1177 C CA   . ARG A 1 5 ? 0.572  -2.212 2.333  1.00 0.00 ? 5 ARG A CA   10 
ATOM   1178 C C    . ARG A 1 5 ? -0.778 -1.705 2.938  1.00 0.00 ? 5 ARG A C    10 
ATOM   1179 O O    . ARG A 1 5 ? -1.650 -2.516 3.260  1.00 0.00 ? 5 ARG A O    10 
ATOM   1180 C CB   . ARG A 1 5 ? 1.778  -2.098 3.329  1.00 0.00 ? 5 ARG A CB   10 
ATOM   1181 C CG   . ARG A 1 5 ? 2.249  -3.459 3.898  1.00 0.00 ? 5 ARG A CG   10 
ATOM   1182 C CD   . ARG A 1 5 ? 3.201  -3.366 5.106  1.00 0.00 ? 5 ARG A CD   10 
ATOM   1183 N NE   . ARG A 1 5 ? 4.595  -3.014 4.711  1.00 0.00 ? 5 ARG A NE   10 
ATOM   1184 C CZ   . ARG A 1 5 ? 5.605  -2.815 5.564  1.00 0.00 ? 5 ARG A CZ   10 
ATOM   1185 N NH1  . ARG A 1 5 ? 6.800  -2.625 5.081  1.00 0.00 ? 5 ARG A NH1  10 
ATOM   1186 N NH2  . ARG A 1 5 ? 5.462  -2.807 6.867  1.00 0.00 ? 5 ARG A NH2  10 
ATOM   1187 H H    . ARG A 1 5 ? 1.444  -0.638 1.024  1.00 0.00 ? 5 ARG A H    10 
ATOM   1188 H HA   . ARG A 1 5 ? 0.405  -3.288 2.115  1.00 0.00 ? 5 ARG A HA   10 
ATOM   1189 H HB2  . ARG A 1 5 ? 2.652  -1.599 2.866  1.00 0.00 ? 5 ARG A HB2  10 
ATOM   1190 H HB3  . ARG A 1 5 ? 1.513  -1.425 4.169  1.00 0.00 ? 5 ARG A HB3  10 
ATOM   1191 H HG2  . ARG A 1 5 ? 1.357  -4.033 4.221  1.00 0.00 ? 5 ARG A HG2  10 
ATOM   1192 H HG3  . ARG A 1 5 ? 2.694  -4.076 3.091  1.00 0.00 ? 5 ARG A HG3  10 
ATOM   1193 H HD2  . ARG A 1 5 ? 2.791  -2.644 5.844  1.00 0.00 ? 5 ARG A HD2  10 
ATOM   1194 H HD3  . ARG A 1 5 ? 3.205  -4.349 5.622  1.00 0.00 ? 5 ARG A HD3  10 
ATOM   1195 H HE   . ARG A 1 5 ? 4.866  -2.994 3.725  1.00 0.00 ? 5 ARG A HE   10 
ATOM   1196 H HH11 . ARG A 1 5 ? 7.557  -2.494 5.755  1.00 0.00 ? 5 ARG A HH11 10 
ATOM   1197 H HH12 . ARG A 1 5 ? 6.904  -2.663 4.064  1.00 0.00 ? 5 ARG A HH12 10 
ATOM   1198 H HH21 . ARG A 1 5 ? 6.286  -2.652 7.453  1.00 0.00 ? 5 ARG A HH21 10 
ATOM   1199 H HH22 . ARG A 1 5 ? 4.504  -2.968 7.183  1.00 0.00 ? 5 ARG A HH22 10 
ATOM   1200 N N    . PHE A 1 6 ? -0.947 -0.380 3.087  1.00 0.00 ? 6 PHE A N    10 
ATOM   1201 C CA   . PHE A 1 6 ? -2.205 0.248  3.611  1.00 0.00 ? 6 PHE A CA   10 
ATOM   1202 C C    . PHE A 1 6 ? -3.158 0.853  2.513  1.00 0.00 ? 6 PHE A C    10 
ATOM   1203 O O    . PHE A 1 6 ? -4.218 1.379  2.858  1.00 0.00 ? 6 PHE A O    10 
ATOM   1204 C CB   . PHE A 1 6 ? -1.813 1.308  4.692  1.00 0.00 ? 6 PHE A CB   10 
ATOM   1205 C CG   . PHE A 1 6 ? -0.896 0.809  5.834  1.00 0.00 ? 6 PHE A CG   10 
ATOM   1206 C CD1  . PHE A 1 6 ? 0.466  1.127  5.822  1.00 0.00 ? 6 PHE A CD1  10 
ATOM   1207 C CD2  . PHE A 1 6 ? -1.380 -0.096 6.786  1.00 0.00 ? 6 PHE A CD2  10 
ATOM   1208 C CE1  . PHE A 1 6 ? 1.336  0.534  6.733  1.00 0.00 ? 6 PHE A CE1  10 
ATOM   1209 C CE2  . PHE A 1 6 ? -0.508 -0.689 7.698  1.00 0.00 ? 6 PHE A CE2  10 
ATOM   1210 C CZ   . PHE A 1 6 ? 0.849  -0.379 7.667  1.00 0.00 ? 6 PHE A CZ   10 
ATOM   1211 H H    . PHE A 1 6 ? -0.124 0.179  2.849  1.00 0.00 ? 6 PHE A H    10 
ATOM   1212 H HA   . PHE A 1 6 ? -2.820 -0.518 4.127  1.00 0.00 ? 6 PHE A HA   10 
ATOM   1213 H HB2  . PHE A 1 6 ? -1.360 2.188  4.195  1.00 0.00 ? 6 PHE A HB2  10 
ATOM   1214 H HB3  . PHE A 1 6 ? -2.738 1.716  5.145  1.00 0.00 ? 6 PHE A HB3  10 
ATOM   1215 H HD1  . PHE A 1 6 ? 0.862  1.808  5.081  1.00 0.00 ? 6 PHE A HD1  10 
ATOM   1216 H HD2  . PHE A 1 6 ? -2.425 -0.372 6.795  1.00 0.00 ? 6 PHE A HD2  10 
ATOM   1217 H HE1  . PHE A 1 6 ? 2.390  0.769  6.706  1.00 0.00 ? 6 PHE A HE1  10 
ATOM   1218 H HE2  . PHE A 1 6 ? -0.884 -1.403 8.417  1.00 0.00 ? 6 PHE A HE2  10 
ATOM   1219 H HZ   . PHE A 1 6 ? 1.525  -0.849 8.367  1.00 0.00 ? 6 PHE A HZ   10 
ATOM   1220 N N    . PHE A 1 7 ? -2.800 0.788  1.212  1.00 0.00 ? 7 PHE A N    10 
ATOM   1221 C CA   . PHE A 1 7 ? -3.586 1.396  0.089  1.00 0.00 ? 7 PHE A CA   10 
ATOM   1222 C C    . PHE A 1 7 ? -3.744 0.405  -1.132 1.00 0.00 ? 7 PHE A C    10 
ATOM   1223 O O    . PHE A 1 7 ? -3.628 0.812  -2.293 1.00 0.00 ? 7 PHE A O    10 
ATOM   1224 C CB   . PHE A 1 7 ? -2.915 2.754  -0.321 1.00 0.00 ? 7 PHE A CB   10 
ATOM   1225 C CG   . PHE A 1 7 ? -2.642 3.792  0.790  1.00 0.00 ? 7 PHE A CG   10 
ATOM   1226 C CD1  . PHE A 1 7 ? -1.348 3.937  1.306  1.00 0.00 ? 7 PHE A CD1  10 
ATOM   1227 C CD2  . PHE A 1 7 ? -3.692 4.519  1.361  1.00 0.00 ? 7 PHE A CD2  10 
ATOM   1228 C CE1  . PHE A 1 7 ? -1.111 4.782  2.387  1.00 0.00 ? 7 PHE A CE1  10 
ATOM   1229 C CE2  . PHE A 1 7 ? -3.452 5.364  2.443  1.00 0.00 ? 7 PHE A CE2  10 
ATOM   1230 C CZ   . PHE A 1 7 ? -2.163 5.492  2.958  1.00 0.00 ? 7 PHE A CZ   10 
ATOM   1231 H H    . PHE A 1 7 ? -1.923 0.280  1.068  1.00 0.00 ? 7 PHE A H    10 
ATOM   1232 H HA   . PHE A 1 7 ? -4.618 1.622  0.422  1.00 0.00 ? 7 PHE A HA   10 
ATOM   1233 H HB2  . PHE A 1 7 ? -1.973 2.536  -0.861 1.00 0.00 ? 7 PHE A HB2  10 
ATOM   1234 H HB3  . PHE A 1 7 ? -3.543 3.236  -1.095 1.00 0.00 ? 7 PHE A HB3  10 
ATOM   1235 H HD1  . PHE A 1 7 ? -0.529 3.366  0.893  1.00 0.00 ? 7 PHE A HD1  10 
ATOM   1236 H HD2  . PHE A 1 7 ? -4.701 4.404  0.991  1.00 0.00 ? 7 PHE A HD2  10 
ATOM   1237 H HE1  . PHE A 1 7 ? -0.115 4.873  2.796  1.00 0.00 ? 7 PHE A HE1  10 
ATOM   1238 H HE2  . PHE A 1 7 ? -4.270 5.909  2.895  1.00 0.00 ? 7 PHE A HE2  10 
ATOM   1239 H HZ   . PHE A 1 7 ? -1.984 6.137  3.807  1.00 0.00 ? 7 PHE A HZ   10 
ATOM   1240 N N    . CYS A 1 8 ? -4.010 -0.893 -0.877 1.00 0.00 ? 8 CYS A N    10 
ATOM   1241 C CA   . CYS A 1 8 ? -4.027 -1.971 -1.907 1.00 0.00 ? 8 CYS A CA   10 
ATOM   1242 C C    . CYS A 1 8 ? -5.362 -2.766 -1.893 1.00 0.00 ? 8 CYS A C    10 
ATOM   1243 O O    . CYS A 1 8 ? -6.220 -2.787 -0.844 1.00 0.00 ? 8 CYS A O    10 
ATOM   1244 C CB   . CYS A 1 8 ? -2.819 -2.915 -1.651 1.00 0.00 ? 8 CYS A CB   10 
ATOM   1245 S SG   . CYS A 1 8 ? -1.501 -2.673 -2.859 1.00 0.00 ? 8 CYS A SG   10 
ATOM   1246 O OXT  . CYS A 1 8 ? -5.567 -3.442 -3.061 1.00 0.00 ? 8 CYS A OXT  10 
ATOM   1247 H H    . CYS A 1 8 ? -4.098 -1.106 0.121  1.00 0.00 ? 8 CYS A H    10 
ATOM   1248 H HA   . CYS A 1 8 ? -3.933 -1.548 -2.927 1.00 0.00 ? 8 CYS A HA   10 
ATOM   1249 H HB2  . CYS A 1 8 ? -2.384 -2.806 -0.638 1.00 0.00 ? 8 CYS A HB2  10 
ATOM   1250 H HB3  . CYS A 1 8 ? -3.097 -3.984 -1.718 1.00 0.00 ? 8 CYS A HB3  10 
# 
